data_3FTN
#
_entry.id   3FTN
#
_cell.length_a   79.376
_cell.length_b   83.003
_cell.length_c   119.691
_cell.angle_alpha   90.00
_cell.angle_beta   99.93
_cell.angle_gamma   90.00
#
_symmetry.space_group_name_H-M   'P 1 21 1'
#
loop_
_entity.id
_entity.type
_entity.pdbx_description
1 polymer 'NADP-dependent alcohol dehydrogenase'
2 non-polymer 'ZINC ION'
3 non-polymer 'ACETATE ION'
4 non-polymer 1,2-ETHANEDIOL
5 non-polymer 'CHLORIDE ION'
6 water water
#
_entity_poly.entity_id   1
_entity_poly.type   'polypeptide(L)'
_entity_poly.pdbx_seq_one_letter_code
;MKGFAMLSIGKVGWIEKEKPAPGPFDAIVRPLAVAPCTSDIHTVFEGAIGERHNMILGHEAVGEVVEVGSEVKDFKPGDR
VVVPAITPDWRTSEVQRGYHQHSGGMLAGWKFSNVKDGVFGEFFHVNDADMNLAHLPKEIPLEAAVMIPDMMTTGFHGAE
LADIEMGSSVVVIGIGAVGLMGIAGAKLRGAGRIIGVGSRPICVEAAKFYGATDILNYKNGHIVDQVMKLTNGKGVDRVI
MAGGGSETLSQAVKMVKPGGIISNINYHGSGDALLIPRVEWGCGMAHKTIKGGLCPGGRLRMERLIDLVFYKRVDPSKLV
THVFRGFDNIEKAFMLMKDKPKDLIKPVVILA
;
_entity_poly.pdbx_strand_id   A,B,C,D
#
loop_
_chem_comp.id
_chem_comp.type
_chem_comp.name
_chem_comp.formula
ACT non-polymer 'ACETATE ION' 'C2 H3 O2 -1'
CL non-polymer 'CHLORIDE ION' 'Cl -1'
EDO non-polymer 1,2-ETHANEDIOL 'C2 H6 O2'
ZN non-polymer 'ZINC ION' 'Zn 2'
#
# COMPACT_ATOMS: atom_id res chain seq x y z
N MET A 1 7.36 -1.92 -48.00
CA MET A 1 5.96 -2.04 -47.59
C MET A 1 5.39 -0.66 -47.38
N LYS A 2 4.07 -0.56 -47.35
CA LYS A 2 3.39 0.71 -47.19
C LYS A 2 3.16 1.05 -45.71
N GLY A 3 3.35 2.32 -45.37
CA GLY A 3 3.05 2.80 -44.03
C GLY A 3 2.50 4.20 -44.03
N PHE A 4 1.61 4.51 -43.08
CA PHE A 4 1.15 5.88 -42.88
C PHE A 4 1.95 6.48 -41.74
N ALA A 5 2.58 7.63 -41.98
CA ALA A 5 3.62 8.11 -41.08
C ALA A 5 3.69 9.63 -40.91
N MET A 6 4.28 10.04 -39.79
CA MET A 6 4.65 11.42 -39.59
C MET A 6 5.94 11.73 -40.35
N LEU A 7 5.83 12.58 -41.37
CA LEU A 7 6.98 12.99 -42.14
C LEU A 7 7.85 13.91 -41.28
N SER A 8 7.24 14.98 -40.78
CA SER A 8 7.90 15.84 -39.80
C SER A 8 6.79 16.55 -39.04
N ILE A 9 7.16 17.27 -37.98
CA ILE A 9 6.16 18.01 -37.20
C ILE A 9 5.13 18.67 -38.10
N GLY A 10 3.86 18.37 -37.87
CA GLY A 10 2.77 18.95 -38.63
C GLY A 10 2.53 18.32 -40.00
N LYS A 11 3.25 17.24 -40.30
CA LYS A 11 3.12 16.59 -41.60
C LYS A 11 2.96 15.08 -41.50
N VAL A 12 1.95 14.55 -42.19
CA VAL A 12 1.71 13.11 -42.29
C VAL A 12 1.54 12.71 -43.74
N GLY A 13 1.84 11.46 -44.05
CA GLY A 13 1.66 10.92 -45.40
C GLY A 13 2.02 9.45 -45.46
N TRP A 14 1.61 8.79 -46.55
CA TRP A 14 2.04 7.42 -46.83
C TRP A 14 3.50 7.40 -47.28
N ILE A 15 4.23 6.38 -46.88
CA ILE A 15 5.63 6.24 -47.27
C ILE A 15 5.93 4.76 -47.41
N GLU A 16 6.99 4.44 -48.14
CA GLU A 16 7.38 3.05 -48.30
C GLU A 16 8.60 2.77 -47.42
N LYS A 17 8.58 1.65 -46.72
CA LYS A 17 9.67 1.28 -45.82
C LYS A 17 9.98 -0.20 -45.94
N GLU A 18 11.23 -0.54 -45.66
CA GLU A 18 11.66 -1.92 -45.54
C GLU A 18 10.75 -2.64 -44.54
N LYS A 19 10.35 -3.87 -44.88
CA LYS A 19 9.60 -4.71 -43.97
C LYS A 19 10.56 -5.22 -42.88
N PRO A 20 10.19 -5.06 -41.60
CA PRO A 20 11.17 -5.38 -40.56
C PRO A 20 11.33 -6.88 -40.42
N ALA A 21 12.47 -7.29 -39.87
CA ALA A 21 12.74 -8.70 -39.59
C ALA A 21 12.88 -8.89 -38.09
N PRO A 22 12.52 -10.09 -37.60
CA PRO A 22 12.52 -10.37 -36.17
C PRO A 22 13.89 -10.79 -35.67
N GLY A 23 14.24 -10.36 -34.46
CA GLY A 23 15.33 -10.98 -33.72
C GLY A 23 14.79 -12.28 -33.16
N PRO A 24 15.65 -13.06 -32.50
CA PRO A 24 15.30 -14.40 -32.01
C PRO A 24 14.15 -14.39 -31.00
N PHE A 25 13.87 -13.26 -30.37
CA PHE A 25 12.77 -13.19 -29.39
C PHE A 25 11.55 -12.42 -29.90
N ASP A 26 11.63 -11.97 -31.15
CA ASP A 26 10.65 -11.03 -31.67
C ASP A 26 9.66 -11.72 -32.59
N ALA A 27 8.55 -11.03 -32.87
CA ALA A 27 7.59 -11.46 -33.87
C ALA A 27 7.35 -10.34 -34.88
N ILE A 28 7.05 -10.73 -36.11
CA ILE A 28 6.54 -9.78 -37.08
C ILE A 28 5.03 -10.03 -37.22
N VAL A 29 4.27 -8.95 -37.15
CA VAL A 29 2.81 -9.04 -37.10
C VAL A 29 2.20 -8.21 -38.22
N ARG A 30 1.11 -8.69 -38.82
CA ARG A 30 0.34 -7.84 -39.73
C ARG A 30 -0.98 -7.49 -39.07
N PRO A 31 -1.38 -6.22 -39.16
CA PRO A 31 -2.57 -5.71 -38.46
C PRO A 31 -3.85 -6.27 -39.06
N LEU A 32 -4.81 -6.64 -38.22
CA LEU A 32 -6.13 -7.05 -38.71
C LEU A 32 -7.13 -5.94 -38.43
N ALA A 33 -6.88 -5.17 -37.38
CA ALA A 33 -7.72 -4.04 -37.05
C ALA A 33 -6.85 -3.03 -36.31
N VAL A 34 -6.99 -1.75 -36.65
CA VAL A 34 -6.25 -0.70 -35.94
C VAL A 34 -7.11 0.50 -35.64
N ALA A 35 -6.65 1.30 -34.69
CA ALA A 35 -7.31 2.55 -34.33
C ALA A 35 -6.28 3.69 -34.18
N PRO A 36 -6.69 4.94 -34.44
CA PRO A 36 -5.77 6.04 -34.16
C PRO A 36 -6.00 6.57 -32.76
N CYS A 37 -5.02 7.30 -32.25
CA CYS A 37 -5.04 7.82 -30.90
C CYS A 37 -4.82 9.33 -30.95
N THR A 38 -5.52 10.05 -30.08
CA THR A 38 -5.29 11.49 -29.88
C THR A 38 -3.83 11.79 -29.60
N SER A 39 -3.13 10.88 -28.94
CA SER A 39 -1.70 11.09 -28.65
C SER A 39 -0.92 11.32 -29.94
N ASP A 40 -1.22 10.57 -31.00
CA ASP A 40 -0.50 10.82 -32.25
C ASP A 40 -0.82 12.21 -32.80
N ILE A 41 -1.99 12.74 -32.47
CA ILE A 41 -2.32 14.09 -32.92
C ILE A 41 -1.40 15.12 -32.24
N HIS A 42 -1.21 14.97 -30.93
CA HIS A 42 -0.33 15.83 -30.16
C HIS A 42 1.11 15.75 -30.68
N THR A 43 1.60 14.54 -30.95
CA THR A 43 2.99 14.42 -31.35
C THR A 43 3.22 15.03 -32.73
N VAL A 44 2.31 14.78 -33.66
CA VAL A 44 2.46 15.29 -35.01
C VAL A 44 2.34 16.82 -35.11
N PHE A 45 1.22 17.35 -34.64
CA PHE A 45 0.89 18.77 -34.86
C PHE A 45 1.31 19.72 -33.74
N GLU A 46 1.51 19.19 -32.54
CA GLU A 46 2.03 20.00 -31.45
C GLU A 46 3.50 19.69 -31.12
N GLY A 47 4.11 18.75 -31.85
CA GLY A 47 5.48 18.38 -31.61
C GLY A 47 5.71 18.10 -30.13
N ALA A 48 4.72 17.50 -29.51
CA ALA A 48 4.67 17.32 -28.05
C ALA A 48 5.85 16.55 -27.46
N ILE A 49 6.39 15.61 -28.23
CA ILE A 49 7.55 14.83 -27.80
C ILE A 49 8.74 14.96 -28.76
N GLY A 50 8.79 16.06 -29.49
CA GLY A 50 9.92 16.37 -30.33
C GLY A 50 9.79 15.99 -31.79
N GLU A 51 10.83 16.29 -32.56
CA GLU A 51 10.86 16.04 -33.99
C GLU A 51 10.87 14.55 -34.32
N ARG A 52 10.42 14.20 -35.53
CA ARG A 52 10.47 12.82 -36.02
C ARG A 52 10.50 12.86 -37.54
N HIS A 53 11.18 11.90 -38.15
CA HIS A 53 11.17 11.84 -39.61
C HIS A 53 10.75 10.48 -40.14
N ASN A 54 9.73 10.48 -40.98
CA ASN A 54 9.17 9.24 -41.51
C ASN A 54 8.93 8.20 -40.43
N MET A 55 8.22 8.60 -39.38
CA MET A 55 7.84 7.65 -38.35
C MET A 55 6.43 7.12 -38.58
N ILE A 56 6.31 5.84 -38.92
CA ILE A 56 4.99 5.26 -39.07
C ILE A 56 4.21 5.41 -37.76
N LEU A 57 3.00 5.94 -37.87
CA LEU A 57 2.17 6.22 -36.72
C LEU A 57 1.35 5.00 -36.26
N GLY A 58 0.59 5.18 -35.18
CA GLY A 58 -0.31 4.15 -34.67
C GLY A 58 0.31 3.19 -33.67
N HIS A 59 -0.42 2.92 -32.59
CA HIS A 59 0.04 1.96 -31.58
C HIS A 59 -1.13 1.16 -30.99
N GLU A 60 -2.21 1.06 -31.73
CA GLU A 60 -3.34 0.23 -31.32
C GLU A 60 -3.73 -0.77 -32.42
N ALA A 61 -3.43 -2.04 -32.20
CA ALA A 61 -3.66 -3.05 -33.22
C ALA A 61 -3.98 -4.41 -32.64
N VAL A 62 -4.84 -5.12 -33.36
CA VAL A 62 -5.00 -6.55 -33.22
C VAL A 62 -4.45 -7.11 -34.52
N GLY A 63 -3.71 -8.21 -34.44
CA GLY A 63 -3.02 -8.68 -35.62
C GLY A 63 -2.87 -10.19 -35.70
N GLU A 64 -2.27 -10.63 -36.81
CA GLU A 64 -1.91 -12.02 -36.99
C GLU A 64 -0.40 -12.15 -37.05
N VAL A 65 0.15 -13.05 -36.26
CA VAL A 65 1.59 -13.28 -36.29
C VAL A 65 1.94 -13.88 -37.64
N VAL A 66 2.94 -13.32 -38.32
CA VAL A 66 3.41 -13.89 -39.59
C VAL A 66 4.82 -14.47 -39.54
N GLU A 67 5.57 -14.09 -38.51
CA GLU A 67 6.82 -14.80 -38.21
C GLU A 67 7.32 -14.52 -36.82
N VAL A 68 8.01 -15.51 -36.27
CA VAL A 68 8.60 -15.40 -34.96
C VAL A 68 10.07 -15.75 -35.03
N GLY A 69 10.81 -15.30 -34.02
CA GLY A 69 12.23 -15.59 -33.93
C GLY A 69 12.43 -16.99 -33.38
N SER A 70 13.65 -17.50 -33.53
CA SER A 70 13.95 -18.89 -33.16
C SER A 70 13.82 -19.17 -31.66
N GLU A 71 13.75 -18.12 -30.84
CA GLU A 71 13.62 -18.30 -29.40
C GLU A 71 12.18 -18.12 -28.88
N VAL A 72 11.25 -17.76 -29.77
CA VAL A 72 9.85 -17.52 -29.42
C VAL A 72 9.10 -18.82 -29.17
N LYS A 73 8.46 -18.94 -28.01
CA LYS A 73 7.86 -20.23 -27.62
C LYS A 73 6.34 -20.30 -27.70
N ASP A 74 5.66 -19.18 -27.45
CA ASP A 74 4.22 -19.25 -27.23
C ASP A 74 3.40 -18.74 -28.39
N PHE A 75 4.06 -18.27 -29.43
CA PHE A 75 3.35 -17.72 -30.58
C PHE A 75 3.91 -18.24 -31.88
N LYS A 76 3.04 -18.45 -32.85
CA LYS A 76 3.46 -18.95 -34.15
C LYS A 76 2.68 -18.23 -35.24
N PRO A 77 3.20 -18.24 -36.48
CA PRO A 77 2.47 -17.63 -37.58
C PRO A 77 1.04 -18.14 -37.64
N GLY A 78 0.10 -17.25 -37.90
CA GLY A 78 -1.31 -17.62 -37.94
C GLY A 78 -2.01 -17.25 -36.65
N ASP A 79 -1.26 -17.12 -35.57
CA ASP A 79 -1.87 -16.73 -34.30
C ASP A 79 -2.41 -15.32 -34.33
N ARG A 80 -3.68 -15.16 -33.91
CA ARG A 80 -4.29 -13.85 -33.74
C ARG A 80 -3.97 -13.29 -32.35
N VAL A 81 -3.54 -12.04 -32.30
CA VAL A 81 -3.04 -11.48 -31.05
C VAL A 81 -3.52 -10.06 -30.80
N VAL A 82 -3.69 -9.73 -29.51
CA VAL A 82 -3.85 -8.37 -29.05
C VAL A 82 -2.44 -7.86 -28.74
N VAL A 83 -2.06 -6.75 -29.37
CA VAL A 83 -0.74 -6.15 -29.19
C VAL A 83 -0.89 -4.94 -28.27
N PRO A 84 -0.20 -4.95 -27.12
CA PRO A 84 -0.31 -3.79 -26.21
C PRO A 84 0.33 -2.58 -26.86
N ALA A 85 -0.16 -1.37 -26.54
CA ALA A 85 0.49 -0.13 -26.99
C ALA A 85 1.89 -0.02 -26.42
N ILE A 86 2.04 -0.46 -25.18
CA ILE A 86 3.32 -0.41 -24.48
C ILE A 86 3.98 -1.79 -24.54
N THR A 87 5.12 -1.85 -25.23
CA THR A 87 5.86 -3.10 -25.38
C THR A 87 7.29 -2.91 -24.88
N PRO A 88 7.50 -3.10 -23.58
CA PRO A 88 8.76 -2.76 -22.92
C PRO A 88 9.85 -3.78 -23.24
N ASP A 89 11.10 -3.33 -23.17
CA ASP A 89 12.21 -4.25 -23.02
C ASP A 89 12.17 -4.73 -21.58
N TRP A 90 12.04 -6.03 -21.37
CA TRP A 90 11.78 -6.52 -20.03
C TRP A 90 12.98 -6.65 -19.10
N ARG A 91 14.20 -6.66 -19.64
CA ARG A 91 15.37 -6.86 -18.79
C ARG A 91 16.09 -5.55 -18.51
N THR A 92 15.49 -4.73 -17.65
CA THR A 92 16.05 -3.43 -17.30
C THR A 92 15.85 -3.17 -15.81
N SER A 93 16.57 -2.19 -15.28
CA SER A 93 16.45 -1.86 -13.87
C SER A 93 15.03 -1.37 -13.56
N GLU A 94 14.45 -0.62 -14.48
CA GLU A 94 13.10 -0.10 -14.23
C GLU A 94 12.10 -1.22 -14.03
N VAL A 95 12.30 -2.33 -14.74
CA VAL A 95 11.44 -3.50 -14.53
C VAL A 95 11.69 -4.06 -13.13
N GLN A 96 12.95 -4.08 -12.70
CA GLN A 96 13.24 -4.55 -11.35
C GLN A 96 12.59 -3.63 -10.33
N ARG A 97 12.48 -2.35 -10.66
CA ARG A 97 11.87 -1.38 -9.76
C ARG A 97 10.33 -1.43 -9.79
N GLY A 98 9.75 -2.16 -10.75
CA GLY A 98 8.31 -2.26 -10.87
C GLY A 98 7.63 -1.27 -11.81
N TYR A 99 8.39 -0.70 -12.74
CA TYR A 99 7.88 0.35 -13.61
C TYR A 99 8.25 0.08 -15.08
N HIS A 100 7.73 -1.02 -15.61
CA HIS A 100 8.04 -1.40 -16.99
C HIS A 100 7.74 -0.30 -18.01
N GLN A 101 6.75 0.57 -17.73
CA GLN A 101 6.42 1.66 -18.65
C GLN A 101 7.62 2.54 -18.97
N HIS A 102 8.61 2.54 -18.08
CA HIS A 102 9.77 3.39 -18.26
C HIS A 102 11.04 2.58 -18.41
N SER A 103 10.89 1.37 -18.95
CA SER A 103 12.04 0.51 -19.14
C SER A 103 12.97 1.14 -20.17
N GLY A 104 14.20 1.39 -19.74
CA GLY A 104 15.17 2.06 -20.60
C GLY A 104 14.98 3.55 -20.63
N GLY A 105 14.13 4.08 -19.75
CA GLY A 105 13.91 5.52 -19.67
C GLY A 105 12.45 5.97 -19.57
N MET A 106 12.25 7.25 -19.30
CA MET A 106 10.90 7.82 -19.14
C MET A 106 10.07 7.58 -20.38
N LEU A 107 8.93 6.89 -20.21
CA LEU A 107 8.00 6.62 -21.31
C LEU A 107 8.53 5.61 -22.32
N ALA A 108 9.74 5.09 -22.09
CA ALA A 108 10.39 4.24 -23.08
C ALA A 108 9.71 2.87 -23.28
N GLY A 109 8.85 2.47 -22.35
CA GLY A 109 8.08 1.25 -22.57
C GLY A 109 7.11 1.44 -23.73
N TRP A 110 6.79 2.69 -24.02
CA TRP A 110 5.92 3.02 -25.14
C TRP A 110 6.79 3.21 -26.39
N LYS A 111 6.75 2.24 -27.29
CA LYS A 111 7.64 2.28 -28.44
C LYS A 111 6.96 2.68 -29.75
N PHE A 112 5.88 1.97 -30.10
CA PHE A 112 5.15 2.26 -31.34
C PHE A 112 4.76 3.75 -31.40
N SER A 113 5.14 4.42 -32.49
CA SER A 113 4.83 5.83 -32.73
C SER A 113 5.41 6.79 -31.68
N ASN A 114 6.31 6.28 -30.83
CA ASN A 114 7.12 7.15 -29.97
C ASN A 114 8.59 7.10 -30.39
N VAL A 115 9.22 5.93 -30.29
CA VAL A 115 10.61 5.78 -30.73
C VAL A 115 10.78 4.52 -31.59
N LYS A 116 9.69 4.13 -32.25
CA LYS A 116 9.66 2.95 -33.11
C LYS A 116 8.50 3.08 -34.09
N ASP A 117 8.70 2.62 -35.31
CA ASP A 117 7.61 2.57 -36.28
C ASP A 117 6.39 1.88 -35.67
N GLY A 118 5.23 2.52 -35.79
CA GLY A 118 4.02 2.00 -35.22
C GLY A 118 3.29 0.99 -36.09
N VAL A 119 2.01 0.77 -35.80
CA VAL A 119 1.26 -0.31 -36.40
C VAL A 119 0.57 0.05 -37.70
N PHE A 120 0.64 1.31 -38.12
CA PHE A 120 0.00 1.73 -39.36
C PHE A 120 0.81 1.40 -40.62
N GLY A 121 1.26 0.15 -40.74
CA GLY A 121 2.00 -0.29 -41.92
C GLY A 121 1.50 -1.68 -42.30
N GLU A 122 1.94 -2.23 -43.43
CA GLU A 122 1.47 -3.58 -43.79
C GLU A 122 1.98 -4.63 -42.80
N PHE A 123 3.09 -4.32 -42.15
CA PHE A 123 3.63 -5.18 -41.12
C PHE A 123 4.19 -4.31 -40.03
N PHE A 124 4.36 -4.88 -38.86
CA PHE A 124 5.10 -4.19 -37.83
C PHE A 124 5.84 -5.18 -36.94
N HIS A 125 6.73 -4.64 -36.10
CA HIS A 125 7.67 -5.45 -35.34
C HIS A 125 7.30 -5.39 -33.87
N VAL A 126 7.23 -6.56 -33.24
CA VAL A 126 6.99 -6.61 -31.80
C VAL A 126 8.17 -7.22 -31.06
N ASN A 127 8.86 -6.43 -30.24
CA ASN A 127 9.97 -6.93 -29.44
C ASN A 127 9.47 -7.88 -28.37
N ASP A 128 10.19 -8.99 -28.21
CA ASP A 128 9.92 -9.97 -27.16
C ASP A 128 8.46 -10.49 -27.17
N ALA A 129 8.13 -11.25 -28.22
CA ALA A 129 6.78 -11.76 -28.42
C ALA A 129 6.17 -12.43 -27.18
N ASP A 130 6.94 -13.31 -26.56
CA ASP A 130 6.44 -14.08 -25.42
C ASP A 130 6.09 -13.23 -24.20
N MET A 131 6.75 -12.08 -24.06
CA MET A 131 6.44 -11.18 -22.95
C MET A 131 5.42 -10.09 -23.30
N ASN A 132 5.24 -9.85 -24.60
CA ASN A 132 4.49 -8.67 -25.02
C ASN A 132 3.27 -8.92 -25.91
N LEU A 133 2.96 -10.18 -26.21
CA LEU A 133 1.77 -10.52 -26.98
C LEU A 133 0.78 -11.29 -26.12
N ALA A 134 -0.51 -11.16 -26.44
CA ALA A 134 -1.51 -12.01 -25.83
C ALA A 134 -2.38 -12.63 -26.92
N HIS A 135 -2.79 -13.87 -26.72
CA HIS A 135 -3.67 -14.54 -27.69
C HIS A 135 -5.08 -13.93 -27.64
N LEU A 136 -5.66 -13.68 -28.82
CA LEU A 136 -7.02 -13.17 -28.90
C LEU A 136 -8.06 -14.28 -28.92
N PRO A 137 -8.85 -14.40 -27.84
CA PRO A 137 -9.94 -15.38 -27.88
C PRO A 137 -10.89 -15.08 -29.04
N LYS A 138 -11.30 -16.13 -29.73
CA LYS A 138 -12.20 -15.99 -30.88
C LYS A 138 -13.56 -15.36 -30.50
N GLU A 139 -13.93 -15.41 -29.23
CA GLU A 139 -15.21 -14.86 -28.78
C GLU A 139 -15.23 -13.33 -28.81
N ILE A 140 -14.05 -12.71 -28.91
CA ILE A 140 -13.99 -11.25 -28.89
C ILE A 140 -13.83 -10.66 -30.29
N PRO A 141 -14.81 -9.88 -30.72
CA PRO A 141 -14.75 -9.26 -32.05
C PRO A 141 -13.62 -8.24 -32.13
N LEU A 142 -13.12 -8.04 -33.35
CA LEU A 142 -11.94 -7.21 -33.58
C LEU A 142 -12.11 -5.79 -33.03
N GLU A 143 -13.31 -5.24 -33.17
CA GLU A 143 -13.56 -3.84 -32.79
C GLU A 143 -13.41 -3.66 -31.29
N ALA A 144 -13.92 -4.61 -30.52
CA ALA A 144 -13.82 -4.51 -29.07
C ALA A 144 -12.38 -4.72 -28.60
N ALA A 145 -11.72 -5.73 -29.19
CA ALA A 145 -10.38 -6.12 -28.80
C ALA A 145 -9.35 -5.01 -29.02
N VAL A 146 -9.59 -4.20 -30.05
CA VAL A 146 -8.67 -3.14 -30.41
C VAL A 146 -8.78 -1.95 -29.43
N MET A 147 -9.76 -2.00 -28.55
CA MET A 147 -9.92 -1.00 -27.49
C MET A 147 -9.04 -1.36 -26.29
N ILE A 148 -8.51 -2.57 -26.32
CA ILE A 148 -7.74 -3.07 -25.19
C ILE A 148 -6.29 -2.54 -25.10
N PRO A 149 -5.59 -2.40 -26.24
CA PRO A 149 -4.16 -2.07 -26.19
C PRO A 149 -3.84 -0.73 -25.51
N ASP A 150 -4.83 0.14 -25.38
CA ASP A 150 -4.51 1.53 -25.02
C ASP A 150 -5.66 2.19 -24.27
N MET A 151 -6.81 2.29 -24.93
CA MET A 151 -7.98 2.93 -24.30
C MET A 151 -8.31 2.30 -22.95
N MET A 152 -8.45 0.98 -22.90
CA MET A 152 -8.82 0.30 -21.66
C MET A 152 -7.70 0.31 -20.62
N THR A 153 -6.48 0.04 -21.03
CA THR A 153 -5.40 -0.05 -20.08
C THR A 153 -5.12 1.34 -19.50
N THR A 154 -5.28 2.36 -20.34
CA THR A 154 -5.05 3.75 -19.91
C THR A 154 -6.15 4.24 -18.95
N GLY A 155 -7.42 4.11 -19.37
CA GLY A 155 -8.52 4.51 -18.49
C GLY A 155 -8.53 3.75 -17.16
N PHE A 156 -8.33 2.43 -17.23
CA PHE A 156 -8.28 1.61 -16.03
C PHE A 156 -7.09 1.97 -15.11
N HIS A 157 -5.94 2.24 -15.69
CA HIS A 157 -4.77 2.66 -14.90
C HIS A 157 -5.11 3.92 -14.10
N GLY A 158 -5.92 4.78 -14.70
CA GLY A 158 -6.36 6.00 -14.04
C GLY A 158 -7.14 5.65 -12.78
N ALA A 159 -8.02 4.65 -12.87
CA ALA A 159 -8.75 4.19 -11.70
C ALA A 159 -7.86 3.47 -10.70
N GLU A 160 -6.85 2.75 -11.19
CA GLU A 160 -5.94 2.03 -10.31
C GLU A 160 -5.05 3.01 -9.53
N LEU A 161 -4.45 3.96 -10.25
CA LEU A 161 -3.65 5.00 -9.61
C LEU A 161 -4.45 5.80 -8.58
N ALA A 162 -5.72 6.04 -8.86
CA ALA A 162 -6.60 6.76 -7.93
C ALA A 162 -6.85 6.00 -6.63
N ASP A 163 -6.51 4.71 -6.56
CA ASP A 163 -6.65 3.96 -5.31
C ASP A 163 -8.03 4.17 -4.68
N ILE A 164 -9.07 3.88 -5.44
CA ILE A 164 -10.44 4.11 -5.05
C ILE A 164 -10.90 3.24 -3.87
N GLU A 165 -11.58 3.86 -2.91
CA GLU A 165 -12.18 3.16 -1.78
C GLU A 165 -13.61 2.75 -2.16
N MET A 166 -14.10 1.68 -1.57
CA MET A 166 -15.41 1.19 -1.98
C MET A 166 -16.49 2.17 -1.53
N GLY A 167 -17.34 2.56 -2.47
CA GLY A 167 -18.44 3.48 -2.20
C GLY A 167 -18.07 4.94 -2.21
N SER A 168 -16.83 5.26 -2.54
CA SER A 168 -16.38 6.66 -2.53
C SER A 168 -16.72 7.40 -3.82
N SER A 169 -16.63 8.72 -3.78
CA SER A 169 -17.07 9.53 -4.91
C SER A 169 -15.90 9.86 -5.83
N VAL A 170 -16.15 9.83 -7.14
CA VAL A 170 -15.11 10.08 -8.12
C VAL A 170 -15.60 11.07 -9.16
N VAL A 171 -14.76 12.06 -9.48
CA VAL A 171 -14.98 12.90 -10.65
C VAL A 171 -14.00 12.52 -11.73
N VAL A 172 -14.50 12.32 -12.94
CA VAL A 172 -13.64 12.09 -14.08
C VAL A 172 -13.74 13.27 -15.03
N ILE A 173 -12.63 13.97 -15.23
CA ILE A 173 -12.64 15.16 -16.05
C ILE A 173 -12.19 14.77 -17.45
N GLY A 174 -13.14 14.85 -18.39
CA GLY A 174 -12.88 14.48 -19.76
C GLY A 174 -13.53 13.14 -20.01
N ILE A 175 -14.40 13.10 -21.01
CA ILE A 175 -15.11 11.87 -21.30
C ILE A 175 -15.02 11.47 -22.77
N GLY A 176 -13.84 11.69 -23.35
CA GLY A 176 -13.44 11.02 -24.58
C GLY A 176 -13.18 9.56 -24.23
N ALA A 177 -12.65 8.78 -25.17
CA ALA A 177 -12.51 7.33 -24.98
C ALA A 177 -11.79 6.96 -23.67
N VAL A 178 -10.65 7.58 -23.43
CA VAL A 178 -9.90 7.31 -22.20
C VAL A 178 -10.71 7.60 -20.93
N GLY A 179 -11.36 8.76 -20.88
CA GLY A 179 -12.19 9.11 -19.73
C GLY A 179 -13.35 8.14 -19.52
N LEU A 180 -13.93 7.66 -20.61
CA LEU A 180 -15.04 6.72 -20.51
C LEU A 180 -14.57 5.43 -19.84
N MET A 181 -13.37 4.97 -20.23
CA MET A 181 -12.75 3.80 -19.60
C MET A 181 -12.31 4.12 -18.16
N GLY A 182 -12.02 5.39 -17.90
CA GLY A 182 -11.77 5.84 -16.53
C GLY A 182 -13.02 5.70 -15.69
N ILE A 183 -14.16 6.06 -16.27
CA ILE A 183 -15.45 5.85 -15.59
C ILE A 183 -15.74 4.38 -15.33
N ALA A 184 -15.62 3.57 -16.38
CA ALA A 184 -15.84 2.12 -16.24
C ALA A 184 -14.89 1.54 -15.19
N GLY A 185 -13.62 1.93 -15.27
CA GLY A 185 -12.59 1.46 -14.36
C GLY A 185 -12.94 1.82 -12.93
N ALA A 186 -13.37 3.06 -12.73
CA ALA A 186 -13.72 3.49 -11.38
C ALA A 186 -14.91 2.70 -10.86
N LYS A 187 -15.88 2.43 -11.72
CA LYS A 187 -17.02 1.63 -11.27
C LYS A 187 -16.53 0.22 -10.92
N LEU A 188 -15.60 -0.29 -11.72
CA LEU A 188 -15.02 -1.60 -11.44
C LEU A 188 -14.05 -1.56 -10.28
N ARG A 189 -13.80 -0.38 -9.70
CA ARG A 189 -13.01 -0.38 -8.48
C ARG A 189 -13.91 -0.18 -7.28
N GLY A 190 -15.20 -0.08 -7.56
CA GLY A 190 -16.20 -0.01 -6.50
C GLY A 190 -16.57 1.42 -6.15
N ALA A 191 -16.43 2.33 -7.11
CA ALA A 191 -16.84 3.72 -6.83
C ALA A 191 -18.37 3.80 -6.65
N GLY A 192 -18.80 4.72 -5.79
CA GLY A 192 -20.22 4.98 -5.59
C GLY A 192 -20.63 6.01 -6.61
N ARG A 193 -20.74 7.26 -6.17
CA ARG A 193 -21.06 8.35 -7.07
C ARG A 193 -19.94 8.53 -8.09
N ILE A 194 -20.30 8.64 -9.37
CA ILE A 194 -19.32 8.98 -10.40
C ILE A 194 -19.78 10.14 -11.26
N ILE A 195 -19.04 11.25 -11.18
CA ILE A 195 -19.38 12.46 -11.90
C ILE A 195 -18.51 12.64 -13.15
N GLY A 196 -19.12 12.62 -14.32
CA GLY A 196 -18.40 12.85 -15.56
C GLY A 196 -18.45 14.30 -16.01
N VAL A 197 -17.33 14.81 -16.50
CA VAL A 197 -17.29 16.19 -16.97
C VAL A 197 -17.04 16.21 -18.48
N GLY A 198 -17.98 16.78 -19.24
CA GLY A 198 -17.91 16.82 -20.69
C GLY A 198 -19.25 17.21 -21.31
N SER A 199 -19.27 17.43 -22.63
CA SER A 199 -20.45 17.99 -23.30
C SER A 199 -20.99 17.23 -24.53
N ARG A 200 -20.13 16.62 -25.34
CA ARG A 200 -20.62 15.98 -26.57
C ARG A 200 -21.64 14.89 -26.24
N PRO A 201 -22.84 14.98 -26.84
CA PRO A 201 -23.94 14.08 -26.49
C PRO A 201 -23.56 12.60 -26.57
N ILE A 202 -22.77 12.23 -27.56
CA ILE A 202 -22.46 10.81 -27.71
C ILE A 202 -21.60 10.31 -26.54
N CYS A 203 -20.64 11.14 -26.13
CA CYS A 203 -19.83 10.89 -24.93
C CYS A 203 -20.66 10.87 -23.65
N VAL A 204 -21.63 11.78 -23.57
CA VAL A 204 -22.50 11.88 -22.41
C VAL A 204 -23.28 10.57 -22.23
N GLU A 205 -23.87 10.08 -23.32
CA GLU A 205 -24.57 8.79 -23.31
C GLU A 205 -23.63 7.64 -22.94
N ALA A 206 -22.47 7.56 -23.57
CA ALA A 206 -21.51 6.49 -23.23
C ALA A 206 -21.09 6.56 -21.76
N ALA A 207 -20.93 7.77 -21.24
CA ALA A 207 -20.50 7.95 -19.85
C ALA A 207 -21.53 7.36 -18.90
N LYS A 208 -22.79 7.63 -19.17
CA LYS A 208 -23.89 7.04 -18.40
C LYS A 208 -23.86 5.52 -18.51
N PHE A 209 -23.71 5.03 -19.74
CA PHE A 209 -23.63 3.59 -19.94
C PHE A 209 -22.51 2.97 -19.09
N TYR A 210 -21.35 3.64 -19.02
CA TYR A 210 -20.20 3.06 -18.31
C TYR A 210 -20.23 3.25 -16.79
N GLY A 211 -21.15 4.07 -16.29
CA GLY A 211 -21.32 4.20 -14.85
C GLY A 211 -21.51 5.59 -14.24
N ALA A 212 -21.46 6.64 -15.07
CA ALA A 212 -21.54 8.00 -14.53
C ALA A 212 -22.94 8.20 -13.98
N THR A 213 -23.03 8.68 -12.74
CA THR A 213 -24.33 8.92 -12.11
C THR A 213 -24.70 10.40 -12.28
N ASP A 214 -23.73 11.22 -12.64
CA ASP A 214 -23.97 12.65 -12.92
C ASP A 214 -23.08 13.08 -14.06
N ILE A 215 -23.51 14.10 -14.78
CA ILE A 215 -22.75 14.66 -15.89
C ILE A 215 -22.73 16.18 -15.77
N LEU A 216 -21.53 16.76 -15.80
CA LEU A 216 -21.40 18.21 -15.72
C LEU A 216 -20.88 18.80 -17.02
N ASN A 217 -21.38 19.98 -17.34
CA ASN A 217 -21.00 20.70 -18.54
C ASN A 217 -20.40 22.06 -18.16
N TYR A 218 -19.25 22.38 -18.74
CA TYR A 218 -18.56 23.65 -18.47
C TYR A 218 -19.47 24.87 -18.65
N LYS A 219 -20.50 24.71 -19.48
CA LYS A 219 -21.39 25.81 -19.82
C LYS A 219 -22.17 26.35 -18.62
N ASN A 220 -22.52 25.47 -17.69
CA ASN A 220 -23.40 25.84 -16.59
C ASN A 220 -22.69 26.39 -15.35
N GLY A 221 -21.52 26.96 -15.56
CA GLY A 221 -20.74 27.51 -14.46
C GLY A 221 -19.40 26.82 -14.27
N HIS A 222 -18.56 27.37 -13.40
CA HIS A 222 -17.28 26.73 -13.20
C HIS A 222 -17.48 25.35 -12.61
N ILE A 223 -16.72 24.41 -13.15
CA ILE A 223 -16.83 23.00 -12.79
C ILE A 223 -16.73 22.80 -11.29
N VAL A 224 -15.80 23.52 -10.67
CA VAL A 224 -15.56 23.38 -9.24
C VAL A 224 -16.79 23.77 -8.40
N ASP A 225 -17.46 24.86 -8.79
CA ASP A 225 -18.69 25.30 -8.13
C ASP A 225 -19.77 24.23 -8.30
N GLN A 226 -19.92 23.77 -9.54
CA GLN A 226 -20.86 22.69 -9.84
C GLN A 226 -20.62 21.46 -8.95
N VAL A 227 -19.36 21.07 -8.80
CA VAL A 227 -19.06 19.89 -7.98
C VAL A 227 -19.31 20.20 -6.52
N MET A 228 -19.00 21.42 -6.10
CA MET A 228 -19.24 21.80 -4.71
C MET A 228 -20.73 21.78 -4.45
N LYS A 229 -21.47 22.13 -5.48
CA LYS A 229 -22.93 22.10 -5.39
C LYS A 229 -23.48 20.67 -5.29
N LEU A 230 -23.04 19.78 -6.18
CA LEU A 230 -23.49 18.39 -6.14
C LEU A 230 -23.14 17.75 -4.82
N THR A 231 -22.09 18.23 -4.17
CA THR A 231 -21.59 17.55 -2.98
C THR A 231 -21.79 18.29 -1.65
N ASN A 232 -22.68 19.28 -1.64
CA ASN A 232 -22.91 20.08 -0.44
C ASN A 232 -21.61 20.68 0.08
N GLY A 233 -20.78 21.13 -0.85
CA GLY A 233 -19.53 21.77 -0.50
C GLY A 233 -18.44 20.85 0.02
N LYS A 234 -18.70 19.55 -0.01
CA LYS A 234 -17.76 18.62 0.61
C LYS A 234 -16.68 18.11 -0.34
N GLY A 235 -16.87 18.32 -1.63
CA GLY A 235 -15.92 17.85 -2.62
C GLY A 235 -16.00 16.33 -2.74
N VAL A 236 -15.08 15.77 -3.52
CA VAL A 236 -15.08 14.35 -3.84
C VAL A 236 -13.82 13.62 -3.39
N ASP A 237 -13.90 12.29 -3.31
CA ASP A 237 -12.80 11.52 -2.77
C ASP A 237 -11.63 11.45 -3.73
N ARG A 238 -11.93 11.38 -5.02
CA ARG A 238 -10.90 11.11 -6.04
C ARG A 238 -11.22 11.87 -7.32
N VAL A 239 -10.19 12.30 -8.03
CA VAL A 239 -10.38 12.85 -9.38
C VAL A 239 -9.46 12.16 -10.36
N ILE A 240 -9.99 11.81 -11.52
CA ILE A 240 -9.20 11.23 -12.58
C ILE A 240 -9.17 12.24 -13.68
N MET A 241 -7.98 12.63 -14.11
CA MET A 241 -7.83 13.61 -15.17
C MET A 241 -7.58 12.88 -16.46
N ALA A 242 -8.53 12.97 -17.39
CA ALA A 242 -8.52 12.14 -18.59
C ALA A 242 -8.67 12.97 -19.85
N GLY A 243 -8.61 14.29 -19.71
CA GLY A 243 -8.76 15.19 -20.84
C GLY A 243 -8.88 16.62 -20.37
N GLY A 244 -8.85 17.55 -21.32
CA GLY A 244 -8.85 18.98 -21.01
C GLY A 244 -7.43 19.52 -21.03
N GLY A 245 -7.29 20.81 -20.75
CA GLY A 245 -5.99 21.44 -20.66
C GLY A 245 -5.41 21.26 -19.27
N SER A 246 -4.26 21.86 -19.03
CA SER A 246 -3.57 21.71 -17.75
C SER A 246 -4.30 22.39 -16.58
N GLU A 247 -5.14 23.39 -16.88
CA GLU A 247 -5.95 24.08 -15.85
C GLU A 247 -6.87 23.09 -15.12
N THR A 248 -6.97 21.92 -15.71
CA THR A 248 -7.74 20.85 -15.12
C THR A 248 -7.13 20.40 -13.78
N LEU A 249 -5.82 20.50 -13.65
CA LEU A 249 -5.15 20.08 -12.43
C LEU A 249 -5.57 20.95 -11.25
N SER A 250 -5.61 22.25 -11.48
CA SER A 250 -6.06 23.18 -10.45
C SER A 250 -7.51 22.92 -10.08
N GLN A 251 -8.35 22.70 -11.10
CA GLN A 251 -9.73 22.28 -10.86
C GLN A 251 -9.77 21.03 -9.99
N ALA A 252 -8.90 20.06 -10.27
CA ALA A 252 -8.96 18.78 -9.57
C ALA A 252 -8.59 18.96 -8.11
N VAL A 253 -7.59 19.80 -7.86
CA VAL A 253 -7.14 20.09 -6.50
C VAL A 253 -8.22 20.81 -5.70
N LYS A 254 -8.92 21.73 -6.35
CA LYS A 254 -9.96 22.49 -5.66
C LYS A 254 -11.17 21.62 -5.36
N MET A 255 -11.40 20.67 -6.26
CA MET A 255 -12.51 19.74 -6.22
C MET A 255 -12.36 18.63 -5.17
N VAL A 256 -11.13 18.14 -4.96
CA VAL A 256 -10.95 16.94 -4.13
C VAL A 256 -10.83 17.27 -2.65
N LYS A 257 -11.27 16.34 -1.80
CA LYS A 257 -11.07 16.45 -0.36
C LYS A 257 -9.60 16.39 0.05
N PRO A 258 -9.27 16.99 1.20
CA PRO A 258 -7.97 16.73 1.81
C PRO A 258 -7.85 15.23 2.10
N GLY A 259 -6.67 14.67 1.88
CA GLY A 259 -6.51 13.22 1.98
C GLY A 259 -6.94 12.52 0.72
N GLY A 260 -7.37 13.30 -0.28
CA GLY A 260 -7.84 12.72 -1.52
C GLY A 260 -6.70 12.39 -2.44
N ILE A 261 -7.03 11.85 -3.61
CA ILE A 261 -6.02 11.55 -4.61
C ILE A 261 -6.48 12.04 -5.98
N ILE A 262 -5.54 12.59 -6.73
CA ILE A 262 -5.79 13.07 -8.08
C ILE A 262 -4.95 12.21 -8.99
N SER A 263 -5.59 11.54 -9.96
CA SER A 263 -4.88 10.63 -10.82
C SER A 263 -4.90 11.15 -12.26
N ASN A 264 -3.74 11.49 -12.80
CA ASN A 264 -3.71 11.95 -14.19
C ASN A 264 -3.34 10.86 -15.18
N ILE A 265 -4.08 10.76 -16.27
CA ILE A 265 -3.72 9.86 -17.34
C ILE A 265 -3.74 10.59 -18.64
N ASN A 266 -4.16 11.85 -18.58
CA ASN A 266 -4.14 12.75 -19.71
C ASN A 266 -2.72 12.99 -20.23
N TYR A 267 -2.61 13.02 -21.56
CA TYR A 267 -1.34 13.31 -22.20
C TYR A 267 -1.30 14.77 -22.59
N HIS A 268 -0.72 15.59 -21.73
CA HIS A 268 -0.58 17.01 -22.02
C HIS A 268 0.46 17.18 -23.12
N GLY A 269 0.10 17.98 -24.14
CA GLY A 269 0.92 18.11 -25.33
C GLY A 269 1.43 19.52 -25.53
N SER A 270 1.14 20.42 -24.59
CA SER A 270 1.55 21.82 -24.74
C SER A 270 1.59 22.59 -23.42
N GLY A 271 2.54 23.53 -23.33
CA GLY A 271 2.68 24.38 -22.16
C GLY A 271 3.93 24.04 -21.36
N ASP A 272 4.47 25.03 -20.64
CA ASP A 272 5.72 24.85 -19.92
C ASP A 272 5.51 24.05 -18.63
N ALA A 273 4.41 24.32 -17.94
CA ALA A 273 4.17 23.75 -16.63
C ALA A 273 2.70 23.40 -16.41
N LEU A 274 2.43 22.61 -15.36
CA LEU A 274 1.08 22.45 -14.84
C LEU A 274 1.03 23.10 -13.45
N LEU A 275 -0.06 23.80 -13.14
CA LEU A 275 -0.16 24.54 -11.88
C LEU A 275 -0.99 23.87 -10.80
N ILE A 276 -0.42 23.76 -9.61
CA ILE A 276 -1.15 23.38 -8.41
C ILE A 276 -1.47 24.67 -7.64
N PRO A 277 -2.76 24.90 -7.31
CA PRO A 277 -3.13 26.09 -6.55
C PRO A 277 -2.64 25.98 -5.11
N ARG A 278 -1.83 26.94 -4.66
CA ARG A 278 -1.12 26.82 -3.38
C ARG A 278 -2.09 26.65 -2.22
N VAL A 279 -3.13 27.48 -2.21
CA VAL A 279 -4.06 27.55 -1.09
C VAL A 279 -4.94 26.32 -0.99
N GLU A 280 -5.51 25.91 -2.11
CA GLU A 280 -6.38 24.74 -2.11
C GLU A 280 -5.59 23.43 -1.89
N TRP A 281 -4.28 23.46 -2.13
CA TRP A 281 -3.42 22.33 -1.84
C TRP A 281 -2.87 22.40 -0.41
N GLY A 282 -3.57 23.16 0.43
CA GLY A 282 -3.19 23.33 1.81
C GLY A 282 -1.76 23.81 1.97
N CYS A 283 -1.32 24.69 1.07
CA CYS A 283 0.04 25.21 1.08
C CYS A 283 1.05 24.07 1.10
N GLY A 284 0.64 22.90 0.61
CA GLY A 284 1.52 21.75 0.48
C GLY A 284 1.23 20.65 1.49
N MET A 285 0.22 20.85 2.31
CA MET A 285 0.00 20.03 3.48
C MET A 285 -1.41 19.41 3.56
N ALA A 286 -2.19 19.49 2.48
CA ALA A 286 -3.56 18.94 2.46
C ALA A 286 -3.64 17.44 2.23
N HIS A 287 -2.51 16.76 2.03
CA HIS A 287 -2.55 15.33 1.73
C HIS A 287 -3.36 15.07 0.48
N LYS A 288 -3.24 15.97 -0.50
CA LYS A 288 -3.87 15.76 -1.80
C LYS A 288 -2.81 15.22 -2.76
N THR A 289 -2.74 13.90 -2.85
CA THR A 289 -1.72 13.25 -3.63
C THR A 289 -1.96 13.38 -5.14
N ILE A 290 -0.92 13.73 -5.87
CA ILE A 290 -1.03 13.82 -7.32
C ILE A 290 -0.24 12.70 -8.00
N LYS A 291 -0.94 11.87 -8.76
CA LYS A 291 -0.32 10.80 -9.54
C LYS A 291 -0.49 11.04 -11.04
N GLY A 292 0.34 10.41 -11.84
CA GLY A 292 0.22 10.51 -13.29
C GLY A 292 1.07 9.45 -13.96
N GLY A 293 0.45 8.51 -14.65
CA GLY A 293 1.21 7.43 -15.24
C GLY A 293 0.81 6.97 -16.63
N LEU A 294 1.82 6.60 -17.42
CA LEU A 294 1.64 5.93 -18.68
C LEU A 294 0.99 4.56 -18.42
N CYS A 295 0.11 4.14 -19.31
CA CYS A 295 -0.61 2.88 -19.15
C CYS A 295 0.32 1.68 -19.13
N PRO A 296 -0.01 0.67 -18.31
CA PRO A 296 0.74 -0.59 -18.35
C PRO A 296 0.57 -1.27 -19.70
N GLY A 297 1.59 -2.03 -20.10
CA GLY A 297 1.52 -2.83 -21.30
C GLY A 297 2.02 -4.24 -21.02
N GLY A 298 2.59 -4.89 -22.02
CA GLY A 298 3.02 -6.26 -21.86
C GLY A 298 1.89 -7.28 -21.88
N ARG A 299 2.28 -8.55 -21.89
CA ARG A 299 1.35 -9.63 -22.11
C ARG A 299 0.33 -9.78 -20.99
N LEU A 300 0.81 -9.73 -19.75
CA LEU A 300 -0.07 -9.94 -18.60
C LEU A 300 -1.20 -8.91 -18.55
N ARG A 301 -0.84 -7.65 -18.81
CA ARG A 301 -1.84 -6.59 -18.82
C ARG A 301 -2.93 -6.94 -19.82
N MET A 302 -2.51 -7.29 -21.04
CA MET A 302 -3.47 -7.61 -22.09
C MET A 302 -4.34 -8.80 -21.68
N GLU A 303 -3.70 -9.79 -21.06
CA GLU A 303 -4.43 -10.99 -20.65
C GLU A 303 -5.45 -10.67 -19.56
N ARG A 304 -5.12 -9.78 -18.64
CA ARG A 304 -6.11 -9.43 -17.62
C ARG A 304 -7.27 -8.63 -18.17
N LEU A 305 -6.99 -7.76 -19.13
CA LEU A 305 -8.03 -6.95 -19.72
C LEU A 305 -8.88 -7.80 -20.65
N ILE A 306 -8.26 -8.82 -21.23
CA ILE A 306 -9.00 -9.77 -22.05
C ILE A 306 -10.01 -10.48 -21.16
N ASP A 307 -9.60 -10.91 -19.97
CA ASP A 307 -10.56 -11.51 -19.04
C ASP A 307 -11.74 -10.59 -18.71
N LEU A 308 -11.44 -9.33 -18.42
CA LEU A 308 -12.50 -8.36 -18.13
C LEU A 308 -13.49 -8.29 -19.28
N VAL A 309 -12.97 -8.30 -20.50
CA VAL A 309 -13.84 -8.32 -21.66
C VAL A 309 -14.55 -9.67 -21.81
N PHE A 310 -13.79 -10.76 -21.75
CA PHE A 310 -14.33 -12.10 -21.96
C PHE A 310 -15.47 -12.40 -20.98
N TYR A 311 -15.25 -12.05 -19.71
CA TYR A 311 -16.25 -12.32 -18.68
C TYR A 311 -17.22 -11.15 -18.51
N LYS A 312 -17.22 -10.25 -19.49
CA LYS A 312 -18.26 -9.23 -19.60
C LYS A 312 -18.33 -8.30 -18.41
N ARG A 313 -17.16 -8.00 -17.86
CA ARG A 313 -17.05 -6.99 -16.82
C ARG A 313 -17.16 -5.59 -17.43
N VAL A 314 -16.71 -5.46 -18.67
CA VAL A 314 -16.77 -4.20 -19.40
C VAL A 314 -16.99 -4.50 -20.87
N ASP A 315 -17.77 -3.66 -21.53
CA ASP A 315 -18.01 -3.83 -22.95
C ASP A 315 -17.50 -2.62 -23.70
N PRO A 316 -16.26 -2.67 -24.20
CA PRO A 316 -15.63 -1.50 -24.81
C PRO A 316 -16.13 -1.23 -26.24
N SER A 317 -17.01 -2.08 -26.75
CA SER A 317 -17.53 -1.86 -28.08
C SER A 317 -18.28 -0.51 -28.22
N LYS A 318 -18.85 -0.02 -27.12
CA LYS A 318 -19.57 1.27 -27.21
C LYS A 318 -18.68 2.49 -27.49
N LEU A 319 -17.36 2.33 -27.34
CA LEU A 319 -16.40 3.40 -27.63
C LEU A 319 -16.25 3.61 -29.14
N VAL A 320 -16.61 2.57 -29.90
CA VAL A 320 -16.34 2.59 -31.33
C VAL A 320 -17.53 3.17 -32.07
N THR A 321 -17.38 4.40 -32.54
CA THR A 321 -18.49 5.09 -33.16
C THR A 321 -18.38 5.01 -34.67
N HIS A 322 -17.20 4.61 -35.16
CA HIS A 322 -16.94 4.61 -36.59
C HIS A 322 -16.08 3.41 -36.93
N VAL A 323 -16.58 2.54 -37.79
CA VAL A 323 -15.79 1.43 -38.32
C VAL A 323 -15.67 1.61 -39.83
N PHE A 324 -14.45 1.56 -40.33
CA PHE A 324 -14.19 1.62 -41.77
C PHE A 324 -13.45 0.35 -42.19
N ARG A 325 -13.60 -0.05 -43.46
CA ARG A 325 -12.83 -1.18 -44.00
C ARG A 325 -11.77 -0.67 -44.96
N GLY A 326 -10.63 -1.34 -44.99
CA GLY A 326 -9.60 -1.03 -45.97
C GLY A 326 -8.37 -0.32 -45.41
N PHE A 327 -7.21 -0.83 -45.81
CA PHE A 327 -5.92 -0.32 -45.38
C PHE A 327 -5.77 1.20 -45.57
N ASP A 328 -6.13 1.68 -46.76
CA ASP A 328 -6.02 3.11 -47.08
C ASP A 328 -6.84 3.99 -46.12
N ASN A 329 -7.87 3.43 -45.52
CA ASN A 329 -8.72 4.24 -44.65
C ASN A 329 -8.11 4.52 -43.29
N ILE A 330 -6.87 4.07 -43.11
CA ILE A 330 -6.09 4.43 -41.93
C ILE A 330 -5.98 5.92 -41.94
N GLU A 331 -5.78 6.46 -43.14
CA GLU A 331 -5.67 7.90 -43.32
C GLU A 331 -6.98 8.61 -42.92
N LYS A 332 -8.10 8.08 -43.39
CA LYS A 332 -9.43 8.59 -43.06
C LYS A 332 -9.59 8.66 -41.56
N ALA A 333 -9.31 7.55 -40.90
CA ALA A 333 -9.51 7.46 -39.46
C ALA A 333 -8.62 8.43 -38.71
N PHE A 334 -7.35 8.47 -39.07
CA PHE A 334 -6.42 9.38 -38.42
C PHE A 334 -6.92 10.82 -38.51
N MET A 335 -7.37 11.24 -39.69
CA MET A 335 -7.81 12.63 -39.88
C MET A 335 -9.07 12.94 -39.08
N LEU A 336 -9.89 11.91 -38.84
CA LEU A 336 -11.01 12.05 -37.93
C LEU A 336 -10.55 12.47 -36.55
N MET A 337 -9.48 11.85 -36.07
CA MET A 337 -8.96 12.19 -34.75
C MET A 337 -8.50 13.64 -34.72
N LYS A 338 -8.17 14.18 -35.88
CA LYS A 338 -7.70 15.56 -35.91
C LYS A 338 -8.87 16.51 -35.90
N ASP A 339 -9.89 16.19 -36.69
CA ASP A 339 -11.02 17.09 -36.88
C ASP A 339 -12.07 16.95 -35.78
N LYS A 340 -12.05 15.80 -35.11
CA LYS A 340 -12.97 15.52 -34.01
C LYS A 340 -14.42 15.97 -34.23
N PRO A 341 -15.13 15.33 -35.18
CA PRO A 341 -16.57 15.58 -35.35
C PRO A 341 -17.32 15.28 -34.06
N LYS A 342 -18.48 15.88 -33.86
CA LYS A 342 -19.20 15.81 -32.58
C LYS A 342 -19.71 14.42 -32.20
N ASP A 343 -19.81 13.52 -33.18
CA ASP A 343 -20.32 12.16 -32.91
C ASP A 343 -19.20 11.11 -32.78
N LEU A 344 -17.96 11.57 -32.84
CA LEU A 344 -16.84 10.64 -32.76
C LEU A 344 -16.41 10.34 -31.32
N ILE A 345 -16.19 9.06 -31.04
CA ILE A 345 -15.43 8.67 -29.85
C ILE A 345 -14.14 7.99 -30.32
N LYS A 346 -14.25 6.76 -30.85
CA LYS A 346 -13.08 6.10 -31.39
C LYS A 346 -13.39 5.48 -32.77
N PRO A 347 -12.52 5.70 -33.75
CA PRO A 347 -12.69 5.03 -35.06
C PRO A 347 -11.91 3.72 -35.06
N VAL A 348 -12.34 2.75 -35.86
CA VAL A 348 -11.58 1.52 -36.04
C VAL A 348 -11.53 1.20 -37.52
N VAL A 349 -10.37 0.78 -37.98
CA VAL A 349 -10.20 0.36 -39.36
C VAL A 349 -10.03 -1.16 -39.39
N ILE A 350 -10.94 -1.83 -40.09
CA ILE A 350 -10.89 -3.29 -40.22
C ILE A 350 -10.07 -3.62 -41.46
N LEU A 351 -9.10 -4.52 -41.31
CA LEU A 351 -8.16 -4.84 -42.38
C LEU A 351 -8.28 -6.27 -42.91
N ALA A 352 -9.33 -6.98 -42.52
CA ALA A 352 -9.56 -8.36 -42.97
C ALA A 352 -11.05 -8.76 -43.04
N MET B 1 -39.34 -3.47 28.49
CA MET B 1 -39.50 -3.92 27.12
C MET B 1 -39.19 -5.42 26.97
N LYS B 2 -39.58 -6.00 25.85
CA LYS B 2 -39.23 -7.39 25.56
C LYS B 2 -38.16 -7.49 24.46
N GLY B 3 -37.31 -8.51 24.54
CA GLY B 3 -36.31 -8.78 23.53
C GLY B 3 -36.06 -10.27 23.44
N PHE B 4 -35.67 -10.75 22.26
CA PHE B 4 -35.35 -12.17 22.08
C PHE B 4 -33.91 -12.42 22.50
N ALA B 5 -33.72 -13.26 23.50
CA ALA B 5 -32.44 -13.32 24.18
C ALA B 5 -31.79 -14.69 24.25
N MET B 6 -30.46 -14.70 24.31
CA MET B 6 -29.73 -15.89 24.70
C MET B 6 -29.80 -16.06 26.20
N LEU B 7 -30.68 -16.95 26.68
CA LEU B 7 -30.85 -17.19 28.11
C LEU B 7 -29.58 -17.76 28.74
N SER B 8 -28.92 -18.66 28.00
CA SER B 8 -27.66 -19.24 28.41
C SER B 8 -27.29 -20.19 27.29
N ILE B 9 -26.07 -20.71 27.31
CA ILE B 9 -25.64 -21.58 26.24
C ILE B 9 -26.70 -22.64 25.92
N GLY B 10 -27.11 -22.68 24.66
CA GLY B 10 -28.08 -23.66 24.19
C GLY B 10 -29.52 -23.22 24.33
N LYS B 11 -29.76 -22.16 25.09
CA LYS B 11 -31.13 -21.73 25.39
C LYS B 11 -31.41 -20.31 24.89
N VAL B 12 -32.51 -20.14 24.17
CA VAL B 12 -32.97 -18.82 23.76
C VAL B 12 -34.40 -18.63 24.18
N GLY B 13 -34.84 -17.38 24.23
CA GLY B 13 -36.22 -17.08 24.58
C GLY B 13 -36.48 -15.59 24.75
N TRP B 14 -37.75 -15.24 24.86
CA TRP B 14 -38.16 -13.86 25.10
C TRP B 14 -38.01 -13.50 26.56
N ILE B 15 -37.48 -12.32 26.82
CA ILE B 15 -37.34 -11.83 28.18
C ILE B 15 -37.85 -10.40 28.31
N GLU B 16 -38.05 -9.97 29.54
CA GLU B 16 -38.40 -8.58 29.80
C GLU B 16 -37.15 -7.89 30.34
N LYS B 17 -36.83 -6.74 29.74
CA LYS B 17 -35.72 -5.91 30.19
C LYS B 17 -36.15 -4.46 30.27
N GLU B 18 -35.42 -3.66 31.04
CA GLU B 18 -35.72 -2.24 31.10
C GLU B 18 -35.25 -1.63 29.79
N LYS B 19 -36.00 -0.62 29.33
CA LYS B 19 -35.62 0.15 28.15
C LYS B 19 -34.35 0.96 28.44
N PRO B 20 -33.31 0.82 27.60
CA PRO B 20 -32.06 1.53 27.85
C PRO B 20 -32.23 3.04 27.71
N ALA B 21 -31.46 3.83 28.45
CA ALA B 21 -31.46 5.29 28.27
C ALA B 21 -30.09 5.75 27.75
N PRO B 22 -30.08 6.84 26.96
CA PRO B 22 -28.86 7.27 26.29
C PRO B 22 -27.97 8.12 27.18
N GLY B 23 -26.66 8.02 26.96
CA GLY B 23 -25.72 9.00 27.48
C GLY B 23 -25.75 10.22 26.59
N PRO B 24 -24.98 11.25 26.94
CA PRO B 24 -24.92 12.51 26.19
C PRO B 24 -24.63 12.29 24.71
N PHE B 25 -23.85 11.26 24.37
CA PHE B 25 -23.44 11.02 22.98
C PHE B 25 -24.21 9.89 22.29
N ASP B 26 -25.17 9.30 22.99
CA ASP B 26 -25.84 8.09 22.53
C ASP B 26 -27.23 8.33 21.94
N ALA B 27 -27.80 7.27 21.38
CA ALA B 27 -29.16 7.27 20.85
C ALA B 27 -29.88 5.99 21.24
N ILE B 28 -31.17 6.11 21.48
CA ILE B 28 -32.05 4.95 21.62
C ILE B 28 -32.80 4.78 20.29
N VAL B 29 -32.78 3.57 19.76
CA VAL B 29 -33.35 3.31 18.45
C VAL B 29 -34.37 2.18 18.54
N ARG B 30 -35.43 2.27 17.72
CA ARG B 30 -36.36 1.16 17.58
C ARG B 30 -36.20 0.52 16.20
N PRO B 31 -36.16 -0.82 16.15
CA PRO B 31 -35.88 -1.51 14.88
C PRO B 31 -37.07 -1.40 13.94
N LEU B 32 -36.81 -1.14 12.66
CA LEU B 32 -37.84 -1.16 11.63
C LEU B 32 -37.72 -2.43 10.79
N ALA B 33 -36.49 -2.93 10.68
CA ALA B 33 -36.20 -4.20 10.04
C ALA B 33 -34.96 -4.83 10.68
N VAL B 34 -34.98 -6.15 10.84
CA VAL B 34 -33.84 -6.87 11.39
C VAL B 34 -33.62 -8.21 10.70
N ALA B 35 -32.44 -8.77 10.92
CA ALA B 35 -32.11 -10.09 10.40
C ALA B 35 -31.19 -10.81 11.38
N PRO B 36 -31.25 -12.15 11.38
CA PRO B 36 -30.39 -13.00 12.21
C PRO B 36 -29.05 -13.29 11.51
N CYS B 37 -28.01 -13.49 12.29
CA CYS B 37 -26.69 -13.82 11.71
C CYS B 37 -26.27 -15.23 12.12
N THR B 38 -25.63 -15.95 11.20
CA THR B 38 -25.03 -17.24 11.52
C THR B 38 -24.18 -17.14 12.79
N SER B 39 -23.50 -16.00 12.97
CA SER B 39 -22.64 -15.81 14.13
C SER B 39 -23.38 -16.03 15.44
N ASP B 40 -24.64 -15.60 15.50
CA ASP B 40 -25.42 -15.76 16.73
C ASP B 40 -25.74 -17.23 17.00
N ILE B 41 -25.91 -18.00 15.94
CA ILE B 41 -26.17 -19.43 16.10
C ILE B 41 -24.97 -20.12 16.78
N HIS B 42 -23.76 -19.80 16.31
CA HIS B 42 -22.52 -20.26 16.94
C HIS B 42 -22.45 -19.86 18.41
N THR B 43 -22.74 -18.61 18.69
CA THR B 43 -22.70 -18.10 20.06
C THR B 43 -23.64 -18.89 20.96
N VAL B 44 -24.86 -19.09 20.50
CA VAL B 44 -25.87 -19.67 21.37
C VAL B 44 -25.71 -21.19 21.55
N PHE B 45 -25.40 -21.90 20.47
CA PHE B 45 -25.42 -23.36 20.52
C PHE B 45 -24.03 -24.01 20.56
N GLU B 46 -22.98 -23.20 20.45
CA GLU B 46 -21.62 -23.70 20.49
C GLU B 46 -20.75 -22.94 21.49
N GLY B 47 -21.35 -21.96 22.18
CA GLY B 47 -20.62 -21.14 23.13
C GLY B 47 -19.31 -20.61 22.57
N ALA B 48 -19.35 -20.10 21.35
CA ALA B 48 -18.14 -19.68 20.64
C ALA B 48 -17.52 -18.37 21.13
N ILE B 49 -18.25 -17.63 21.95
CA ILE B 49 -17.69 -16.42 22.56
C ILE B 49 -17.86 -16.44 24.06
N GLY B 50 -18.07 -17.64 24.60
CA GLY B 50 -18.25 -17.80 26.02
C GLY B 50 -19.72 -17.83 26.36
N GLU B 51 -20.03 -18.10 27.62
CA GLU B 51 -21.41 -18.14 28.06
C GLU B 51 -21.94 -16.73 28.22
N ARG B 52 -23.26 -16.58 28.09
CA ARG B 52 -23.93 -15.31 28.31
C ARG B 52 -25.21 -15.56 29.10
N HIS B 53 -25.70 -14.52 29.76
CA HIS B 53 -26.93 -14.61 30.52
C HIS B 53 -27.87 -13.47 30.12
N ASN B 54 -29.05 -13.83 29.62
CA ASN B 54 -30.05 -12.85 29.21
C ASN B 54 -29.48 -11.72 28.35
N MET B 55 -28.73 -12.09 27.32
CA MET B 55 -28.23 -11.12 26.38
C MET B 55 -29.11 -11.12 25.12
N ILE B 56 -29.76 -9.99 24.87
CA ILE B 56 -30.59 -9.83 23.67
C ILE B 56 -29.75 -10.11 22.40
N LEU B 57 -30.30 -10.93 21.51
CA LEU B 57 -29.57 -11.34 20.31
C LEU B 57 -29.69 -10.32 19.16
N GLY B 58 -28.98 -10.59 18.08
CA GLY B 58 -29.10 -9.82 16.85
C GLY B 58 -28.24 -8.57 16.78
N HIS B 59 -27.79 -8.25 15.57
CA HIS B 59 -26.95 -7.08 15.38
C HIS B 59 -27.04 -6.57 13.95
N GLU B 60 -28.16 -6.84 13.30
CA GLU B 60 -28.40 -6.24 11.99
C GLU B 60 -29.76 -5.55 11.97
N ALA B 61 -29.76 -4.22 11.95
CA ALA B 61 -31.00 -3.48 12.04
C ALA B 61 -31.00 -2.22 11.21
N VAL B 62 -32.16 -1.90 10.66
CA VAL B 62 -32.50 -0.58 10.20
C VAL B 62 -33.49 -0.11 11.26
N GLY B 63 -33.38 1.15 11.69
CA GLY B 63 -34.13 1.59 12.84
C GLY B 63 -34.62 3.03 12.77
N GLU B 64 -35.40 3.42 13.77
CA GLU B 64 -35.89 4.78 13.86
C GLU B 64 -35.39 5.30 15.18
N VAL B 65 -34.69 6.43 15.12
CA VAL B 65 -34.18 7.02 16.35
C VAL B 65 -35.38 7.48 17.16
N VAL B 66 -35.41 7.12 18.44
CA VAL B 66 -36.49 7.63 19.30
C VAL B 66 -36.00 8.59 20.37
N GLU B 67 -34.71 8.58 20.66
CA GLU B 67 -34.18 9.45 21.70
C GLU B 67 -32.67 9.62 21.51
N VAL B 68 -32.18 10.84 21.77
CA VAL B 68 -30.76 11.14 21.66
C VAL B 68 -30.31 11.91 22.89
N GLY B 69 -29.05 11.72 23.25
CA GLY B 69 -28.46 12.45 24.35
C GLY B 69 -28.21 13.89 23.96
N SER B 70 -27.96 14.72 24.97
CA SER B 70 -27.75 16.15 24.79
C SER B 70 -26.62 16.57 23.84
N GLU B 71 -25.62 15.71 23.64
CA GLU B 71 -24.48 16.07 22.78
C GLU B 71 -24.61 15.57 21.34
N VAL B 72 -25.72 14.90 21.03
CA VAL B 72 -25.93 14.38 19.70
C VAL B 72 -26.38 15.47 18.74
N LYS B 73 -25.70 15.57 17.59
CA LYS B 73 -25.88 16.70 16.68
C LYS B 73 -26.55 16.35 15.35
N ASP B 74 -26.28 15.16 14.82
CA ASP B 74 -26.70 14.84 13.45
C ASP B 74 -27.94 13.92 13.37
N PHE B 75 -28.40 13.44 14.53
CA PHE B 75 -29.58 12.57 14.54
C PHE B 75 -30.61 13.01 15.58
N LYS B 76 -31.88 12.82 15.24
CA LYS B 76 -32.97 13.25 16.09
C LYS B 76 -34.11 12.23 16.04
N PRO B 77 -34.97 12.22 17.06
CA PRO B 77 -36.14 11.32 17.07
C PRO B 77 -36.85 11.39 15.73
N GLY B 78 -37.17 10.22 15.16
CA GLY B 78 -37.85 10.17 13.89
C GLY B 78 -36.92 9.86 12.72
N ASP B 79 -35.62 10.08 12.91
CA ASP B 79 -34.68 9.76 11.83
C ASP B 79 -34.67 8.26 11.57
N ARG B 80 -34.80 7.89 10.29
CA ARG B 80 -34.61 6.52 9.88
C ARG B 80 -33.13 6.32 9.59
N VAL B 81 -32.54 5.28 10.18
CA VAL B 81 -31.10 5.10 10.08
C VAL B 81 -30.67 3.65 9.82
N VAL B 82 -29.53 3.50 9.16
CA VAL B 82 -28.86 2.21 9.08
C VAL B 82 -27.88 2.12 10.25
N VAL B 83 -28.01 1.05 11.03
CA VAL B 83 -27.16 0.78 12.18
C VAL B 83 -26.10 -0.28 11.82
N PRO B 84 -24.81 0.06 11.93
CA PRO B 84 -23.78 -0.95 11.59
C PRO B 84 -23.70 -1.98 12.70
N ALA B 85 -23.38 -3.21 12.35
CA ALA B 85 -23.23 -4.26 13.35
C ALA B 85 -22.07 -3.93 14.29
N ILE B 86 -21.08 -3.24 13.77
CA ILE B 86 -19.94 -2.82 14.57
C ILE B 86 -20.09 -1.35 14.98
N THR B 87 -20.16 -1.09 16.29
CA THR B 87 -20.30 0.28 16.79
C THR B 87 -19.21 0.59 17.81
N PRO B 88 -18.01 0.95 17.33
CA PRO B 88 -16.84 1.09 18.20
C PRO B 88 -16.91 2.29 19.13
N ASP B 89 -16.20 2.19 20.24
CA ASP B 89 -15.83 3.37 20.99
C ASP B 89 -14.75 4.06 20.16
N TRP B 90 -14.97 5.32 19.82
CA TRP B 90 -14.09 5.94 18.82
C TRP B 90 -12.82 6.58 19.39
N ARG B 91 -12.76 6.75 20.70
CA ARG B 91 -11.66 7.49 21.29
C ARG B 91 -10.71 6.55 22.02
N THR B 92 -9.96 5.77 21.24
CA THR B 92 -9.07 4.75 21.77
C THR B 92 -7.80 4.67 20.94
N SER B 93 -6.77 4.05 21.52
CA SER B 93 -5.51 3.82 20.83
C SER B 93 -5.68 3.01 19.55
N GLU B 94 -6.52 1.98 19.57
CA GLU B 94 -6.77 1.19 18.36
C GLU B 94 -7.30 2.05 17.22
N VAL B 95 -8.15 3.01 17.54
CA VAL B 95 -8.63 3.96 16.54
C VAL B 95 -7.48 4.78 15.96
N GLN B 96 -6.63 5.30 16.84
CA GLN B 96 -5.46 6.04 16.39
C GLN B 96 -4.54 5.15 15.55
N ARG B 97 -4.52 3.85 15.85
CA ARG B 97 -3.74 2.88 15.07
C ARG B 97 -4.41 2.51 13.75
N GLY B 98 -5.65 2.95 13.54
CA GLY B 98 -6.37 2.64 12.32
C GLY B 98 -7.23 1.38 12.32
N TYR B 99 -7.56 0.85 13.51
CA TYR B 99 -8.36 -0.37 13.62
C TYR B 99 -9.53 -0.24 14.59
N HIS B 100 -10.57 0.48 14.18
CA HIS B 100 -11.73 0.64 15.05
C HIS B 100 -12.39 -0.70 15.43
N GLN B 101 -12.32 -1.69 14.56
CA GLN B 101 -12.96 -3.00 14.85
C GLN B 101 -12.45 -3.56 16.17
N HIS B 102 -11.26 -3.11 16.56
CA HIS B 102 -10.57 -3.65 17.74
C HIS B 102 -10.41 -2.60 18.84
N SER B 103 -11.28 -1.61 18.79
CA SER B 103 -11.26 -0.53 19.76
C SER B 103 -11.63 -1.01 21.15
N GLY B 104 -10.61 -1.11 22.00
CA GLY B 104 -10.80 -1.53 23.38
C GLY B 104 -10.49 -3.00 23.57
N GLY B 105 -9.97 -3.64 22.53
CA GLY B 105 -9.71 -5.06 22.61
C GLY B 105 -10.11 -5.80 21.35
N MET B 106 -9.61 -7.02 21.21
CA MET B 106 -9.84 -7.81 20.02
C MET B 106 -11.36 -7.99 19.76
N LEU B 107 -11.81 -7.53 18.60
CA LEU B 107 -13.24 -7.57 18.21
C LEU B 107 -14.17 -6.67 19.05
N ALA B 108 -13.61 -5.84 19.91
CA ALA B 108 -14.44 -5.04 20.84
C ALA B 108 -15.30 -3.99 20.14
N GLY B 109 -14.98 -3.69 18.88
CA GLY B 109 -15.82 -2.84 18.07
C GLY B 109 -17.20 -3.48 17.81
N TRP B 110 -17.26 -4.81 17.88
CA TRP B 110 -18.53 -5.53 17.72
C TRP B 110 -19.17 -5.68 19.10
N LYS B 111 -20.17 -4.83 19.36
CA LYS B 111 -20.84 -4.83 20.66
C LYS B 111 -22.13 -5.65 20.68
N PHE B 112 -23.10 -5.27 19.84
CA PHE B 112 -24.40 -5.93 19.75
C PHE B 112 -24.32 -7.46 19.74
N SER B 113 -24.93 -8.12 20.73
CA SER B 113 -24.98 -9.60 20.81
C SER B 113 -23.61 -10.25 21.00
N ASN B 114 -22.63 -9.41 21.34
CA ASN B 114 -21.32 -9.90 21.77
C ASN B 114 -21.08 -9.54 23.23
N VAL B 115 -20.93 -8.25 23.50
CA VAL B 115 -20.77 -7.77 24.87
C VAL B 115 -21.89 -6.80 25.24
N LYS B 116 -22.88 -6.66 24.35
CA LYS B 116 -23.94 -5.69 24.55
C LYS B 116 -25.26 -6.22 24.01
N ASP B 117 -26.35 -5.89 24.70
CA ASP B 117 -27.68 -6.22 24.21
C ASP B 117 -27.84 -5.82 22.76
N GLY B 118 -28.27 -6.78 21.93
CA GLY B 118 -28.44 -6.55 20.51
C GLY B 118 -29.79 -5.98 20.08
N VAL B 119 -30.08 -6.08 18.79
CA VAL B 119 -31.14 -5.30 18.19
C VAL B 119 -32.52 -5.99 18.23
N PHE B 120 -32.55 -7.27 18.62
CA PHE B 120 -33.79 -8.01 18.70
C PHE B 120 -34.62 -7.57 19.92
N GLY B 121 -34.84 -6.27 20.06
CA GLY B 121 -35.60 -5.74 21.18
C GLY B 121 -36.52 -4.63 20.72
N GLU B 122 -37.50 -4.24 21.55
CA GLU B 122 -38.40 -3.15 21.19
C GLU B 122 -37.59 -1.85 21.02
N PHE B 123 -36.55 -1.71 21.83
CA PHE B 123 -35.57 -0.64 21.66
C PHE B 123 -34.16 -1.20 21.85
N PHE B 124 -33.18 -0.48 21.33
CA PHE B 124 -31.79 -0.79 21.63
C PHE B 124 -30.96 0.51 21.71
N HIS B 125 -29.73 0.36 22.19
CA HIS B 125 -28.84 1.48 22.51
C HIS B 125 -27.70 1.55 21.48
N VAL B 126 -27.51 2.70 20.86
CA VAL B 126 -26.37 2.88 19.98
C VAL B 126 -25.41 3.88 20.61
N ASN B 127 -24.19 3.44 20.93
CA ASN B 127 -23.21 4.36 21.49
C ASN B 127 -22.69 5.29 20.42
N ASP B 128 -22.48 6.55 20.79
CA ASP B 128 -21.91 7.54 19.89
C ASP B 128 -22.69 7.63 18.58
N ALA B 129 -23.89 8.18 18.67
CA ALA B 129 -24.79 8.26 17.53
C ALA B 129 -24.16 8.95 16.31
N ASP B 130 -23.49 10.08 16.52
CA ASP B 130 -22.93 10.84 15.40
C ASP B 130 -21.83 10.11 14.63
N MET B 131 -21.07 9.27 15.35
CA MET B 131 -19.97 8.52 14.73
C MET B 131 -20.47 7.16 14.23
N ASN B 132 -21.57 6.68 14.79
CA ASN B 132 -21.98 5.29 14.56
C ASN B 132 -23.30 5.06 13.80
N LEU B 133 -24.10 6.10 13.57
CA LEU B 133 -25.32 5.97 12.76
C LEU B 133 -25.17 6.57 11.37
N ALA B 134 -26.00 6.11 10.44
CA ALA B 134 -26.07 6.70 9.10
C ALA B 134 -27.52 6.85 8.65
N HIS B 135 -27.84 7.97 8.01
CA HIS B 135 -29.18 8.22 7.49
C HIS B 135 -29.55 7.29 6.32
N LEU B 136 -30.77 6.78 6.35
CA LEU B 136 -31.22 5.84 5.33
C LEU B 136 -32.00 6.59 4.27
N PRO B 137 -31.51 6.58 3.03
CA PRO B 137 -32.32 7.24 1.99
C PRO B 137 -33.65 6.50 1.80
N LYS B 138 -34.71 7.28 1.60
CA LYS B 138 -36.07 6.76 1.47
C LYS B 138 -36.18 5.83 0.27
N GLU B 139 -35.33 6.06 -0.72
CA GLU B 139 -35.37 5.25 -1.95
C GLU B 139 -34.85 3.81 -1.80
N ILE B 140 -34.29 3.47 -0.64
CA ILE B 140 -33.82 2.09 -0.46
C ILE B 140 -34.76 1.28 0.43
N PRO B 141 -35.34 0.21 -0.12
CA PRO B 141 -36.24 -0.69 0.63
C PRO B 141 -35.59 -1.21 1.90
N LEU B 142 -36.39 -1.42 2.94
CA LEU B 142 -35.86 -1.86 4.22
C LEU B 142 -35.10 -3.17 4.10
N GLU B 143 -35.62 -4.11 3.30
CA GLU B 143 -35.02 -5.43 3.25
C GLU B 143 -33.65 -5.40 2.59
N ALA B 144 -33.46 -4.52 1.62
CA ALA B 144 -32.16 -4.37 1.03
C ALA B 144 -31.25 -3.68 2.05
N ALA B 145 -31.75 -2.61 2.65
CA ALA B 145 -30.98 -1.80 3.60
C ALA B 145 -30.43 -2.60 4.77
N VAL B 146 -31.18 -3.61 5.22
CA VAL B 146 -30.75 -4.38 6.37
C VAL B 146 -29.65 -5.40 6.03
N MET B 147 -29.31 -5.52 4.75
CA MET B 147 -28.16 -6.35 4.33
C MET B 147 -26.84 -5.58 4.49
N ILE B 148 -26.94 -4.28 4.73
CA ILE B 148 -25.76 -3.41 4.78
C ILE B 148 -24.94 -3.51 6.07
N PRO B 149 -25.61 -3.51 7.23
CA PRO B 149 -24.95 -3.57 8.55
C PRO B 149 -23.89 -4.66 8.73
N ASP B 150 -24.00 -5.75 7.99
CA ASP B 150 -23.17 -6.93 8.26
C ASP B 150 -22.81 -7.69 6.99
N MET B 151 -23.82 -8.15 6.28
CA MET B 151 -23.55 -8.98 5.11
C MET B 151 -22.67 -8.25 4.10
N MET B 152 -23.08 -7.05 3.72
CA MET B 152 -22.35 -6.33 2.69
C MET B 152 -20.96 -5.85 3.19
N THR B 153 -20.90 -5.25 4.38
CA THR B 153 -19.62 -4.78 4.91
C THR B 153 -18.63 -5.94 5.13
N THR B 154 -19.12 -7.08 5.59
CA THR B 154 -18.29 -8.27 5.78
C THR B 154 -17.82 -8.82 4.43
N GLY B 155 -18.77 -9.11 3.56
CA GLY B 155 -18.45 -9.61 2.24
C GLY B 155 -17.47 -8.69 1.52
N PHE B 156 -17.75 -7.39 1.55
CA PHE B 156 -16.93 -6.43 0.83
C PHE B 156 -15.54 -6.30 1.45
N HIS B 157 -15.47 -6.42 2.77
CA HIS B 157 -14.19 -6.40 3.46
C HIS B 157 -13.32 -7.57 3.00
N GLY B 158 -13.97 -8.69 2.70
CA GLY B 158 -13.25 -9.84 2.14
C GLY B 158 -12.57 -9.46 0.85
N ALA B 159 -13.28 -8.74 -0.02
CA ALA B 159 -12.68 -8.27 -1.27
C ALA B 159 -11.64 -7.16 -1.05
N GLU B 160 -11.86 -6.31 -0.04
CA GLU B 160 -10.88 -5.26 0.25
C GLU B 160 -9.54 -5.82 0.77
N LEU B 161 -9.60 -6.71 1.77
CA LEU B 161 -8.40 -7.35 2.27
C LEU B 161 -7.68 -8.14 1.18
N ALA B 162 -8.45 -8.72 0.26
CA ALA B 162 -7.86 -9.49 -0.85
C ALA B 162 -6.97 -8.67 -1.79
N ASP B 163 -7.08 -7.34 -1.73
CA ASP B 163 -6.23 -6.47 -2.52
C ASP B 163 -6.18 -6.91 -3.99
N ILE B 164 -7.35 -6.96 -4.61
CA ILE B 164 -7.54 -7.58 -5.91
C ILE B 164 -6.98 -6.75 -7.05
N GLU B 165 -6.36 -7.39 -8.03
CA GLU B 165 -5.88 -6.68 -9.20
C GLU B 165 -6.92 -6.79 -10.32
N MET B 166 -7.02 -5.77 -11.16
CA MET B 166 -8.03 -5.81 -12.22
C MET B 166 -7.80 -6.96 -13.19
N GLY B 167 -8.84 -7.76 -13.40
CA GLY B 167 -8.79 -8.86 -14.35
C GLY B 167 -8.26 -10.14 -13.75
N SER B 168 -7.90 -10.10 -12.47
CA SER B 168 -7.31 -11.27 -11.86
C SER B 168 -8.42 -12.27 -11.48
N SER B 169 -8.03 -13.51 -11.21
CA SER B 169 -8.98 -14.57 -10.91
C SER B 169 -9.12 -14.65 -9.41
N VAL B 170 -10.36 -14.84 -8.95
CA VAL B 170 -10.66 -14.91 -7.53
C VAL B 170 -11.54 -16.13 -7.25
N VAL B 171 -11.24 -16.85 -6.17
CA VAL B 171 -12.10 -17.92 -5.74
C VAL B 171 -12.75 -17.48 -4.44
N VAL B 172 -14.06 -17.65 -4.34
CA VAL B 172 -14.73 -17.38 -3.09
C VAL B 172 -15.29 -18.69 -2.55
N ILE B 173 -14.79 -19.12 -1.39
CA ILE B 173 -15.17 -20.40 -0.82
C ILE B 173 -16.32 -20.21 0.16
N GLY B 174 -17.49 -20.75 -0.20
CA GLY B 174 -18.69 -20.54 0.59
C GLY B 174 -19.54 -19.47 -0.07
N ILE B 175 -20.78 -19.84 -0.41
CA ILE B 175 -21.68 -18.92 -1.07
C ILE B 175 -22.99 -18.74 -0.31
N GLY B 176 -22.91 -18.65 1.01
CA GLY B 176 -23.99 -18.12 1.80
C GLY B 176 -24.00 -16.60 1.64
N ALA B 177 -24.81 -15.90 2.43
CA ALA B 177 -24.95 -14.46 2.28
C ALA B 177 -23.59 -13.74 2.23
N VAL B 178 -22.70 -14.04 3.16
CA VAL B 178 -21.41 -13.34 3.17
C VAL B 178 -20.57 -13.58 1.91
N GLY B 179 -20.54 -14.84 1.46
CA GLY B 179 -19.74 -15.21 0.30
C GLY B 179 -20.29 -14.60 -0.97
N LEU B 180 -21.61 -14.49 -1.04
CA LEU B 180 -22.29 -13.87 -2.18
C LEU B 180 -21.89 -12.41 -2.26
N MET B 181 -21.85 -11.74 -1.11
CA MET B 181 -21.34 -10.38 -1.04
C MET B 181 -19.82 -10.34 -1.31
N GLY B 182 -19.12 -11.42 -0.97
CA GLY B 182 -17.70 -11.54 -1.32
C GLY B 182 -17.57 -11.54 -2.82
N ILE B 183 -18.49 -12.24 -3.47
CA ILE B 183 -18.47 -12.38 -4.92
C ILE B 183 -18.72 -11.01 -5.53
N ALA B 184 -19.75 -10.34 -5.01
CA ALA B 184 -20.14 -9.02 -5.50
C ALA B 184 -19.00 -8.01 -5.27
N GLY B 185 -18.42 -8.07 -4.08
CA GLY B 185 -17.29 -7.19 -3.75
C GLY B 185 -16.11 -7.42 -4.69
N ALA B 186 -15.85 -8.69 -5.02
CA ALA B 186 -14.72 -9.00 -5.87
C ALA B 186 -14.98 -8.44 -7.26
N LYS B 187 -16.22 -8.53 -7.72
CA LYS B 187 -16.54 -8.01 -9.04
C LYS B 187 -16.38 -6.49 -9.02
N LEU B 188 -16.86 -5.85 -7.96
CA LEU B 188 -16.69 -4.43 -7.81
C LEU B 188 -15.23 -4.00 -7.62
N ARG B 189 -14.31 -4.93 -7.34
CA ARG B 189 -12.90 -4.55 -7.30
C ARG B 189 -12.23 -4.83 -8.63
N GLY B 190 -13.04 -5.22 -9.62
CA GLY B 190 -12.54 -5.46 -10.97
C GLY B 190 -11.97 -6.86 -11.22
N ALA B 191 -12.38 -7.85 -10.45
CA ALA B 191 -11.95 -9.22 -10.79
C ALA B 191 -12.43 -9.66 -12.16
N GLY B 192 -11.61 -10.47 -12.83
CA GLY B 192 -12.00 -11.11 -14.08
C GLY B 192 -12.82 -12.35 -13.77
N ARG B 193 -12.17 -13.51 -13.77
CA ARG B 193 -12.86 -14.75 -13.46
C ARG B 193 -13.18 -14.82 -11.97
N ILE B 194 -14.44 -15.08 -11.64
CA ILE B 194 -14.79 -15.29 -10.24
C ILE B 194 -15.38 -16.68 -10.06
N ILE B 195 -14.76 -17.47 -9.18
CA ILE B 195 -15.13 -18.86 -9.02
C ILE B 195 -15.73 -19.05 -7.64
N GLY B 196 -17.02 -19.35 -7.60
CA GLY B 196 -17.73 -19.52 -6.34
C GLY B 196 -17.78 -20.98 -5.97
N VAL B 197 -17.70 -21.27 -4.66
CA VAL B 197 -17.70 -22.64 -4.19
C VAL B 197 -18.86 -22.92 -3.26
N GLY B 198 -19.80 -23.74 -3.72
CA GLY B 198 -20.96 -24.14 -2.94
C GLY B 198 -21.88 -25.03 -3.74
N SER B 199 -22.94 -25.54 -3.13
CA SER B 199 -23.81 -26.52 -3.81
C SER B 199 -25.34 -26.24 -3.77
N ARG B 200 -25.80 -25.56 -2.72
CA ARG B 200 -27.21 -25.20 -2.59
C ARG B 200 -27.70 -24.36 -3.76
N PRO B 201 -28.67 -24.88 -4.52
CA PRO B 201 -29.20 -24.33 -5.76
C PRO B 201 -29.54 -22.85 -5.66
N ILE B 202 -30.19 -22.46 -4.57
CA ILE B 202 -30.62 -21.07 -4.44
C ILE B 202 -29.40 -20.16 -4.29
N CYS B 203 -28.40 -20.62 -3.54
CA CYS B 203 -27.15 -19.87 -3.41
C CYS B 203 -26.41 -19.88 -4.73
N VAL B 204 -26.49 -20.99 -5.44
CA VAL B 204 -25.83 -21.10 -6.75
C VAL B 204 -26.35 -20.06 -7.75
N GLU B 205 -27.66 -19.87 -7.80
CA GLU B 205 -28.23 -18.87 -8.71
C GLU B 205 -27.86 -17.46 -8.28
N ALA B 206 -27.90 -17.21 -6.97
CA ALA B 206 -27.53 -15.91 -6.47
C ALA B 206 -26.05 -15.60 -6.79
N ALA B 207 -25.19 -16.62 -6.72
CA ALA B 207 -23.76 -16.42 -6.98
C ALA B 207 -23.56 -15.95 -8.39
N LYS B 208 -24.28 -16.58 -9.30
CA LYS B 208 -24.29 -16.18 -10.71
C LYS B 208 -24.78 -14.75 -10.84
N PHE B 209 -25.84 -14.42 -10.12
CA PHE B 209 -26.44 -13.08 -10.19
C PHE B 209 -25.41 -12.03 -9.80
N TYR B 210 -24.65 -12.32 -8.76
CA TYR B 210 -23.67 -11.37 -8.25
C TYR B 210 -22.30 -11.38 -8.98
N GLY B 211 -22.15 -12.25 -9.99
CA GLY B 211 -20.97 -12.20 -10.83
C GLY B 211 -20.07 -13.43 -10.95
N ALA B 212 -20.44 -14.55 -10.33
CA ALA B 212 -19.63 -15.77 -10.49
C ALA B 212 -19.66 -16.22 -11.94
N THR B 213 -18.49 -16.54 -12.48
CA THR B 213 -18.39 -17.09 -13.83
C THR B 213 -18.37 -18.62 -13.77
N ASP B 214 -18.07 -19.16 -12.59
CA ASP B 214 -17.98 -20.60 -12.41
C ASP B 214 -18.44 -20.91 -11.02
N ILE B 215 -19.13 -22.04 -10.87
CA ILE B 215 -19.58 -22.51 -9.57
C ILE B 215 -19.08 -23.93 -9.40
N LEU B 216 -18.29 -24.15 -8.37
CA LEU B 216 -17.70 -25.45 -8.10
C LEU B 216 -18.40 -26.11 -6.94
N ASN B 217 -18.60 -27.41 -7.09
CA ASN B 217 -19.36 -28.19 -6.14
C ASN B 217 -18.42 -29.31 -5.77
N TYR B 218 -18.26 -29.58 -4.48
CA TYR B 218 -17.36 -30.63 -4.03
C TYR B 218 -17.75 -32.01 -4.60
N LYS B 219 -19.02 -32.20 -4.94
CA LYS B 219 -19.47 -33.48 -5.48
C LYS B 219 -18.79 -33.79 -6.81
N ASN B 220 -18.15 -32.78 -7.40
CA ASN B 220 -17.43 -32.98 -8.66
C ASN B 220 -15.93 -33.15 -8.50
N GLY B 221 -15.47 -33.45 -7.28
CA GLY B 221 -14.05 -33.67 -7.03
C GLY B 221 -13.49 -32.72 -5.98
N HIS B 222 -12.25 -32.94 -5.57
CA HIS B 222 -11.63 -32.06 -4.59
C HIS B 222 -11.56 -30.64 -5.17
N ILE B 223 -11.97 -29.65 -4.37
CA ILE B 223 -12.04 -28.26 -4.84
C ILE B 223 -10.72 -27.80 -5.49
N VAL B 224 -9.61 -28.07 -4.82
CA VAL B 224 -8.28 -27.77 -5.35
C VAL B 224 -8.06 -28.41 -6.74
N ASP B 225 -8.31 -29.71 -6.85
CA ASP B 225 -8.21 -30.39 -8.15
C ASP B 225 -9.00 -29.67 -9.22
N GLN B 226 -10.24 -29.30 -8.88
CA GLN B 226 -11.12 -28.60 -9.80
C GLN B 226 -10.58 -27.22 -10.20
N VAL B 227 -10.07 -26.47 -9.24
CA VAL B 227 -9.46 -25.18 -9.56
C VAL B 227 -8.21 -25.37 -10.44
N MET B 228 -7.38 -26.35 -10.09
CA MET B 228 -6.23 -26.62 -10.92
C MET B 228 -6.66 -26.99 -12.34
N LYS B 229 -7.75 -27.73 -12.45
CA LYS B 229 -8.26 -28.10 -13.77
C LYS B 229 -8.79 -26.88 -14.53
N LEU B 230 -9.57 -26.04 -13.86
CA LEU B 230 -10.12 -24.84 -14.51
C LEU B 230 -9.03 -23.89 -14.96
N THR B 231 -7.89 -23.91 -14.26
CA THR B 231 -6.84 -22.91 -14.52
C THR B 231 -5.64 -23.57 -15.15
N ASN B 232 -5.88 -24.77 -15.68
CA ASN B 232 -4.83 -25.58 -16.27
C ASN B 232 -3.54 -25.62 -15.44
N GLY B 233 -3.66 -25.93 -14.15
CA GLY B 233 -2.50 -26.06 -13.27
C GLY B 233 -1.93 -24.76 -12.69
N LYS B 234 -2.45 -23.62 -13.12
CA LYS B 234 -1.84 -22.34 -12.74
C LYS B 234 -2.32 -21.79 -11.39
N GLY B 235 -3.51 -22.23 -10.96
CA GLY B 235 -4.11 -21.70 -9.75
C GLY B 235 -4.66 -20.30 -9.94
N VAL B 236 -5.11 -19.66 -8.85
CA VAL B 236 -5.79 -18.38 -8.93
C VAL B 236 -5.04 -17.29 -8.15
N ASP B 237 -5.32 -16.04 -8.46
CA ASP B 237 -4.61 -14.92 -7.84
C ASP B 237 -5.05 -14.67 -6.38
N ARG B 238 -6.32 -14.91 -6.08
CA ARG B 238 -6.84 -14.55 -4.77
C ARG B 238 -7.87 -15.54 -4.27
N VAL B 239 -7.90 -15.76 -2.97
CA VAL B 239 -8.97 -16.56 -2.39
C VAL B 239 -9.59 -15.82 -1.21
N ILE B 240 -10.91 -15.76 -1.21
CA ILE B 240 -11.66 -15.22 -0.10
C ILE B 240 -12.37 -16.36 0.59
N MET B 241 -12.09 -16.56 1.87
CA MET B 241 -12.67 -17.64 2.63
C MET B 241 -13.89 -17.10 3.37
N ALA B 242 -15.07 -17.58 2.97
CA ALA B 242 -16.32 -17.03 3.46
C ALA B 242 -17.23 -18.09 4.10
N GLY B 243 -16.76 -19.34 4.12
CA GLY B 243 -17.54 -20.41 4.68
C GLY B 243 -16.83 -21.73 4.60
N GLY B 244 -17.42 -22.76 5.22
CA GLY B 244 -16.82 -24.09 5.29
C GLY B 244 -16.04 -24.21 6.59
N GLY B 245 -15.44 -25.37 6.83
CA GLY B 245 -14.63 -25.57 8.01
C GLY B 245 -13.25 -24.95 7.82
N SER B 246 -12.40 -25.07 8.83
CA SER B 246 -11.05 -24.50 8.78
C SER B 246 -10.14 -25.22 7.77
N GLU B 247 -10.62 -26.35 7.21
CA GLU B 247 -9.88 -27.04 6.16
C GLU B 247 -9.93 -26.25 4.85
N THR B 248 -10.82 -25.26 4.80
CA THR B 248 -10.82 -24.30 3.69
C THR B 248 -9.50 -23.52 3.62
N LEU B 249 -8.86 -23.26 4.76
CA LEU B 249 -7.55 -22.59 4.75
C LEU B 249 -6.54 -23.37 3.92
N SER B 250 -6.45 -24.67 4.15
CA SER B 250 -5.52 -25.48 3.39
C SER B 250 -5.86 -25.48 1.89
N GLN B 251 -7.15 -25.60 1.60
CA GLN B 251 -7.60 -25.57 0.23
C GLN B 251 -7.18 -24.24 -0.40
N ALA B 252 -7.38 -23.16 0.33
CA ALA B 252 -7.05 -21.83 -0.20
C ALA B 252 -5.54 -21.72 -0.46
N VAL B 253 -4.73 -22.16 0.49
CA VAL B 253 -3.28 -22.12 0.28
C VAL B 253 -2.88 -22.91 -0.95
N LYS B 254 -3.45 -24.10 -1.10
CA LYS B 254 -3.09 -24.98 -2.20
C LYS B 254 -3.54 -24.45 -3.56
N MET B 255 -4.61 -23.66 -3.58
CA MET B 255 -5.10 -23.17 -4.87
C MET B 255 -4.55 -21.79 -5.30
N VAL B 256 -4.06 -20.97 -4.36
CA VAL B 256 -3.58 -19.63 -4.75
C VAL B 256 -2.20 -19.73 -5.31
N LYS B 257 -1.88 -18.83 -6.22
CA LYS B 257 -0.53 -18.68 -6.72
C LYS B 257 0.42 -18.16 -5.63
N PRO B 258 1.71 -18.52 -5.74
CA PRO B 258 2.77 -17.84 -5.01
C PRO B 258 2.60 -16.34 -5.21
N GLY B 259 2.67 -15.54 -4.15
CA GLY B 259 2.52 -14.10 -4.27
C GLY B 259 1.05 -13.69 -4.14
N GLY B 260 0.17 -14.69 -4.11
CA GLY B 260 -1.24 -14.44 -3.99
C GLY B 260 -1.59 -14.03 -2.57
N ILE B 261 -2.87 -13.82 -2.34
CA ILE B 261 -3.40 -13.43 -1.04
C ILE B 261 -4.67 -14.24 -0.72
N ILE B 262 -4.80 -14.62 0.54
CA ILE B 262 -5.95 -15.34 1.03
C ILE B 262 -6.61 -14.45 2.06
N SER B 263 -7.87 -14.13 1.84
CA SER B 263 -8.59 -13.21 2.71
C SER B 263 -9.67 -13.94 3.48
N ASN B 264 -9.50 -14.07 4.78
CA ASN B 264 -10.55 -14.71 5.54
C ASN B 264 -11.54 -13.73 6.16
N ILE B 265 -12.83 -13.94 5.89
CA ILE B 265 -13.89 -13.20 6.56
C ILE B 265 -14.82 -14.14 7.31
N ASN B 266 -14.53 -15.43 7.21
CA ASN B 266 -15.30 -16.47 7.88
C ASN B 266 -15.07 -16.48 9.39
N TYR B 267 -16.14 -16.67 10.13
CA TYR B 267 -16.06 -16.82 11.57
C TYR B 267 -15.94 -18.30 11.93
N HIS B 268 -14.74 -18.68 12.36
CA HIS B 268 -14.45 -20.04 12.76
C HIS B 268 -14.77 -20.16 14.23
N GLY B 269 -15.97 -20.66 14.52
CA GLY B 269 -16.45 -20.77 15.89
C GLY B 269 -16.09 -22.08 16.55
N SER B 270 -15.27 -22.88 15.87
CA SER B 270 -14.91 -24.22 16.38
C SER B 270 -13.49 -24.64 16.00
N GLY B 271 -12.88 -25.44 16.88
CA GLY B 271 -11.54 -25.97 16.68
C GLY B 271 -10.51 -25.34 17.60
N ASP B 272 -9.30 -25.90 17.65
CA ASP B 272 -8.23 -25.30 18.43
C ASP B 272 -7.32 -24.44 17.55
N ALA B 273 -7.20 -24.83 16.28
CA ALA B 273 -6.24 -24.22 15.38
C ALA B 273 -6.60 -24.41 13.91
N LEU B 274 -6.27 -23.40 13.10
CA LEU B 274 -6.35 -23.52 11.66
C LEU B 274 -4.98 -23.98 11.17
N LEU B 275 -4.98 -24.81 10.14
CA LEU B 275 -3.76 -25.41 9.64
C LEU B 275 -3.28 -24.86 8.31
N ILE B 276 -2.02 -24.49 8.25
CA ILE B 276 -1.39 -24.09 7.00
C ILE B 276 -0.58 -25.26 6.45
N PRO B 277 -0.93 -25.74 5.24
CA PRO B 277 -0.13 -26.84 4.70
C PRO B 277 1.30 -26.35 4.41
N ARG B 278 2.30 -27.05 4.97
CA ARG B 278 3.67 -26.57 4.94
C ARG B 278 4.23 -26.44 3.53
N VAL B 279 4.25 -27.54 2.81
CA VAL B 279 4.85 -27.56 1.48
C VAL B 279 4.17 -26.54 0.56
N GLU B 280 2.84 -26.50 0.55
CA GLU B 280 2.15 -25.64 -0.41
C GLU B 280 2.24 -24.19 0.00
N TRP B 281 2.64 -23.95 1.24
CA TRP B 281 2.90 -22.59 1.69
C TRP B 281 4.39 -22.28 1.50
N GLY B 282 5.04 -23.00 0.59
CA GLY B 282 6.45 -22.84 0.33
C GLY B 282 7.29 -22.90 1.60
N CYS B 283 6.86 -23.73 2.54
CA CYS B 283 7.54 -23.84 3.82
C CYS B 283 7.78 -22.47 4.45
N GLY B 284 6.91 -21.51 4.15
CA GLY B 284 6.96 -20.17 4.72
C GLY B 284 7.49 -19.09 3.79
N MET B 285 7.69 -19.41 2.51
CA MET B 285 8.42 -18.54 1.61
C MET B 285 7.74 -18.30 0.27
N ALA B 286 6.46 -18.68 0.20
CA ALA B 286 5.68 -18.59 -1.03
C ALA B 286 5.05 -17.22 -1.30
N HIS B 287 5.24 -16.27 -0.37
CA HIS B 287 4.54 -14.99 -0.45
C HIS B 287 3.03 -15.17 -0.58
N LYS B 288 2.50 -16.18 0.10
CA LYS B 288 1.06 -16.39 0.12
C LYS B 288 0.52 -15.78 1.40
N THR B 289 0.14 -14.52 1.30
CA THR B 289 -0.31 -13.76 2.45
C THR B 289 -1.69 -14.22 2.94
N ILE B 290 -1.81 -14.37 4.26
CA ILE B 290 -3.08 -14.73 4.87
C ILE B 290 -3.61 -13.57 5.73
N LYS B 291 -4.76 -13.03 5.33
CA LYS B 291 -5.43 -11.98 6.10
C LYS B 291 -6.75 -12.50 6.69
N GLY B 292 -7.22 -11.83 7.74
CA GLY B 292 -8.50 -12.14 8.36
C GLY B 292 -9.02 -11.02 9.25
N GLY B 293 -10.15 -10.43 8.88
CA GLY B 293 -10.66 -9.31 9.64
C GLY B 293 -12.16 -9.23 9.86
N LEU B 294 -12.55 -8.87 11.07
CA LEU B 294 -13.91 -8.46 11.38
C LEU B 294 -14.31 -7.27 10.49
N CYS B 295 -15.56 -7.25 10.03
CA CYS B 295 -16.04 -6.18 9.15
C CYS B 295 -15.90 -4.79 9.77
N PRO B 296 -15.65 -3.76 8.93
CA PRO B 296 -15.74 -2.37 9.41
C PRO B 296 -17.18 -2.03 9.82
N GLY B 297 -17.32 -1.10 10.76
CA GLY B 297 -18.62 -0.57 11.11
C GLY B 297 -18.55 0.95 11.18
N GLY B 298 -19.40 1.55 11.99
CA GLY B 298 -19.46 2.99 12.10
C GLY B 298 -20.08 3.71 10.92
N ARG B 299 -20.29 5.01 11.07
CA ARG B 299 -21.04 5.81 10.11
C ARG B 299 -20.48 5.87 8.68
N LEU B 300 -19.19 6.16 8.54
CA LEU B 300 -18.57 6.23 7.21
C LEU B 300 -18.82 4.94 6.41
N ARG B 301 -18.57 3.80 7.04
CA ARG B 301 -18.72 2.51 6.38
C ARG B 301 -20.16 2.37 5.86
N MET B 302 -21.12 2.64 6.74
CA MET B 302 -22.53 2.57 6.36
C MET B 302 -22.84 3.52 5.20
N GLU B 303 -22.34 4.74 5.29
CA GLU B 303 -22.60 5.75 4.25
C GLU B 303 -21.98 5.36 2.90
N ARG B 304 -20.82 4.72 2.92
CA ARG B 304 -20.21 4.26 1.67
C ARG B 304 -21.00 3.15 1.03
N LEU B 305 -21.39 2.16 1.83
CA LEU B 305 -22.21 1.06 1.35
C LEU B 305 -23.57 1.56 0.86
N ILE B 306 -24.14 2.53 1.57
CA ILE B 306 -25.42 3.09 1.16
C ILE B 306 -25.31 3.68 -0.25
N ASP B 307 -24.22 4.40 -0.51
CA ASP B 307 -23.98 4.94 -1.85
C ASP B 307 -23.91 3.86 -2.91
N LEU B 308 -23.24 2.76 -2.60
CA LEU B 308 -23.17 1.62 -3.51
C LEU B 308 -24.57 1.04 -3.80
N VAL B 309 -25.41 0.91 -2.78
CA VAL B 309 -26.79 0.49 -3.01
C VAL B 309 -27.57 1.58 -3.76
N PHE B 310 -27.41 2.82 -3.32
CA PHE B 310 -28.20 3.93 -3.87
C PHE B 310 -27.94 4.11 -5.37
N TYR B 311 -26.67 4.05 -5.76
CA TYR B 311 -26.29 4.23 -7.16
C TYR B 311 -26.29 2.91 -7.93
N LYS B 312 -26.85 1.89 -7.30
CA LYS B 312 -27.11 0.63 -7.99
C LYS B 312 -25.85 -0.12 -8.39
N ARG B 313 -24.80 -0.03 -7.58
CA ARG B 313 -23.59 -0.80 -7.88
C ARG B 313 -23.77 -2.26 -7.46
N VAL B 314 -24.60 -2.49 -6.45
CA VAL B 314 -24.93 -3.83 -5.99
C VAL B 314 -26.41 -3.86 -5.58
N ASP B 315 -27.08 -5.00 -5.75
CA ASP B 315 -28.48 -5.15 -5.33
C ASP B 315 -28.59 -6.25 -4.28
N PRO B 316 -28.51 -5.89 -2.98
CA PRO B 316 -28.46 -6.87 -1.91
C PRO B 316 -29.80 -7.54 -1.64
N SER B 317 -30.86 -7.13 -2.33
CA SER B 317 -32.17 -7.73 -2.08
C SER B 317 -32.20 -9.23 -2.46
N LYS B 318 -31.29 -9.66 -3.34
CA LYS B 318 -31.29 -11.05 -3.76
C LYS B 318 -30.76 -11.97 -2.67
N LEU B 319 -30.21 -11.40 -1.61
CA LEU B 319 -29.79 -12.21 -0.47
C LEU B 319 -31.00 -12.66 0.35
N VAL B 320 -32.11 -11.98 0.14
CA VAL B 320 -33.26 -12.13 1.02
C VAL B 320 -34.28 -13.08 0.40
N THR B 321 -34.34 -14.29 0.96
CA THR B 321 -35.25 -15.31 0.48
C THR B 321 -36.58 -15.36 1.27
N HIS B 322 -36.57 -14.84 2.50
CA HIS B 322 -37.74 -14.89 3.38
C HIS B 322 -37.99 -13.53 4.05
N VAL B 323 -39.19 -12.98 3.85
CA VAL B 323 -39.56 -11.74 4.52
C VAL B 323 -40.72 -11.98 5.48
N PHE B 324 -40.46 -11.80 6.77
CA PHE B 324 -41.54 -11.89 7.74
C PHE B 324 -41.90 -10.51 8.24
N ARG B 325 -43.02 -10.44 8.95
CA ARG B 325 -43.41 -9.22 9.64
C ARG B 325 -43.73 -9.52 11.10
N GLY B 326 -43.37 -8.59 11.98
CA GLY B 326 -43.76 -8.66 13.39
C GLY B 326 -42.70 -9.22 14.30
N PHE B 327 -42.63 -8.70 15.53
CA PHE B 327 -41.64 -9.13 16.51
C PHE B 327 -41.59 -10.64 16.74
N ASP B 328 -42.76 -11.28 16.79
CA ASP B 328 -42.76 -12.71 17.08
C ASP B 328 -41.93 -13.46 16.06
N ASN B 329 -42.01 -13.05 14.80
CA ASN B 329 -41.28 -13.74 13.72
C ASN B 329 -39.75 -13.67 13.83
N ILE B 330 -39.25 -12.83 14.73
CA ILE B 330 -37.84 -12.81 15.07
C ILE B 330 -37.37 -14.21 15.49
N GLU B 331 -38.10 -14.84 16.39
CA GLU B 331 -37.76 -16.17 16.88
C GLU B 331 -37.81 -17.18 15.73
N LYS B 332 -38.80 -17.02 14.84
CA LYS B 332 -38.95 -17.90 13.69
C LYS B 332 -37.78 -17.69 12.75
N ALA B 333 -37.41 -16.42 12.53
CA ALA B 333 -36.28 -16.11 11.66
C ALA B 333 -34.97 -16.68 12.22
N PHE B 334 -34.77 -16.54 13.53
CA PHE B 334 -33.57 -17.02 14.19
C PHE B 334 -33.43 -18.54 14.04
N MET B 335 -34.44 -19.27 14.48
CA MET B 335 -34.46 -20.73 14.36
C MET B 335 -34.28 -21.23 12.93
N LEU B 336 -34.74 -20.43 11.98
CA LEU B 336 -34.54 -20.72 10.56
C LEU B 336 -33.04 -20.77 10.24
N MET B 337 -32.28 -19.88 10.87
CA MET B 337 -30.83 -19.89 10.68
C MET B 337 -30.23 -21.13 11.34
N LYS B 338 -30.81 -21.53 12.46
CA LYS B 338 -30.31 -22.68 13.19
C LYS B 338 -30.41 -23.93 12.31
N ASP B 339 -31.62 -24.42 12.10
CA ASP B 339 -31.81 -25.60 11.27
C ASP B 339 -32.00 -25.21 9.81
N LYS B 340 -30.92 -24.70 9.22
CA LYS B 340 -30.92 -24.06 7.90
C LYS B 340 -31.54 -24.93 6.79
N PRO B 341 -32.75 -24.58 6.34
CA PRO B 341 -33.43 -25.28 5.22
C PRO B 341 -32.80 -24.98 3.87
N LYS B 342 -33.25 -25.67 2.83
CA LYS B 342 -32.60 -25.65 1.53
C LYS B 342 -32.93 -24.44 0.66
N ASP B 343 -34.04 -23.77 0.93
CA ASP B 343 -34.44 -22.64 0.08
C ASP B 343 -33.96 -21.32 0.66
N LEU B 344 -33.22 -21.39 1.76
CA LEU B 344 -32.91 -20.22 2.55
C LEU B 344 -31.53 -19.62 2.27
N ILE B 345 -31.48 -18.30 2.06
CA ILE B 345 -30.21 -17.56 2.18
C ILE B 345 -30.27 -16.68 3.44
N LYS B 346 -31.01 -15.59 3.38
CA LYS B 346 -31.11 -14.67 4.51
C LYS B 346 -32.58 -14.32 4.81
N PRO B 347 -33.01 -14.45 6.08
CA PRO B 347 -34.37 -14.02 6.43
C PRO B 347 -34.37 -12.60 6.97
N VAL B 348 -35.41 -11.83 6.68
CA VAL B 348 -35.60 -10.49 7.23
C VAL B 348 -36.96 -10.37 7.91
N VAL B 349 -36.98 -9.72 9.07
CA VAL B 349 -38.22 -9.39 9.76
C VAL B 349 -38.42 -7.88 9.75
N ILE B 350 -39.51 -7.47 9.12
CA ILE B 350 -39.89 -6.09 9.02
C ILE B 350 -40.87 -5.74 10.13
N LEU B 351 -40.59 -4.67 10.89
CA LEU B 351 -41.37 -4.37 12.08
C LEU B 351 -42.43 -3.28 11.88
N ALA B 352 -42.15 -2.34 10.99
CA ALA B 352 -43.17 -1.38 10.60
C ALA B 352 -43.04 -1.06 9.11
N MET C 1 -4.34 36.33 32.09
CA MET C 1 -2.98 35.87 31.76
C MET C 1 -2.42 36.61 30.56
N LYS C 2 -1.09 36.65 30.48
CA LYS C 2 -0.37 37.21 29.34
C LYS C 2 -0.06 36.15 28.28
N GLY C 3 -0.03 36.59 27.03
CA GLY C 3 0.44 35.75 25.94
C GLY C 3 1.00 36.58 24.80
N PHE C 4 1.91 35.99 24.03
CA PHE C 4 2.54 36.65 22.89
C PHE C 4 1.73 36.32 21.64
N ALA C 5 1.10 37.33 21.06
CA ALA C 5 0.06 37.11 20.06
C ALA C 5 0.34 37.79 18.73
N MET C 6 -0.30 37.27 17.69
CA MET C 6 -0.43 37.95 16.41
C MET C 6 -1.58 38.94 16.56
N LEU C 7 -1.29 40.23 16.47
CA LEU C 7 -2.33 41.24 16.63
C LEU C 7 -3.06 41.39 15.30
N SER C 8 -2.33 41.24 14.21
CA SER C 8 -2.87 41.34 12.87
C SER C 8 -1.72 41.08 11.92
N ILE C 9 -2.04 40.84 10.66
CA ILE C 9 -0.96 40.60 9.71
C ILE C 9 0.13 41.66 9.86
N GLY C 10 1.37 41.21 10.04
CA GLY C 10 2.52 42.09 10.16
C GLY C 10 2.83 42.62 11.55
N LYS C 11 1.96 42.29 12.51
CA LYS C 11 2.09 42.88 13.85
C LYS C 11 2.01 41.83 14.96
N VAL C 12 2.97 41.87 15.87
CA VAL C 12 2.92 41.00 17.04
C VAL C 12 3.10 41.81 18.31
N GLY C 13 2.68 41.24 19.43
CA GLY C 13 2.87 41.90 20.70
C GLY C 13 2.29 41.09 21.84
N TRP C 14 2.67 41.45 23.05
CA TRP C 14 2.10 40.86 24.25
C TRP C 14 0.69 41.39 24.46
N ILE C 15 -0.23 40.53 24.86
CA ILE C 15 -1.61 40.91 25.17
C ILE C 15 -2.04 40.22 26.45
N GLU C 16 -3.21 40.62 26.94
CA GLU C 16 -3.85 39.98 28.08
C GLU C 16 -5.12 39.28 27.62
N LYS C 17 -5.28 38.04 28.06
CA LYS C 17 -6.47 37.23 27.76
C LYS C 17 -6.93 36.60 29.06
N GLU C 18 -8.18 36.15 29.11
CA GLU C 18 -8.63 35.42 30.30
C GLU C 18 -8.06 34.01 30.25
N LYS C 19 -7.70 33.48 31.41
CA LYS C 19 -7.20 32.13 31.50
C LYS C 19 -8.29 31.16 31.03
N PRO C 20 -7.93 30.26 30.11
CA PRO C 20 -8.90 29.31 29.56
C PRO C 20 -9.34 28.26 30.59
N ALA C 21 -10.55 27.76 30.40
CA ALA C 21 -11.08 26.70 31.26
C ALA C 21 -11.37 25.47 30.41
N PRO C 22 -11.23 24.27 31.01
CA PRO C 22 -11.34 22.99 30.29
C PRO C 22 -12.77 22.51 30.21
N GLY C 23 -13.12 21.86 29.10
CA GLY C 23 -14.34 21.10 29.02
C GLY C 23 -14.13 19.78 29.75
N PRO C 24 -15.15 18.92 29.77
CA PRO C 24 -15.07 17.64 30.50
C PRO C 24 -13.94 16.73 30.01
N PHE C 25 -13.57 16.88 28.74
CA PHE C 25 -12.52 16.05 28.15
C PHE C 25 -11.20 16.80 27.95
N ASP C 26 -11.11 18.02 28.45
CA ASP C 26 -9.95 18.86 28.13
C ASP C 26 -8.95 19.03 29.27
N ALA C 27 -7.80 19.63 28.94
CA ALA C 27 -6.78 19.94 29.93
C ALA C 27 -6.31 21.37 29.80
N ILE C 28 -6.05 21.99 30.93
CA ILE C 28 -5.32 23.25 30.96
C ILE C 28 -3.86 22.92 31.32
N VAL C 29 -2.94 23.45 30.54
CA VAL C 29 -1.54 23.10 30.67
C VAL C 29 -0.68 24.35 30.84
N ARG C 30 0.39 24.22 31.60
CA ARG C 30 1.36 25.28 31.80
C ARG C 30 2.61 24.94 30.99
N PRO C 31 3.04 25.83 30.09
CA PRO C 31 4.23 25.49 29.30
C PRO C 31 5.49 25.50 30.17
N LEU C 32 6.33 24.46 30.05
CA LEU C 32 7.60 24.41 30.75
C LEU C 32 8.74 24.77 29.81
N ALA C 33 8.59 24.41 28.54
CA ALA C 33 9.53 24.78 27.48
C ALA C 33 8.76 24.90 26.19
N VAL C 34 9.10 25.89 25.36
CA VAL C 34 8.41 26.09 24.10
C VAL C 34 9.42 26.49 23.04
N ALA C 35 8.99 26.47 21.78
CA ALA C 35 9.83 26.86 20.66
C ALA C 35 8.96 27.49 19.60
N PRO C 36 9.53 28.40 18.80
CA PRO C 36 8.83 29.10 17.71
C PRO C 36 9.05 28.37 16.41
N CYS C 37 8.08 28.46 15.52
CA CYS C 37 8.15 27.71 14.27
C CYS C 37 8.24 28.66 13.10
N THR C 38 8.93 28.27 12.03
CA THR C 38 8.92 29.08 10.83
C THR C 38 7.49 29.31 10.31
N SER C 39 6.55 28.42 10.64
CA SER C 39 5.19 28.55 10.11
C SER C 39 4.53 29.84 10.59
N ASP C 40 4.78 30.20 11.84
CA ASP C 40 4.18 31.41 12.43
C ASP C 40 4.70 32.68 11.77
N ILE C 41 5.95 32.65 11.28
CA ILE C 41 6.47 33.79 10.52
C ILE C 41 5.65 33.96 9.23
N HIS C 42 5.45 32.85 8.53
CA HIS C 42 4.59 32.83 7.35
C HIS C 42 3.19 33.38 7.65
N THR C 43 2.54 32.90 8.71
CA THR C 43 1.17 33.34 8.97
C THR C 43 1.11 34.79 9.45
N VAL C 44 2.10 35.23 10.23
CA VAL C 44 2.10 36.62 10.70
C VAL C 44 2.56 37.60 9.63
N PHE C 45 3.70 37.32 9.00
CA PHE C 45 4.30 38.28 8.09
C PHE C 45 3.99 38.08 6.62
N GLU C 46 3.45 36.92 6.26
CA GLU C 46 3.09 36.68 4.87
C GLU C 46 1.58 36.54 4.66
N GLY C 47 0.82 36.49 5.77
CA GLY C 47 -0.62 36.30 5.70
C GLY C 47 -0.99 34.96 5.07
N ALA C 48 -0.12 33.97 5.26
CA ALA C 48 -0.16 32.73 4.49
C ALA C 48 -1.45 31.92 4.63
N ILE C 49 -2.16 32.12 5.74
CA ILE C 49 -3.39 31.40 6.00
C ILE C 49 -4.48 32.34 6.52
N GLY C 50 -4.47 33.56 6.03
CA GLY C 50 -5.56 34.48 6.30
C GLY C 50 -5.27 35.41 7.45
N GLU C 51 -6.17 36.35 7.67
CA GLU C 51 -5.99 37.34 8.72
C GLU C 51 -6.32 36.74 10.08
N ARG C 52 -5.79 37.36 11.12
CA ARG C 52 -6.06 36.94 12.50
C ARG C 52 -6.05 38.15 13.41
N HIS C 53 -6.74 38.03 14.55
CA HIS C 53 -6.75 39.10 15.53
C HIS C 53 -6.49 38.59 16.93
N ASN C 54 -5.43 39.11 17.54
CA ASN C 54 -5.05 38.73 18.90
C ASN C 54 -5.01 37.23 19.13
N MET C 55 -4.45 36.50 18.17
CA MET C 55 -4.29 35.05 18.34
C MET C 55 -2.94 34.75 18.98
N ILE C 56 -2.96 34.15 20.17
CA ILE C 56 -1.70 33.80 20.81
C ILE C 56 -0.93 32.81 19.95
N LEU C 57 0.36 33.05 19.80
CA LEU C 57 1.15 32.27 18.85
C LEU C 57 1.74 30.97 19.43
N GLY C 58 2.45 30.22 18.59
CA GLY C 58 3.24 29.08 19.05
C GLY C 58 2.46 27.79 19.17
N HIS C 59 3.08 26.67 18.75
CA HIS C 59 2.44 25.36 18.85
C HIS C 59 3.41 24.22 19.18
N GLU C 60 4.55 24.56 19.76
CA GLU C 60 5.52 23.54 20.20
C GLU C 60 5.81 23.74 21.67
N ALA C 61 5.39 22.79 22.49
CA ALA C 61 5.50 22.96 23.92
C ALA C 61 5.62 21.64 24.65
N VAL C 62 6.38 21.66 25.73
CA VAL C 62 6.32 20.63 26.75
C VAL C 62 5.74 21.33 27.98
N GLY C 63 4.85 20.67 28.70
CA GLY C 63 4.17 21.36 29.76
C GLY C 63 3.82 20.55 30.99
N GLU C 64 3.20 21.26 31.93
CA GLU C 64 2.75 20.66 33.17
C GLU C 64 1.22 20.74 33.17
N VAL C 65 0.58 19.59 33.36
CA VAL C 65 -0.88 19.59 33.42
C VAL C 65 -1.29 20.38 34.67
N VAL C 66 -2.21 21.31 34.48
CA VAL C 66 -2.60 22.22 35.54
C VAL C 66 -4.05 21.97 36.00
N GLU C 67 -4.89 21.53 35.07
CA GLU C 67 -6.20 21.00 35.44
C GLU C 67 -6.85 20.19 34.33
N VAL C 68 -7.77 19.32 34.72
CA VAL C 68 -8.43 18.46 33.75
C VAL C 68 -9.94 18.44 33.97
N GLY C 69 -10.67 18.13 32.92
CA GLY C 69 -12.11 17.97 33.00
C GLY C 69 -12.50 16.70 33.73
N SER C 70 -13.78 16.58 34.06
CA SER C 70 -14.27 15.44 34.84
C SER C 70 -14.23 14.13 34.06
N GLU C 71 -14.10 14.21 32.75
CA GLU C 71 -14.04 12.99 31.95
C GLU C 71 -12.62 12.55 31.58
N VAL C 72 -11.64 13.40 31.86
CA VAL C 72 -10.25 13.05 31.57
C VAL C 72 -9.80 11.90 32.48
N LYS C 73 -9.22 10.85 31.90
CA LYS C 73 -8.88 9.66 32.69
C LYS C 73 -7.40 9.38 32.89
N ASP C 74 -6.55 9.84 31.98
CA ASP C 74 -5.15 9.40 31.93
C ASP C 74 -4.16 10.48 32.33
N PHE C 75 -4.69 11.68 32.62
CA PHE C 75 -3.83 12.78 32.99
C PHE C 75 -4.37 13.52 34.21
N LYS C 76 -3.45 14.08 34.99
CA LYS C 76 -3.78 14.77 36.24
C LYS C 76 -2.82 15.93 36.48
N PRO C 77 -3.26 16.93 37.27
CA PRO C 77 -2.43 18.10 37.60
C PRO C 77 -1.06 17.65 38.09
N GLY C 78 -0.01 18.27 37.56
CA GLY C 78 1.35 17.91 37.91
C GLY C 78 2.01 17.02 36.86
N ASP C 79 1.22 16.33 36.06
CA ASP C 79 1.80 15.47 35.04
C ASP C 79 2.56 16.29 34.01
N ARG C 80 3.81 15.90 33.75
CA ARG C 80 4.58 16.47 32.66
C ARG C 80 4.26 15.75 31.36
N VAL C 81 3.93 16.53 30.33
CA VAL C 81 3.48 15.98 29.07
C VAL C 81 4.11 16.65 27.86
N VAL C 82 4.15 15.89 26.77
CA VAL C 82 4.55 16.41 25.49
C VAL C 82 3.25 16.73 24.78
N VAL C 83 3.15 17.94 24.24
CA VAL C 83 1.95 18.38 23.56
C VAL C 83 2.18 18.42 22.05
N PRO C 84 1.42 17.61 21.29
CA PRO C 84 1.57 17.61 19.83
C PRO C 84 1.15 18.97 19.32
N ALA C 85 1.81 19.45 18.28
CA ALA C 85 1.36 20.65 17.59
C ALA C 85 -0.03 20.41 17.00
N ILE C 86 -0.27 19.17 16.58
CA ILE C 86 -1.56 18.82 15.99
C ILE C 86 -2.44 18.15 17.04
N THR C 87 -3.57 18.78 17.37
CA THR C 87 -4.48 18.25 18.38
C THR C 87 -5.90 18.18 17.83
N PRO C 88 -6.20 17.07 17.12
CA PRO C 88 -7.45 16.91 16.38
C PRO C 88 -8.67 16.73 17.30
N ASP C 89 -9.84 17.11 16.79
CA ASP C 89 -11.09 16.61 17.32
C ASP C 89 -11.18 15.17 16.78
N TRP C 90 -11.26 14.18 17.66
CA TRP C 90 -11.19 12.78 17.20
C TRP C 90 -12.49 12.19 16.65
N ARG C 91 -13.63 12.76 17.01
CA ARG C 91 -14.90 12.22 16.55
C ARG C 91 -15.40 12.94 15.30
N THR C 92 -14.73 12.72 14.17
CA THR C 92 -15.13 13.35 12.91
C THR C 92 -15.01 12.39 11.77
N SER C 93 -15.60 12.76 10.64
CA SER C 93 -15.55 11.95 9.42
C SER C 93 -14.12 11.80 8.92
N GLU C 94 -13.33 12.88 9.00
CA GLU C 94 -11.96 12.81 8.52
C GLU C 94 -11.17 11.78 9.31
N VAL C 95 -11.43 11.70 10.62
CA VAL C 95 -10.80 10.63 11.40
C VAL C 95 -11.20 9.24 10.88
N GLN C 96 -12.49 9.02 10.66
CA GLN C 96 -12.93 7.74 10.08
C GLN C 96 -12.25 7.49 8.72
N ARG C 97 -11.94 8.55 7.97
CA ARG C 97 -11.26 8.45 6.67
C ARG C 97 -9.76 8.21 6.77
N GLY C 98 -9.21 8.35 7.97
CA GLY C 98 -7.80 8.12 8.18
C GLY C 98 -6.93 9.37 8.11
N TYR C 99 -7.53 10.54 8.27
CA TYR C 99 -6.76 11.78 8.16
C TYR C 99 -7.11 12.75 9.29
N HIS C 100 -6.66 12.43 10.50
CA HIS C 100 -6.94 13.30 11.64
C HIS C 100 -6.37 14.72 11.44
N GLN C 101 -5.30 14.85 10.67
CA GLN C 101 -4.73 16.17 10.38
C GLN C 101 -5.80 17.10 9.87
N HIS C 102 -6.84 16.53 9.30
CA HIS C 102 -7.85 17.35 8.61
C HIS C 102 -9.23 17.22 9.23
N SER C 103 -9.27 16.87 10.50
CA SER C 103 -10.52 16.72 11.22
C SER C 103 -11.22 18.08 11.33
N GLY C 104 -12.40 18.17 10.70
CA GLY C 104 -13.18 19.40 10.72
C GLY C 104 -12.88 20.30 9.55
N GLY C 105 -12.04 19.84 8.62
CA GLY C 105 -11.67 20.66 7.48
C GLY C 105 -10.17 20.65 7.23
N MET C 106 -9.76 21.32 6.16
CA MET C 106 -8.37 21.29 5.76
C MET C 106 -7.43 21.95 6.80
N LEU C 107 -6.48 21.17 7.29
CA LEU C 107 -5.46 21.65 8.24
C LEU C 107 -6.04 21.86 9.62
N ALA C 108 -7.28 21.46 9.83
CA ALA C 108 -7.99 21.82 11.06
C ALA C 108 -7.57 21.02 12.29
N GLY C 109 -6.79 19.96 12.08
CA GLY C 109 -6.23 19.24 13.20
C GLY C 109 -5.11 20.05 13.83
N TRP C 110 -4.57 20.98 13.04
CA TRP C 110 -3.61 21.97 13.54
C TRP C 110 -4.39 23.16 14.09
N LYS C 111 -4.53 23.19 15.41
CA LYS C 111 -5.33 24.22 16.09
C LYS C 111 -4.46 25.37 16.63
N PHE C 112 -3.51 25.06 17.52
CA PHE C 112 -2.59 26.05 18.07
C PHE C 112 -1.96 26.96 17.01
N SER C 113 -2.19 28.26 17.13
CA SER C 113 -1.62 29.28 16.25
C SER C 113 -2.11 29.18 14.81
N ASN C 114 -3.24 28.46 14.65
CA ASN C 114 -4.00 28.37 13.40
C ASN C 114 -5.41 28.91 13.61
N VAL C 115 -6.23 28.14 14.32
CA VAL C 115 -7.60 28.55 14.65
C VAL C 115 -7.81 28.50 16.16
N LYS C 116 -6.72 28.53 16.90
CA LYS C 116 -6.82 28.47 18.36
C LYS C 116 -5.63 29.21 18.96
N ASP C 117 -5.85 29.83 20.13
CA ASP C 117 -4.79 30.46 20.88
C ASP C 117 -3.67 29.45 21.14
N GLY C 118 -2.44 29.85 20.80
CA GLY C 118 -1.29 28.97 20.88
C GLY C 118 -0.68 28.80 22.26
N VAL C 119 0.54 28.25 22.29
CA VAL C 119 1.17 27.86 23.52
C VAL C 119 2.01 28.97 24.17
N PHE C 120 2.19 30.10 23.47
CA PHE C 120 2.94 31.23 24.03
C PHE C 120 2.12 32.08 25.01
N GLY C 121 1.53 31.42 26.00
CA GLY C 121 0.81 32.12 27.07
C GLY C 121 1.06 31.41 28.39
N GLU C 122 0.70 32.04 29.49
CA GLU C 122 0.98 31.46 30.79
C GLU C 122 0.28 30.13 30.98
N PHE C 123 -0.87 29.97 30.33
CA PHE C 123 -1.55 28.69 30.28
C PHE C 123 -2.04 28.49 28.85
N PHE C 124 -2.29 27.25 28.48
CA PHE C 124 -3.02 27.00 27.25
C PHE C 124 -3.96 25.82 27.44
N HIS C 125 -4.83 25.66 26.47
CA HIS C 125 -5.91 24.69 26.54
C HIS C 125 -5.62 23.55 25.57
N VAL C 126 -5.75 22.31 26.02
CA VAL C 126 -5.65 21.16 25.12
C VAL C 126 -7.00 20.43 25.03
N ASN C 127 -7.54 20.31 23.82
CA ASN C 127 -8.79 19.57 23.62
C ASN C 127 -8.54 18.07 23.65
N ASP C 128 -9.41 17.34 24.34
CA ASP C 128 -9.32 15.87 24.43
C ASP C 128 -7.95 15.41 24.93
N ALA C 129 -7.71 15.66 26.22
CA ALA C 129 -6.44 15.32 26.88
C ALA C 129 -6.01 13.88 26.64
N ASP C 130 -6.94 12.96 26.88
CA ASP C 130 -6.65 11.54 26.84
C ASP C 130 -6.26 11.05 25.45
N MET C 131 -6.74 11.72 24.41
CA MET C 131 -6.37 11.35 23.05
C MET C 131 -5.21 12.18 22.50
N ASN C 132 -4.95 13.34 23.10
CA ASN C 132 -4.03 14.30 22.50
C ASN C 132 -2.75 14.60 23.30
N LEU C 133 -2.63 14.12 24.53
CA LEU C 133 -1.40 14.29 25.31
C LEU C 133 -0.62 12.98 25.47
N ALA C 134 0.70 13.09 25.65
CA ALA C 134 1.57 11.97 25.97
C ALA C 134 2.43 12.33 27.18
N HIS C 135 2.63 11.36 28.05
CA HIS C 135 3.47 11.56 29.23
C HIS C 135 4.93 11.71 28.83
N LEU C 136 5.63 12.62 29.49
CA LEU C 136 7.04 12.82 29.21
C LEU C 136 7.89 11.94 30.12
N PRO C 137 8.70 11.04 29.55
CA PRO C 137 9.59 10.23 30.39
C PRO C 137 10.67 11.12 30.98
N LYS C 138 10.97 10.94 32.26
CA LYS C 138 11.91 11.82 32.95
C LYS C 138 13.30 11.77 32.31
N GLU C 139 13.57 10.73 31.53
CA GLU C 139 14.89 10.56 30.93
C GLU C 139 15.12 11.45 29.71
N ILE C 140 14.08 12.11 29.22
CA ILE C 140 14.19 12.98 28.05
C ILE C 140 14.26 14.45 28.43
N PRO C 141 15.37 15.12 28.12
CA PRO C 141 15.53 16.52 28.52
C PRO C 141 14.48 17.39 27.84
N LEU C 142 14.10 18.48 28.50
CA LEU C 142 13.08 19.36 27.97
C LEU C 142 13.43 19.83 26.58
N GLU C 143 14.70 20.19 26.37
CA GLU C 143 15.12 20.81 25.12
C GLU C 143 14.86 19.85 23.98
N ALA C 144 15.18 18.59 24.21
CA ALA C 144 14.98 17.56 23.22
C ALA C 144 13.50 17.27 23.08
N ALA C 145 12.80 17.18 24.21
CA ALA C 145 11.38 16.83 24.17
C ALA C 145 10.62 17.79 23.28
N VAL C 146 10.93 19.08 23.38
CA VAL C 146 10.18 20.11 22.66
C VAL C 146 10.39 20.04 21.13
N MET C 147 11.35 19.22 20.70
CA MET C 147 11.56 19.00 19.27
C MET C 147 10.60 17.93 18.70
N ILE C 148 9.91 17.22 19.58
CA ILE C 148 9.01 16.14 19.17
C ILE C 148 7.64 16.58 18.61
N PRO C 149 7.02 17.62 19.20
CA PRO C 149 5.64 17.96 18.80
C PRO C 149 5.49 18.41 17.36
N ASP C 150 6.57 18.85 16.72
CA ASP C 150 6.44 19.47 15.40
C ASP C 150 7.61 19.05 14.52
N MET C 151 8.83 19.41 14.92
CA MET C 151 9.99 19.16 14.09
C MET C 151 10.17 17.68 13.75
N MET C 152 10.04 16.81 14.74
CA MET C 152 10.27 15.39 14.50
C MET C 152 9.09 14.76 13.76
N THR C 153 7.86 15.10 14.16
CA THR C 153 6.72 14.51 13.52
C THR C 153 6.62 14.98 12.06
N THR C 154 6.91 16.25 11.79
CA THR C 154 6.92 16.76 10.42
C THR C 154 8.01 16.15 9.52
N GLY C 155 9.25 16.18 9.99
CA GLY C 155 10.36 15.62 9.24
C GLY C 155 10.15 14.13 8.97
N PHE C 156 9.79 13.37 9.99
CA PHE C 156 9.55 11.94 9.83
C PHE C 156 8.37 11.65 8.89
N HIS C 157 7.38 12.52 8.88
CA HIS C 157 6.25 12.35 7.97
C HIS C 157 6.69 12.52 6.52
N GLY C 158 7.63 13.44 6.28
CA GLY C 158 8.24 13.55 4.97
C GLY C 158 8.82 12.22 4.51
N ALA C 159 9.46 11.51 5.43
CA ALA C 159 10.10 10.22 5.11
C ALA C 159 9.06 9.11 4.98
N GLU C 160 7.98 9.19 5.77
CA GLU C 160 6.86 8.25 5.68
C GLU C 160 6.10 8.37 4.37
N LEU C 161 5.72 9.60 4.01
CA LEU C 161 5.04 9.86 2.76
C LEU C 161 5.90 9.42 1.58
N ALA C 162 7.21 9.57 1.72
CA ALA C 162 8.13 9.17 0.65
C ALA C 162 8.11 7.67 0.32
N ASP C 163 7.58 6.85 1.23
CA ASP C 163 7.51 5.40 0.95
C ASP C 163 8.88 4.91 0.48
N ILE C 164 9.88 5.09 1.32
CA ILE C 164 11.27 4.77 0.99
C ILE C 164 11.54 3.27 0.98
N GLU C 165 12.21 2.82 -0.08
CA GLU C 165 12.67 1.43 -0.24
C GLU C 165 14.03 1.29 0.40
N MET C 166 14.31 0.13 1.01
CA MET C 166 15.58 -0.06 1.70
C MET C 166 16.74 0.08 0.71
N GLY C 167 17.71 0.90 1.07
CA GLY C 167 18.91 1.05 0.25
C GLY C 167 18.75 2.06 -0.87
N SER C 168 17.55 2.60 -1.04
CA SER C 168 17.32 3.57 -2.12
C SER C 168 17.89 4.98 -1.84
N SER C 169 18.05 5.78 -2.90
CA SER C 169 18.65 7.10 -2.76
C SER C 169 17.59 8.18 -2.52
N VAL C 170 17.92 9.12 -1.64
CA VAL C 170 16.98 10.17 -1.27
C VAL C 170 17.65 11.54 -1.29
N VAL C 171 16.97 12.51 -1.89
CA VAL C 171 17.40 13.90 -1.79
C VAL C 171 16.47 14.67 -0.86
N VAL C 172 17.07 15.37 0.10
CA VAL C 172 16.31 16.23 1.00
C VAL C 172 16.65 17.67 0.71
N ILE C 173 15.67 18.39 0.20
CA ILE C 173 15.92 19.75 -0.21
C ILE C 173 15.57 20.71 0.92
N GLY C 174 16.60 21.34 1.48
CA GLY C 174 16.42 22.23 2.62
C GLY C 174 16.80 21.53 3.89
N ILE C 175 17.78 22.09 4.61
CA ILE C 175 18.30 21.40 5.79
C ILE C 175 18.19 22.23 7.08
N GLY C 176 17.06 22.96 7.20
CA GLY C 176 16.65 23.57 8.45
C GLY C 176 16.12 22.46 9.34
N ALA C 177 15.53 22.82 10.48
CA ALA C 177 15.06 21.83 11.44
C ALA C 177 14.23 20.68 10.82
N VAL C 178 13.21 21.02 10.02
CA VAL C 178 12.36 19.97 9.44
C VAL C 178 13.17 19.07 8.51
N GLY C 179 14.01 19.68 7.66
CA GLY C 179 14.84 18.95 6.72
C GLY C 179 15.82 17.99 7.37
N LEU C 180 16.37 18.43 8.50
CA LEU C 180 17.29 17.60 9.24
C LEU C 180 16.56 16.40 9.83
N MET C 181 15.33 16.61 10.24
CA MET C 181 14.55 15.49 10.74
C MET C 181 14.05 14.63 9.57
N GLY C 182 13.92 15.24 8.39
CA GLY C 182 13.63 14.51 7.19
C GLY C 182 14.77 13.54 6.86
N ILE C 183 16.01 14.05 6.89
CA ILE C 183 17.20 13.21 6.69
C ILE C 183 17.24 12.08 7.72
N ALA C 184 17.03 12.43 8.98
CA ALA C 184 17.00 11.43 10.05
C ALA C 184 15.88 10.39 9.81
N GLY C 185 14.68 10.86 9.49
CA GLY C 185 13.59 9.94 9.18
C GLY C 185 13.91 9.06 7.98
N ALA C 186 14.49 9.66 6.95
CA ALA C 186 14.88 8.90 5.77
C ALA C 186 15.83 7.78 6.17
N LYS C 187 16.74 8.09 7.07
CA LYS C 187 17.73 7.13 7.50
C LYS C 187 17.04 6.02 8.29
N LEU C 188 16.07 6.43 9.11
CA LEU C 188 15.31 5.48 9.89
C LEU C 188 14.29 4.70 9.05
N ARG C 189 14.19 4.99 7.76
CA ARG C 189 13.34 4.18 6.88
C ARG C 189 14.20 3.30 5.99
N GLY C 190 15.52 3.42 6.18
CA GLY C 190 16.47 2.52 5.57
C GLY C 190 17.05 2.98 4.25
N ALA C 191 17.07 4.30 4.02
CA ALA C 191 17.67 4.84 2.81
C ALA C 191 19.18 4.52 2.72
N GLY C 192 19.69 4.39 1.49
CA GLY C 192 21.13 4.25 1.28
C GLY C 192 21.79 5.62 1.29
N ARG C 193 22.01 6.15 0.09
CA ARG C 193 22.55 7.47 -0.08
C ARG C 193 21.52 8.52 0.34
N ILE C 194 21.94 9.50 1.13
CA ILE C 194 21.11 10.65 1.45
C ILE C 194 21.82 11.98 1.12
N ILE C 195 21.29 12.67 0.13
CA ILE C 195 21.87 13.91 -0.34
C ILE C 195 21.11 15.07 0.26
N GLY C 196 21.79 15.86 1.09
CA GLY C 196 21.16 17.03 1.69
C GLY C 196 21.50 18.25 0.86
N VAL C 197 20.55 19.17 0.73
CA VAL C 197 20.79 20.40 -0.02
C VAL C 197 20.65 21.60 0.91
N GLY C 198 21.73 22.37 1.04
CA GLY C 198 21.78 23.56 1.90
C GLY C 198 23.23 23.97 2.11
N SER C 199 23.45 25.06 2.85
CA SER C 199 24.82 25.62 2.94
C SER C 199 25.21 26.24 4.28
N ARG C 200 24.23 26.66 5.08
CA ARG C 200 24.55 27.16 6.42
C ARG C 200 25.37 26.12 7.17
N PRO C 201 26.61 26.48 7.54
CA PRO C 201 27.57 25.54 8.11
C PRO C 201 27.00 24.74 9.29
N ILE C 202 26.18 25.38 10.12
CA ILE C 202 25.66 24.65 11.26
C ILE C 202 24.60 23.63 10.81
N CYS C 203 23.89 23.94 9.75
CA CYS C 203 22.92 23.00 9.19
C CYS C 203 23.65 21.85 8.48
N VAL C 204 24.74 22.18 7.80
CA VAL C 204 25.53 21.18 7.09
C VAL C 204 26.08 20.13 8.07
N GLU C 205 26.64 20.59 9.19
CA GLU C 205 27.14 19.69 10.22
C GLU C 205 26.01 18.87 10.83
N ALA C 206 24.92 19.53 11.18
CA ALA C 206 23.74 18.81 11.65
C ALA C 206 23.32 17.74 10.63
N ALA C 207 23.34 18.09 9.35
CA ALA C 207 22.91 17.19 8.29
C ALA C 207 23.76 15.92 8.25
N LYS C 208 25.07 16.10 8.36
CA LYS C 208 25.96 14.95 8.35
C LYS C 208 25.67 14.11 9.58
N PHE C 209 25.51 14.78 10.71
CA PHE C 209 25.22 14.06 11.93
C PHE C 209 23.97 13.17 11.80
N TYR C 210 22.93 13.65 11.11
CA TYR C 210 21.67 12.91 11.03
C TYR C 210 21.65 11.85 9.92
N GLY C 211 22.69 11.84 9.09
CA GLY C 211 22.85 10.77 8.12
C GLY C 211 23.10 11.14 6.67
N ALA C 212 23.20 12.43 6.35
CA ALA C 212 23.50 12.78 4.96
C ALA C 212 24.88 12.26 4.55
N THR C 213 24.95 11.60 3.40
CA THR C 213 26.23 11.12 2.88
C THR C 213 26.84 12.13 1.91
N ASP C 214 26.02 13.09 1.48
CA ASP C 214 26.46 14.09 0.52
C ASP C 214 25.73 15.39 0.85
N ILE C 215 26.41 16.51 0.63
CA ILE C 215 25.82 17.83 0.79
C ILE C 215 26.05 18.63 -0.50
N LEU C 216 24.98 19.16 -1.07
CA LEU C 216 25.10 20.00 -2.25
C LEU C 216 24.79 21.44 -1.91
N ASN C 217 25.64 22.34 -2.39
CA ASN C 217 25.47 23.79 -2.21
C ASN C 217 25.03 24.40 -3.52
N TYR C 218 24.21 25.44 -3.45
CA TYR C 218 23.79 26.11 -4.68
C TYR C 218 24.85 27.11 -5.02
N LYS C 219 25.94 26.62 -5.59
CA LYS C 219 27.00 27.48 -6.05
C LYS C 219 27.88 26.64 -6.96
N ASN C 220 28.00 25.36 -6.62
CA ASN C 220 28.66 24.42 -7.50
C ASN C 220 27.76 24.17 -8.69
N GLY C 221 26.84 25.09 -8.94
CA GLY C 221 25.96 24.99 -10.08
C GLY C 221 24.58 24.53 -9.71
N HIS C 222 23.71 24.40 -10.71
CA HIS C 222 22.33 23.97 -10.50
C HIS C 222 22.24 22.65 -9.75
N ILE C 223 21.35 22.61 -8.76
CA ILE C 223 21.16 21.41 -7.96
C ILE C 223 20.85 20.18 -8.80
N VAL C 224 20.00 20.35 -9.81
CA VAL C 224 19.60 19.24 -10.65
C VAL C 224 20.82 18.67 -11.35
N ASP C 225 21.63 19.55 -11.91
CA ASP C 225 22.88 19.16 -12.58
C ASP C 225 23.82 18.41 -11.63
N GLN C 226 23.96 18.93 -10.42
CA GLN C 226 24.79 18.28 -9.40
C GLN C 226 24.26 16.88 -9.06
N VAL C 227 22.95 16.75 -8.90
CA VAL C 227 22.38 15.45 -8.58
C VAL C 227 22.59 14.47 -9.73
N MET C 228 22.36 14.93 -10.95
CA MET C 228 22.64 14.13 -12.13
C MET C 228 24.11 13.70 -12.18
N LYS C 229 25.01 14.63 -11.85
CA LYS C 229 26.42 14.30 -11.82
C LYS C 229 26.76 13.23 -10.78
N LEU C 230 26.17 13.33 -9.59
CA LEU C 230 26.45 12.35 -8.54
C LEU C 230 25.85 11.00 -8.90
N THR C 231 24.80 11.00 -9.71
CA THR C 231 24.06 9.77 -10.00
C THR C 231 24.26 9.30 -11.43
N ASN C 232 25.29 9.83 -12.09
CA ASN C 232 25.57 9.46 -13.46
C ASN C 232 24.36 9.55 -14.38
N GLY C 233 23.54 10.56 -14.18
CA GLY C 233 22.38 10.78 -15.04
C GLY C 233 21.15 9.96 -14.69
N LYS C 234 21.25 9.12 -13.67
CA LYS C 234 20.16 8.21 -13.32
C LYS C 234 19.12 8.80 -12.37
N GLY C 235 19.49 9.88 -11.69
CA GLY C 235 18.57 10.52 -10.76
C GLY C 235 18.42 9.75 -9.46
N VAL C 236 17.49 10.18 -8.61
CA VAL C 236 17.32 9.57 -7.30
C VAL C 236 15.93 8.95 -7.13
N ASP C 237 15.78 8.03 -6.18
CA ASP C 237 14.49 7.36 -5.96
C ASP C 237 13.39 8.23 -5.31
N ARG C 238 13.82 9.11 -4.41
CA ARG C 238 12.91 9.92 -3.61
C ARG C 238 13.46 11.31 -3.36
N VAL C 239 12.55 12.28 -3.34
CA VAL C 239 12.88 13.65 -2.98
C VAL C 239 11.93 14.13 -1.90
N ILE C 240 12.49 14.66 -0.82
CA ILE C 240 11.74 15.26 0.26
C ILE C 240 11.95 16.76 0.17
N MET C 241 10.85 17.48 0.00
CA MET C 241 10.90 18.93 -0.10
C MET C 241 10.68 19.54 1.28
N ALA C 242 11.74 20.06 1.87
CA ALA C 242 11.68 20.48 3.27
C ALA C 242 11.84 21.98 3.46
N GLY C 243 12.17 22.70 2.40
CA GLY C 243 12.45 24.11 2.50
C GLY C 243 12.70 24.71 1.14
N GLY C 244 12.89 26.03 1.10
CA GLY C 244 13.07 26.74 -0.15
C GLY C 244 11.76 27.28 -0.70
N GLY C 245 11.80 27.71 -1.95
CA GLY C 245 10.61 28.22 -2.61
C GLY C 245 9.86 27.10 -3.32
N SER C 246 8.91 27.48 -4.16
CA SER C 246 8.06 26.51 -4.81
C SER C 246 8.69 26.04 -6.12
N GLU C 247 9.81 26.63 -6.50
CA GLU C 247 10.59 26.18 -7.65
C GLU C 247 11.34 24.90 -7.29
N THR C 248 11.37 24.60 -6.00
CA THR C 248 11.86 23.35 -5.51
C THR C 248 11.06 22.16 -6.08
N LEU C 249 9.76 22.34 -6.27
CA LEU C 249 8.96 21.27 -6.88
C LEU C 249 9.54 20.90 -8.25
N SER C 250 9.76 21.89 -9.10
CA SER C 250 10.37 21.61 -10.39
C SER C 250 11.70 20.87 -10.25
N GLN C 251 12.53 21.31 -9.33
CA GLN C 251 13.82 20.66 -9.13
C GLN C 251 13.59 19.21 -8.73
N ALA C 252 12.60 18.99 -7.87
CA ALA C 252 12.33 17.65 -7.39
C ALA C 252 11.87 16.77 -8.56
N VAL C 253 10.97 17.29 -9.39
CA VAL C 253 10.51 16.52 -10.53
C VAL C 253 11.66 16.18 -11.47
N LYS C 254 12.59 17.12 -11.63
CA LYS C 254 13.70 16.92 -12.55
C LYS C 254 14.74 15.95 -12.02
N MET C 255 14.82 15.84 -10.70
CA MET C 255 15.80 14.99 -10.05
C MET C 255 15.34 13.53 -9.87
N VAL C 256 14.05 13.30 -9.65
CA VAL C 256 13.59 11.95 -9.37
C VAL C 256 13.50 11.09 -10.60
N LYS C 257 13.71 9.81 -10.37
CA LYS C 257 13.48 8.78 -11.38
C LYS C 257 11.99 8.68 -11.75
N PRO C 258 11.71 8.34 -13.01
CA PRO C 258 10.34 7.89 -13.33
C PRO C 258 9.92 6.80 -12.33
N GLY C 259 8.72 6.90 -11.79
CA GLY C 259 8.26 5.92 -10.82
C GLY C 259 8.65 6.27 -9.40
N GLY C 260 9.42 7.34 -9.24
CA GLY C 260 9.78 7.79 -7.91
C GLY C 260 8.68 8.56 -7.17
N ILE C 261 8.99 9.01 -5.96
CA ILE C 261 8.04 9.77 -5.16
C ILE C 261 8.68 11.07 -4.64
N ILE C 262 7.91 12.15 -4.70
CA ILE C 262 8.30 13.46 -4.18
C ILE C 262 7.41 13.75 -2.98
N SER C 263 8.05 13.94 -1.82
CA SER C 263 7.33 14.16 -0.58
C SER C 263 7.52 15.60 -0.06
N ASN C 264 6.47 16.41 -0.10
CA ASN C 264 6.54 17.78 0.40
C ASN C 264 6.05 17.90 1.83
N ILE C 265 6.93 18.38 2.72
CA ILE C 265 6.50 18.73 4.06
C ILE C 265 6.68 20.22 4.27
N ASN C 266 7.15 20.90 3.22
CA ASN C 266 7.30 22.35 3.22
C ASN C 266 5.97 23.12 3.30
N TYR C 267 5.86 23.97 4.32
CA TYR C 267 4.78 24.95 4.41
C TYR C 267 5.09 26.09 3.46
N HIS C 268 4.50 26.04 2.27
CA HIS C 268 4.62 27.14 1.32
C HIS C 268 3.72 28.26 1.81
N GLY C 269 4.26 29.46 1.89
CA GLY C 269 3.55 30.58 2.48
C GLY C 269 3.14 31.67 1.51
N SER C 270 3.61 31.61 0.26
CA SER C 270 3.29 32.64 -0.72
C SER C 270 3.35 32.13 -2.17
N GLY C 271 2.82 32.92 -3.10
CA GLY C 271 2.68 32.52 -4.50
C GLY C 271 1.28 31.95 -4.77
N ASP C 272 0.74 32.15 -5.97
CA ASP C 272 -0.58 31.60 -6.29
C ASP C 272 -0.53 30.09 -6.55
N ALA C 273 0.56 29.62 -7.15
CA ALA C 273 0.64 28.23 -7.58
C ALA C 273 2.03 27.63 -7.38
N LEU C 274 2.10 26.29 -7.33
CA LEU C 274 3.37 25.58 -7.46
C LEU C 274 3.43 25.01 -8.87
N LEU C 275 4.61 25.05 -9.49
CA LEU C 275 4.71 24.61 -10.89
C LEU C 275 5.35 23.23 -11.09
N ILE C 276 4.70 22.42 -11.93
CA ILE C 276 5.22 21.13 -12.34
C ILE C 276 5.72 21.27 -13.78
N PRO C 277 7.01 20.96 -14.01
CA PRO C 277 7.57 21.01 -15.37
C PRO C 277 6.93 19.95 -16.23
N ARG C 278 6.26 20.35 -17.31
CA ARG C 278 5.53 19.41 -18.15
C ARG C 278 6.40 18.25 -18.63
N VAL C 279 7.46 18.61 -19.34
CA VAL C 279 8.29 17.64 -20.02
C VAL C 279 8.90 16.60 -19.07
N GLU C 280 9.47 17.07 -17.97
CA GLU C 280 10.15 16.16 -17.05
C GLU C 280 9.18 15.39 -16.17
N TRP C 281 7.93 15.82 -16.17
CA TRP C 281 6.86 15.06 -15.54
C TRP C 281 6.26 14.07 -16.56
N GLY C 282 7.00 13.84 -17.64
CA GLY C 282 6.56 12.90 -18.66
C GLY C 282 5.21 13.29 -19.22
N CYS C 283 4.97 14.59 -19.34
CA CYS C 283 3.68 15.09 -19.84
C CYS C 283 2.53 14.52 -19.02
N GLY C 284 2.81 14.12 -17.79
CA GLY C 284 1.80 13.62 -16.88
C GLY C 284 1.80 12.10 -16.75
N MET C 285 2.81 11.45 -17.35
CA MET C 285 2.82 10.00 -17.48
C MET C 285 4.08 9.32 -16.93
N ALA C 286 4.92 10.09 -16.23
CA ALA C 286 6.19 9.59 -15.72
C ALA C 286 6.09 8.82 -14.40
N HIS C 287 4.88 8.66 -13.89
CA HIS C 287 4.72 8.06 -12.58
C HIS C 287 5.55 8.74 -11.48
N LYS C 288 5.68 10.06 -11.57
CA LYS C 288 6.32 10.79 -10.48
C LYS C 288 5.25 11.31 -9.53
N THR C 289 5.06 10.58 -8.45
CA THR C 289 4.00 10.89 -7.50
C THR C 289 4.39 12.08 -6.63
N ILE C 290 3.45 12.98 -6.42
CA ILE C 290 3.67 14.14 -5.57
C ILE C 290 2.75 14.09 -4.37
N LYS C 291 3.35 14.04 -3.18
CA LYS C 291 2.60 14.09 -1.93
C LYS C 291 2.99 15.34 -1.13
N GLY C 292 2.13 15.75 -0.24
CA GLY C 292 2.43 16.86 0.66
C GLY C 292 1.47 16.81 1.81
N GLY C 293 1.97 16.67 3.03
CA GLY C 293 1.09 16.45 4.17
C GLY C 293 1.45 17.14 5.49
N LEU C 294 0.43 17.63 6.19
CA LEU C 294 0.59 18.20 7.51
C LEU C 294 1.03 17.08 8.46
N CYS C 295 1.94 17.38 9.36
CA CYS C 295 2.42 16.35 10.27
C CYS C 295 1.28 15.75 11.08
N PRO C 296 1.39 14.45 11.37
CA PRO C 296 0.49 13.78 12.32
C PRO C 296 0.64 14.37 13.70
N GLY C 297 -0.40 14.21 14.52
CA GLY C 297 -0.42 14.66 15.89
C GLY C 297 -1.11 13.66 16.77
N GLY C 298 -1.64 14.10 17.91
CA GLY C 298 -2.31 13.20 18.82
C GLY C 298 -1.36 12.37 19.68
N ARG C 299 -1.92 11.70 20.69
CA ARG C 299 -1.15 10.96 21.68
C ARG C 299 -0.30 9.82 21.09
N LEU C 300 -0.88 9.01 20.22
CA LEU C 300 -0.13 7.89 19.65
C LEU C 300 1.12 8.37 18.91
N ARG C 301 0.97 9.43 18.14
CA ARG C 301 2.08 9.94 17.37
C ARG C 301 3.21 10.33 18.30
N MET C 302 2.88 10.97 19.42
CA MET C 302 3.89 11.43 20.37
C MET C 302 4.56 10.23 21.04
N GLU C 303 3.78 9.25 21.44
CA GLU C 303 4.34 8.12 22.16
C GLU C 303 5.28 7.34 21.25
N ARG C 304 4.98 7.29 19.96
CA ARG C 304 5.84 6.59 19.02
C ARG C 304 7.20 7.29 18.93
N LEU C 305 7.17 8.61 18.77
CA LEU C 305 8.39 9.41 18.68
C LEU C 305 9.13 9.45 20.00
N ILE C 306 8.38 9.51 21.10
CA ILE C 306 9.00 9.41 22.40
C ILE C 306 9.81 8.11 22.48
N ASP C 307 9.22 7.00 22.05
CA ASP C 307 9.95 5.73 22.05
C ASP C 307 11.21 5.81 21.19
N LEU C 308 11.13 6.48 20.04
CA LEU C 308 12.28 6.64 19.17
C LEU C 308 13.41 7.40 19.87
N VAL C 309 13.04 8.39 20.68
CA VAL C 309 14.03 9.16 21.42
C VAL C 309 14.52 8.35 22.61
N PHE C 310 13.58 7.79 23.36
CA PHE C 310 13.92 7.03 24.55
C PHE C 310 14.91 5.91 24.26
N TYR C 311 14.67 5.17 23.18
CA TYR C 311 15.54 4.07 22.78
C TYR C 311 16.66 4.54 21.86
N LYS C 312 16.87 5.85 21.80
CA LYS C 312 18.04 6.43 21.13
C LYS C 312 18.17 6.03 19.67
N ARG C 313 17.04 5.99 18.96
CA ARG C 313 17.05 5.85 17.51
C ARG C 313 17.39 7.19 16.85
N VAL C 314 17.04 8.28 17.54
CA VAL C 314 17.32 9.64 17.07
C VAL C 314 17.60 10.54 18.27
N ASP C 315 18.45 11.55 18.08
CA ASP C 315 18.76 12.55 19.11
C ASP C 315 18.47 13.95 18.57
N PRO C 316 17.29 14.50 18.90
CA PRO C 316 16.88 15.79 18.33
C PRO C 316 17.51 17.02 19.02
N SER C 317 18.38 16.81 20.01
CA SER C 317 18.96 17.95 20.73
C SER C 317 19.89 18.76 19.84
N LYS C 318 20.47 18.13 18.82
CA LYS C 318 21.37 18.86 17.90
C LYS C 318 20.63 19.93 17.13
N LEU C 319 19.31 19.82 17.01
CA LEU C 319 18.50 20.87 16.38
C LEU C 319 18.53 22.16 17.17
N VAL C 320 18.82 22.06 18.46
CA VAL C 320 18.61 23.21 19.34
C VAL C 320 19.88 24.03 19.46
N THR C 321 19.95 25.14 18.73
CA THR C 321 21.15 25.94 18.68
C THR C 321 21.13 27.10 19.67
N HIS C 322 19.93 27.54 20.06
CA HIS C 322 19.77 28.62 21.01
C HIS C 322 18.84 28.21 22.13
N VAL C 323 19.27 28.39 23.37
CA VAL C 323 18.37 28.19 24.51
C VAL C 323 18.32 29.43 25.42
N PHE C 324 17.12 29.92 25.70
CA PHE C 324 16.93 31.09 26.57
C PHE C 324 16.08 30.76 27.81
N ARG C 325 16.32 31.46 28.91
CA ARG C 325 15.47 31.32 30.09
C ARG C 325 14.54 32.53 30.18
N GLY C 326 13.28 32.28 30.47
CA GLY C 326 12.37 33.37 30.79
C GLY C 326 11.21 33.61 29.86
N PHE C 327 10.03 33.68 30.44
CA PHE C 327 8.80 33.87 29.70
C PHE C 327 8.91 34.97 28.66
N ASP C 328 9.45 36.12 29.04
CA ASP C 328 9.53 37.27 28.13
C ASP C 328 10.43 36.98 26.93
N ASN C 329 11.36 36.04 27.08
CA ASN C 329 12.24 35.70 25.96
C ASN C 329 11.59 34.88 24.85
N ILE C 330 10.33 34.50 25.05
CA ILE C 330 9.52 33.98 23.96
C ILE C 330 9.60 34.93 22.78
N GLU C 331 9.41 36.23 23.04
CA GLU C 331 9.50 37.26 22.02
C GLU C 331 10.86 37.25 21.32
N LYS C 332 11.94 37.23 22.12
CA LYS C 332 13.29 37.17 21.54
C LYS C 332 13.45 35.96 20.62
N ALA C 333 13.01 34.81 21.10
CA ALA C 333 13.17 33.61 20.31
C ALA C 333 12.34 33.75 19.03
N PHE C 334 11.18 34.40 19.16
CA PHE C 334 10.29 34.59 18.00
C PHE C 334 10.94 35.45 16.93
N MET C 335 11.55 36.57 17.34
CA MET C 335 12.24 37.47 16.41
C MET C 335 13.45 36.81 15.77
N LEU C 336 14.00 35.83 16.48
CA LEU C 336 15.13 35.06 15.99
C LEU C 336 14.77 34.31 14.70
N MET C 337 13.58 33.71 14.68
CA MET C 337 13.12 33.01 13.47
C MET C 337 12.81 33.97 12.32
N LYS C 338 12.48 35.22 12.64
CA LYS C 338 12.22 36.20 11.58
C LYS C 338 13.50 36.56 10.83
N ASP C 339 14.49 37.07 11.54
CA ASP C 339 15.72 37.50 10.87
C ASP C 339 16.67 36.34 10.60
N LYS C 340 16.43 35.23 11.27
CA LYS C 340 17.17 34.00 11.03
C LYS C 340 18.67 34.19 10.79
N PRO C 341 19.44 34.32 11.89
CA PRO C 341 20.90 34.40 11.81
C PRO C 341 21.49 33.11 11.27
N LYS C 342 22.74 33.17 10.79
CA LYS C 342 23.35 32.06 10.08
C LYS C 342 23.72 30.85 10.95
N ASP C 343 23.79 31.03 12.26
CA ASP C 343 24.05 29.91 13.17
C ASP C 343 22.75 29.33 13.79
N LEU C 344 21.61 29.68 13.23
CA LEU C 344 20.36 29.23 13.83
C LEU C 344 19.79 27.99 13.15
N ILE C 345 19.36 27.04 13.99
CA ILE C 345 18.48 25.97 13.54
C ILE C 345 17.17 26.13 14.28
N LYS C 346 17.20 25.86 15.58
CA LYS C 346 16.01 25.98 16.42
C LYS C 346 16.33 26.59 17.80
N PRO C 347 15.53 27.57 18.24
CA PRO C 347 15.62 28.13 19.59
C PRO C 347 14.60 27.47 20.50
N VAL C 348 14.95 27.32 21.77
CA VAL C 348 14.04 26.83 22.78
C VAL C 348 14.02 27.82 23.96
N VAL C 349 12.84 28.10 24.48
CA VAL C 349 12.78 28.94 25.66
C VAL C 349 12.39 28.08 26.85
N ILE C 350 13.19 28.17 27.90
CA ILE C 350 12.92 27.41 29.11
C ILE C 350 12.19 28.30 30.09
N LEU C 351 11.10 27.78 30.64
CA LEU C 351 10.23 28.58 31.48
C LEU C 351 10.23 28.08 32.92
N ALA C 352 10.99 27.02 33.19
CA ALA C 352 11.15 26.52 34.55
C ALA C 352 12.61 26.19 34.89
N MET D 1 36.19 -29.63 -13.64
CA MET D 1 36.43 -28.91 -12.40
C MET D 1 35.90 -29.66 -11.15
N LYS D 2 36.38 -29.24 -9.99
CA LYS D 2 35.93 -29.73 -8.70
C LYS D 2 34.79 -28.92 -8.09
N GLY D 3 33.99 -29.59 -7.25
CA GLY D 3 32.87 -28.95 -6.59
C GLY D 3 32.41 -29.78 -5.39
N PHE D 4 31.96 -29.09 -4.35
CA PHE D 4 31.52 -29.77 -3.15
C PHE D 4 30.02 -29.99 -3.22
N ALA D 5 29.60 -31.24 -3.29
CA ALA D 5 28.24 -31.56 -3.70
C ALA D 5 27.45 -32.37 -2.70
N MET D 6 26.14 -32.37 -2.90
CA MET D 6 25.26 -33.35 -2.27
C MET D 6 25.16 -34.54 -3.20
N LEU D 7 25.76 -35.66 -2.80
CA LEU D 7 25.78 -36.86 -3.63
C LEU D 7 24.40 -37.51 -3.63
N SER D 8 23.72 -37.42 -2.49
CA SER D 8 22.36 -37.87 -2.33
C SER D 8 21.94 -37.53 -0.91
N ILE D 9 20.65 -37.65 -0.61
CA ILE D 9 20.15 -37.28 0.71
C ILE D 9 20.91 -37.99 1.83
N GLY D 10 21.61 -37.21 2.63
CA GLY D 10 22.40 -37.74 3.73
C GLY D 10 23.87 -37.86 3.37
N LYS D 11 24.19 -37.59 2.10
CA LYS D 11 25.57 -37.70 1.63
C LYS D 11 26.12 -36.48 0.91
N VAL D 12 27.30 -36.04 1.34
CA VAL D 12 27.99 -34.96 0.66
C VAL D 12 29.42 -35.38 0.37
N GLY D 13 30.05 -34.71 -0.58
CA GLY D 13 31.44 -34.96 -0.89
C GLY D 13 31.89 -34.22 -2.14
N TRP D 14 33.20 -34.07 -2.29
CA TRP D 14 33.80 -33.45 -3.46
C TRP D 14 33.56 -34.30 -4.70
N ILE D 15 33.21 -33.65 -5.80
CA ILE D 15 33.03 -34.36 -7.06
C ILE D 15 33.68 -33.60 -8.19
N GLU D 16 33.88 -34.31 -9.31
CA GLU D 16 34.36 -33.68 -10.52
C GLU D 16 33.19 -33.41 -11.45
N LYS D 17 32.95 -32.15 -11.75
CA LYS D 17 31.95 -31.80 -12.74
C LYS D 17 32.60 -31.07 -13.91
N GLU D 18 31.93 -31.11 -15.04
CA GLU D 18 32.35 -30.33 -16.19
C GLU D 18 32.18 -28.83 -15.88
N LYS D 19 33.16 -28.02 -16.24
CA LYS D 19 33.07 -26.57 -16.05
C LYS D 19 31.94 -26.01 -16.91
N PRO D 20 30.99 -25.30 -16.27
CA PRO D 20 29.85 -24.77 -17.02
C PRO D 20 30.27 -23.70 -18.01
N ALA D 21 29.61 -23.66 -19.17
CA ALA D 21 29.80 -22.62 -20.17
C ALA D 21 28.56 -21.73 -20.16
N PRO D 22 28.71 -20.47 -20.60
CA PRO D 22 27.61 -19.51 -20.56
C PRO D 22 26.83 -19.44 -21.87
N GLY D 23 25.51 -19.30 -21.77
CA GLY D 23 24.72 -18.88 -22.91
C GLY D 23 25.01 -17.41 -23.13
N PRO D 24 24.48 -16.83 -24.22
CA PRO D 24 24.80 -15.45 -24.60
C PRO D 24 24.53 -14.40 -23.50
N PHE D 25 23.69 -14.73 -22.53
CA PHE D 25 23.25 -13.77 -21.52
C PHE D 25 23.86 -14.07 -20.16
N ASP D 26 24.60 -15.16 -20.08
CA ASP D 26 25.13 -15.62 -18.79
C ASP D 26 26.59 -15.21 -18.54
N ALA D 27 27.02 -15.36 -17.28
CA ALA D 27 28.44 -15.24 -16.92
C ALA D 27 28.91 -16.48 -16.15
N ILE D 28 30.18 -16.82 -16.31
CA ILE D 28 30.82 -17.82 -15.48
C ILE D 28 31.63 -17.08 -14.44
N VAL D 29 31.49 -17.48 -13.19
CA VAL D 29 32.08 -16.75 -12.08
C VAL D 29 32.91 -17.66 -11.20
N ARG D 30 34.07 -17.19 -10.77
CA ARG D 30 34.85 -17.93 -9.79
C ARG D 30 34.72 -17.25 -8.43
N PRO D 31 34.45 -18.05 -7.38
CA PRO D 31 34.20 -17.46 -6.06
C PRO D 31 35.48 -16.97 -5.39
N LEU D 32 35.39 -15.84 -4.70
CA LEU D 32 36.51 -15.35 -3.89
C LEU D 32 36.22 -15.54 -2.41
N ALA D 33 34.94 -15.55 -2.08
CA ALA D 33 34.50 -15.89 -0.74
C ALA D 33 33.10 -16.52 -0.75
N VAL D 34 32.89 -17.49 0.14
CA VAL D 34 31.61 -18.19 0.22
C VAL D 34 31.27 -18.45 1.68
N ALA D 35 30.01 -18.77 1.92
CA ALA D 35 29.53 -19.15 3.24
C ALA D 35 28.46 -20.23 3.07
N PRO D 36 28.31 -21.11 4.07
CA PRO D 36 27.28 -22.15 4.03
C PRO D 36 25.99 -21.63 4.65
N CYS D 37 24.84 -22.14 4.23
CA CYS D 37 23.55 -21.72 4.80
C CYS D 37 22.82 -22.90 5.45
N THR D 38 22.12 -22.60 6.54
CA THR D 38 21.40 -23.62 7.29
C THR D 38 20.44 -24.42 6.40
N SER D 39 19.93 -23.76 5.36
CA SER D 39 18.98 -24.39 4.45
C SER D 39 19.60 -25.54 3.67
N ASP D 40 20.91 -25.51 3.47
CA ASP D 40 21.55 -26.62 2.78
C ASP D 40 21.68 -27.82 3.70
N ILE D 41 21.70 -27.54 5.00
CA ILE D 41 21.67 -28.63 5.98
C ILE D 41 20.31 -29.33 5.88
N HIS D 42 19.25 -28.54 5.80
CA HIS D 42 17.93 -29.11 5.61
C HIS D 42 17.90 -30.08 4.43
N THR D 43 18.22 -29.58 3.24
CA THR D 43 18.04 -30.40 2.05
C THR D 43 18.94 -31.63 2.06
N VAL D 44 20.19 -31.46 2.45
CA VAL D 44 21.11 -32.58 2.40
C VAL D 44 20.70 -33.68 3.37
N PHE D 45 20.20 -33.30 4.54
CA PHE D 45 20.01 -34.28 5.60
C PHE D 45 18.56 -34.58 5.96
N GLU D 46 17.66 -33.65 5.68
CA GLU D 46 16.24 -33.86 5.92
C GLU D 46 15.47 -33.95 4.61
N GLY D 47 16.20 -34.17 3.52
CA GLY D 47 15.60 -34.19 2.20
C GLY D 47 14.54 -33.14 2.00
N ALA D 48 14.79 -31.94 2.55
CA ALA D 48 13.77 -30.90 2.66
C ALA D 48 13.21 -30.45 1.32
N ILE D 49 13.88 -30.81 0.22
CA ILE D 49 13.46 -30.38 -1.10
C ILE D 49 13.43 -31.54 -2.08
N GLY D 50 13.51 -32.75 -1.53
CA GLY D 50 13.51 -33.95 -2.33
C GLY D 50 14.91 -34.44 -2.64
N GLU D 51 14.99 -35.57 -3.32
CA GLU D 51 16.28 -36.18 -3.65
C GLU D 51 17.06 -35.31 -4.63
N ARG D 52 18.38 -35.45 -4.59
CA ARG D 52 19.25 -34.77 -5.54
C ARG D 52 20.43 -35.69 -5.78
N HIS D 53 21.02 -35.64 -6.96
CA HIS D 53 22.21 -36.41 -7.21
C HIS D 53 23.32 -35.51 -7.72
N ASN D 54 24.43 -35.49 -7.00
CA ASN D 54 25.61 -34.74 -7.40
C ASN D 54 25.33 -33.26 -7.67
N MET D 55 24.53 -32.64 -6.82
CA MET D 55 24.28 -31.19 -6.91
C MET D 55 25.27 -30.39 -6.05
N ILE D 56 26.08 -29.57 -6.72
CA ILE D 56 26.98 -28.68 -6.01
C ILE D 56 26.19 -27.74 -5.07
N LEU D 57 26.61 -27.69 -3.81
CA LEU D 57 25.92 -26.93 -2.77
C LEU D 57 26.35 -25.47 -2.70
N GLY D 58 25.75 -24.73 -1.77
CA GLY D 58 26.11 -23.34 -1.52
C GLY D 58 25.46 -22.33 -2.45
N HIS D 59 25.01 -21.21 -1.89
CA HIS D 59 24.44 -20.15 -2.72
C HIS D 59 24.73 -18.78 -2.14
N GLU D 60 25.87 -18.65 -1.46
CA GLU D 60 26.28 -17.37 -0.93
C GLU D 60 27.71 -17.12 -1.38
N ALA D 61 27.89 -16.26 -2.38
CA ALA D 61 29.21 -16.01 -2.90
C ALA D 61 29.42 -14.56 -3.31
N VAL D 62 30.64 -14.08 -3.04
CA VAL D 62 31.22 -12.98 -3.77
C VAL D 62 32.23 -13.67 -4.67
N GLY D 63 32.37 -13.19 -5.90
CA GLY D 63 33.21 -13.85 -6.87
C GLY D 63 33.84 -12.88 -7.85
N GLU D 64 34.52 -13.40 -8.86
CA GLU D 64 35.05 -12.58 -9.94
C GLU D 64 34.64 -13.16 -11.27
N VAL D 65 34.10 -12.30 -12.14
CA VAL D 65 33.62 -12.74 -13.44
C VAL D 65 34.74 -13.34 -14.27
N VAL D 66 34.51 -14.54 -14.79
CA VAL D 66 35.53 -15.20 -15.59
C VAL D 66 35.23 -15.16 -17.09
N GLU D 67 33.97 -15.31 -17.47
CA GLU D 67 33.59 -15.12 -18.86
C GLU D 67 32.12 -14.79 -18.91
N VAL D 68 31.70 -14.17 -20.01
CA VAL D 68 30.33 -13.69 -20.17
C VAL D 68 29.94 -13.99 -21.61
N GLY D 69 28.63 -14.13 -21.84
CA GLY D 69 28.13 -14.38 -23.17
C GLY D 69 28.23 -13.16 -24.06
N SER D 70 27.93 -13.34 -25.34
CA SER D 70 28.06 -12.30 -26.34
C SER D 70 27.02 -11.20 -26.19
N GLU D 71 26.07 -11.40 -25.30
CA GLU D 71 25.01 -10.41 -25.09
C GLU D 71 25.17 -9.68 -23.76
N VAL D 72 26.17 -10.06 -23.00
CA VAL D 72 26.41 -9.42 -21.70
C VAL D 72 27.06 -8.04 -21.86
N LYS D 73 26.46 -7.04 -21.23
CA LYS D 73 26.84 -5.66 -21.48
C LYS D 73 27.52 -4.98 -20.31
N ASP D 74 27.15 -5.33 -19.09
CA ASP D 74 27.57 -4.53 -17.93
C ASP D 74 28.64 -5.23 -17.09
N PHE D 75 28.95 -6.47 -17.41
CA PHE D 75 29.98 -7.20 -16.69
C PHE D 75 30.95 -7.85 -17.65
N LYS D 76 32.23 -7.87 -17.28
CA LYS D 76 33.27 -8.49 -18.09
C LYS D 76 34.26 -9.25 -17.20
N PRO D 77 35.09 -10.10 -17.82
CA PRO D 77 36.11 -10.87 -17.10
C PRO D 77 36.94 -9.97 -16.19
N GLY D 78 37.09 -10.36 -14.94
CA GLY D 78 37.82 -9.57 -13.97
C GLY D 78 36.97 -8.86 -12.92
N ASP D 79 35.73 -8.52 -13.25
CA ASP D 79 34.94 -7.70 -12.32
C ASP D 79 34.67 -8.48 -11.04
N ARG D 80 34.76 -7.80 -9.90
CA ARG D 80 34.38 -8.40 -8.63
C ARG D 80 32.89 -8.20 -8.41
N VAL D 81 32.17 -9.26 -8.08
CA VAL D 81 30.72 -9.15 -7.99
C VAL D 81 30.13 -9.76 -6.72
N VAL D 82 29.01 -9.21 -6.29
CA VAL D 82 28.18 -9.86 -5.30
C VAL D 82 27.12 -10.66 -6.07
N VAL D 83 26.94 -11.93 -5.71
CA VAL D 83 26.00 -12.82 -6.37
C VAL D 83 24.82 -13.06 -5.43
N PRO D 84 23.62 -12.66 -5.84
CA PRO D 84 22.47 -12.93 -4.98
C PRO D 84 22.23 -14.43 -4.91
N ALA D 85 21.79 -14.95 -3.76
CA ALA D 85 21.37 -16.36 -3.69
C ALA D 85 20.19 -16.65 -4.63
N ILE D 86 19.40 -15.61 -4.89
CA ILE D 86 18.24 -15.72 -5.78
C ILE D 86 18.55 -15.08 -7.14
N THR D 87 18.56 -15.90 -8.19
CA THR D 87 18.93 -15.46 -9.53
C THR D 87 17.89 -15.87 -10.55
N PRO D 88 16.77 -15.12 -10.62
CA PRO D 88 15.61 -15.55 -11.41
C PRO D 88 15.80 -15.46 -12.91
N ASP D 89 14.97 -16.22 -13.61
CA ASP D 89 14.72 -16.01 -15.02
C ASP D 89 13.79 -14.80 -15.08
N TRP D 90 14.21 -13.77 -15.81
CA TRP D 90 13.49 -12.52 -15.73
C TRP D 90 12.34 -12.36 -16.72
N ARG D 91 12.28 -13.21 -17.74
CA ARG D 91 11.16 -13.16 -18.69
C ARG D 91 10.11 -14.20 -18.36
N THR D 92 9.37 -13.96 -17.29
CA THR D 92 8.29 -14.88 -16.89
C THR D 92 7.07 -14.06 -16.47
N SER D 93 5.96 -14.75 -16.29
CA SER D 93 4.72 -14.09 -15.91
C SER D 93 4.76 -13.71 -14.44
N GLU D 94 5.42 -14.52 -13.62
CA GLU D 94 5.58 -14.12 -12.22
C GLU D 94 6.34 -12.77 -12.09
N VAL D 95 7.23 -12.52 -13.03
CA VAL D 95 7.95 -11.26 -13.01
C VAL D 95 7.01 -10.11 -13.43
N GLN D 96 6.16 -10.35 -14.42
CA GLN D 96 5.16 -9.34 -14.76
C GLN D 96 4.20 -9.10 -13.58
N ARG D 97 3.94 -10.15 -12.78
CA ARG D 97 3.13 -10.03 -11.56
C ARG D 97 3.89 -9.38 -10.37
N GLY D 98 5.20 -9.25 -10.47
CA GLY D 98 5.99 -8.63 -9.42
C GLY D 98 6.56 -9.58 -8.37
N TYR D 99 6.70 -10.86 -8.72
CA TYR D 99 7.22 -11.82 -7.77
C TYR D 99 8.36 -12.66 -8.36
N HIS D 100 9.49 -12.02 -8.58
CA HIS D 100 10.63 -12.67 -9.20
C HIS D 100 11.07 -13.92 -8.42
N GLN D 101 10.81 -13.95 -7.12
CA GLN D 101 11.27 -15.06 -6.30
C GLN D 101 10.65 -16.37 -6.78
N HIS D 102 9.53 -16.28 -7.49
CA HIS D 102 8.77 -17.45 -7.89
C HIS D 102 8.63 -17.51 -9.41
N SER D 103 9.66 -17.04 -10.10
CA SER D 103 9.70 -17.04 -11.54
C SER D 103 9.84 -18.47 -12.06
N GLY D 104 8.83 -18.95 -12.76
CA GLY D 104 8.85 -20.32 -13.26
C GLY D 104 8.31 -21.35 -12.28
N GLY D 105 7.95 -20.91 -11.07
CA GLY D 105 7.40 -21.81 -10.08
C GLY D 105 7.72 -21.40 -8.66
N MET D 106 7.03 -21.99 -7.69
CA MET D 106 7.24 -21.67 -6.29
C MET D 106 8.71 -21.83 -5.90
N LEU D 107 9.33 -20.73 -5.48
CA LEU D 107 10.74 -20.70 -5.04
C LEU D 107 11.74 -20.87 -6.18
N ALA D 108 11.24 -20.91 -7.41
CA ALA D 108 12.10 -21.24 -8.55
C ALA D 108 13.16 -20.18 -8.80
N GLY D 109 12.95 -19.00 -8.24
CA GLY D 109 13.91 -17.92 -8.33
C GLY D 109 15.21 -18.30 -7.63
N TRP D 110 15.08 -19.19 -6.65
CA TRP D 110 16.23 -19.72 -5.95
C TRP D 110 16.74 -20.96 -6.67
N LYS D 111 17.83 -20.80 -7.42
CA LYS D 111 18.36 -21.90 -8.24
C LYS D 111 19.55 -22.62 -7.58
N PHE D 112 20.54 -21.84 -7.14
CA PHE D 112 21.78 -22.36 -6.56
C PHE D 112 21.50 -23.30 -5.42
N SER D 113 21.96 -24.54 -5.56
CA SER D 113 21.71 -25.63 -4.60
C SER D 113 20.22 -25.90 -4.34
N ASN D 114 19.36 -25.41 -5.23
CA ASN D 114 17.96 -25.86 -5.26
C ASN D 114 17.69 -26.66 -6.54
N VAL D 115 17.73 -26.01 -7.70
CA VAL D 115 17.59 -26.69 -8.99
C VAL D 115 18.79 -26.44 -9.89
N LYS D 116 19.93 -26.14 -9.29
CA LYS D 116 21.10 -25.76 -10.07
C LYS D 116 22.33 -26.00 -9.25
N ASP D 117 23.40 -26.41 -9.91
CA ASP D 117 24.69 -26.45 -9.25
C ASP D 117 24.97 -25.12 -8.55
N GLY D 118 25.26 -25.21 -7.26
CA GLY D 118 25.55 -24.04 -6.44
C GLY D 118 26.98 -23.48 -6.59
N VAL D 119 27.42 -22.71 -5.59
CA VAL D 119 28.64 -21.90 -5.71
C VAL D 119 29.90 -22.54 -5.09
N PHE D 120 29.75 -23.72 -4.50
CA PHE D 120 30.91 -24.42 -3.93
C PHE D 120 31.66 -25.21 -4.98
N GLY D 121 31.93 -24.59 -6.12
CA GLY D 121 32.81 -25.20 -7.12
C GLY D 121 33.87 -24.20 -7.54
N GLU D 122 34.85 -24.65 -8.32
CA GLU D 122 35.93 -23.77 -8.74
C GLU D 122 35.30 -22.66 -9.56
N PHE D 123 34.17 -23.00 -10.16
CA PHE D 123 33.41 -22.03 -10.93
C PHE D 123 31.93 -22.33 -10.78
N PHE D 124 31.10 -21.33 -11.06
CA PHE D 124 29.66 -21.55 -11.16
C PHE D 124 29.06 -20.67 -12.25
N HIS D 125 27.81 -20.95 -12.56
CA HIS D 125 27.10 -20.36 -13.69
C HIS D 125 26.04 -19.37 -13.19
N VAL D 126 26.04 -18.16 -13.75
CA VAL D 126 25.00 -17.18 -13.41
C VAL D 126 24.15 -16.89 -14.64
N ASN D 127 22.87 -17.21 -14.54
CA ASN D 127 21.93 -16.90 -15.61
C ASN D 127 21.65 -15.41 -15.64
N ASP D 128 21.73 -14.81 -16.83
CA ASP D 128 21.41 -13.40 -17.04
C ASP D 128 22.26 -12.47 -16.15
N ALA D 129 23.52 -12.32 -16.53
CA ALA D 129 24.45 -11.57 -15.72
C ALA D 129 23.98 -10.12 -15.51
N ASP D 130 23.57 -9.48 -16.59
CA ASP D 130 23.20 -8.08 -16.51
C ASP D 130 22.07 -7.85 -15.52
N MET D 131 21.20 -8.86 -15.33
CA MET D 131 20.05 -8.70 -14.43
C MET D 131 20.31 -9.27 -13.03
N ASN D 132 21.34 -10.10 -12.92
CA ASN D 132 21.52 -10.88 -11.70
C ASN D 132 22.79 -10.65 -10.90
N LEU D 133 23.71 -9.85 -11.44
CA LEU D 133 24.96 -9.57 -10.73
C LEU D 133 25.06 -8.09 -10.33
N ALA D 134 25.87 -7.80 -9.31
CA ALA D 134 26.19 -6.41 -8.96
C ALA D 134 27.66 -6.22 -8.56
N HIS D 135 28.25 -5.15 -9.09
CA HIS D 135 29.64 -4.82 -8.81
C HIS D 135 29.86 -4.61 -7.33
N LEU D 136 31.00 -5.09 -6.84
CA LEU D 136 31.32 -4.97 -5.43
C LEU D 136 32.35 -3.88 -5.22
N PRO D 137 31.98 -2.83 -4.48
CA PRO D 137 32.94 -1.75 -4.21
C PRO D 137 34.13 -2.35 -3.48
N LYS D 138 35.34 -1.88 -3.79
CA LYS D 138 36.54 -2.42 -3.16
C LYS D 138 36.57 -2.07 -1.68
N GLU D 139 35.85 -1.02 -1.32
CA GLU D 139 35.80 -0.55 0.06
C GLU D 139 35.19 -1.59 1.02
N ILE D 140 34.39 -2.51 0.49
CA ILE D 140 33.71 -3.48 1.32
C ILE D 140 34.49 -4.80 1.40
N PRO D 141 34.84 -5.21 2.63
CA PRO D 141 35.60 -6.45 2.86
C PRO D 141 34.80 -7.68 2.48
N LEU D 142 35.47 -8.70 1.95
CA LEU D 142 34.81 -9.90 1.45
C LEU D 142 33.88 -10.53 2.49
N GLU D 143 34.33 -10.60 3.75
CA GLU D 143 33.58 -11.32 4.78
C GLU D 143 32.28 -10.61 5.11
N ALA D 144 32.25 -9.30 4.87
CA ALA D 144 31.05 -8.52 5.05
C ALA D 144 30.20 -8.67 3.80
N ALA D 145 30.84 -8.55 2.65
CA ALA D 145 30.15 -8.64 1.38
C ALA D 145 29.41 -9.97 1.23
N VAL D 146 30.03 -11.07 1.64
CA VAL D 146 29.38 -12.37 1.43
C VAL D 146 28.13 -12.53 2.31
N MET D 147 27.91 -11.61 3.25
CA MET D 147 26.72 -11.65 4.08
C MET D 147 25.51 -11.05 3.35
N ILE D 148 25.73 -10.49 2.17
CA ILE D 148 24.70 -9.75 1.46
C ILE D 148 23.76 -10.66 0.65
N PRO D 149 24.34 -11.61 -0.10
CA PRO D 149 23.54 -12.47 -0.98
C PRO D 149 22.32 -13.14 -0.33
N ASP D 150 22.31 -13.31 0.97
CA ASP D 150 21.34 -14.22 1.60
C ASP D 150 20.94 -13.72 2.98
N MET D 151 21.91 -13.62 3.89
CA MET D 151 21.60 -13.24 5.26
C MET D 151 20.94 -11.88 5.30
N MET D 152 21.56 -10.91 4.64
CA MET D 152 21.01 -9.56 4.65
C MET D 152 19.70 -9.43 3.89
N THR D 153 19.65 -9.90 2.66
CA THR D 153 18.42 -9.80 1.90
C THR D 153 17.27 -10.53 2.62
N THR D 154 17.57 -11.67 3.26
CA THR D 154 16.55 -12.39 4.02
C THR D 154 16.10 -11.68 5.29
N GLY D 155 17.04 -11.31 6.15
CA GLY D 155 16.66 -10.61 7.37
C GLY D 155 15.89 -9.33 7.06
N PHE D 156 16.37 -8.59 6.07
CA PHE D 156 15.76 -7.30 5.75
C PHE D 156 14.36 -7.49 5.16
N HIS D 157 14.17 -8.57 4.43
CA HIS D 157 12.88 -8.84 3.84
C HIS D 157 11.84 -9.12 4.92
N GLY D 158 12.27 -9.75 6.02
CA GLY D 158 11.43 -9.89 7.20
C GLY D 158 10.91 -8.54 7.70
N ALA D 159 11.81 -7.58 7.78
CA ALA D 159 11.44 -6.22 8.21
C ALA D 159 10.55 -5.48 7.17
N GLU D 160 10.78 -5.72 5.88
CA GLU D 160 9.96 -5.09 4.84
C GLU D 160 8.53 -5.62 4.87
N LEU D 161 8.41 -6.94 4.82
CA LEU D 161 7.13 -7.62 4.86
C LEU D 161 6.36 -7.20 6.10
N ALA D 162 7.09 -6.91 7.16
CA ALA D 162 6.48 -6.56 8.43
C ALA D 162 5.77 -5.20 8.39
N ASP D 163 6.06 -4.40 7.36
CA ASP D 163 5.43 -3.09 7.19
C ASP D 163 5.44 -2.29 8.48
N ILE D 164 6.64 -2.05 8.98
CA ILE D 164 6.84 -1.41 10.28
C ILE D 164 6.42 0.08 10.33
N GLU D 165 5.68 0.46 11.38
CA GLU D 165 5.39 1.86 11.67
C GLU D 165 6.52 2.48 12.49
N MET D 166 6.86 3.72 12.20
CA MET D 166 7.94 4.38 12.91
C MET D 166 7.63 4.42 14.40
N GLY D 167 8.53 3.91 15.23
CA GLY D 167 8.35 3.96 16.67
C GLY D 167 7.66 2.76 17.30
N SER D 168 7.11 1.89 16.47
CA SER D 168 6.40 0.71 16.96
C SER D 168 7.33 -0.37 17.51
N SER D 169 6.73 -1.28 18.28
CA SER D 169 7.45 -2.37 18.93
C SER D 169 7.53 -3.60 18.03
N VAL D 170 8.70 -4.25 18.02
CA VAL D 170 8.92 -5.45 17.22
C VAL D 170 9.57 -6.59 18.00
N VAL D 171 8.98 -7.79 17.94
CA VAL D 171 9.65 -8.98 18.45
C VAL D 171 10.27 -9.71 17.27
N VAL D 172 11.53 -10.12 17.42
CA VAL D 172 12.17 -11.01 16.45
C VAL D 172 12.48 -12.34 17.13
N ILE D 173 11.81 -13.39 16.69
CA ILE D 173 11.98 -14.70 17.29
C ILE D 173 13.05 -15.43 16.52
N GLY D 174 14.17 -15.70 17.19
CA GLY D 174 15.28 -16.36 16.53
C GLY D 174 16.37 -15.35 16.22
N ILE D 175 17.52 -15.51 16.88
CA ILE D 175 18.62 -14.58 16.65
C ILE D 175 19.90 -15.24 16.11
N GLY D 176 19.71 -16.15 15.16
CA GLY D 176 20.79 -16.57 14.28
C GLY D 176 21.06 -15.45 13.29
N ALA D 177 21.92 -15.70 12.31
CA ALA D 177 22.33 -14.65 11.36
C ALA D 177 21.13 -13.91 10.74
N VAL D 178 20.22 -14.65 10.13
CA VAL D 178 19.00 -14.09 9.53
C VAL D 178 18.21 -13.26 10.55
N GLY D 179 17.99 -13.83 11.72
CA GLY D 179 17.28 -13.16 12.78
C GLY D 179 17.98 -11.87 13.16
N LEU D 180 19.31 -11.87 13.07
CA LEU D 180 20.08 -10.70 13.46
C LEU D 180 19.95 -9.59 12.43
N MET D 181 19.87 -9.96 11.16
CA MET D 181 19.61 -8.98 10.11
C MET D 181 18.15 -8.50 10.15
N GLY D 182 17.28 -9.31 10.76
CA GLY D 182 15.89 -8.94 10.94
C GLY D 182 15.81 -7.82 11.96
N ILE D 183 16.60 -7.95 13.01
CA ILE D 183 16.71 -6.92 14.03
C ILE D 183 17.28 -5.62 13.44
N ALA D 184 18.34 -5.73 12.65
CA ALA D 184 18.92 -4.57 11.96
C ALA D 184 17.92 -3.90 10.99
N GLY D 185 17.26 -4.72 10.17
CA GLY D 185 16.23 -4.23 9.27
C GLY D 185 15.09 -3.51 9.99
N ALA D 186 14.66 -4.04 11.12
CA ALA D 186 13.57 -3.41 11.87
C ALA D 186 14.03 -2.04 12.31
N LYS D 187 15.25 -1.96 12.84
CA LYS D 187 15.81 -0.70 13.27
C LYS D 187 15.86 0.25 12.10
N LEU D 188 16.33 -0.27 10.96
CA LEU D 188 16.42 0.51 9.75
C LEU D 188 15.03 0.86 9.16
N ARG D 189 13.97 0.25 9.68
CA ARG D 189 12.63 0.65 9.24
C ARG D 189 12.01 1.59 10.25
N GLY D 190 12.75 1.90 11.32
CA GLY D 190 12.33 2.89 12.27
C GLY D 190 11.65 2.33 13.51
N ALA D 191 11.97 1.09 13.84
CA ALA D 191 11.36 0.48 15.01
C ALA D 191 11.88 1.13 16.29
N GLY D 192 11.00 1.23 17.28
CA GLY D 192 11.37 1.71 18.59
C GLY D 192 11.91 0.54 19.39
N ARG D 193 11.05 -0.04 20.22
CA ARG D 193 11.45 -1.17 21.04
C ARG D 193 11.60 -2.39 20.14
N ILE D 194 12.74 -3.06 20.28
CA ILE D 194 12.99 -4.28 19.53
C ILE D 194 13.39 -5.38 20.49
N ILE D 195 12.53 -6.38 20.60
CA ILE D 195 12.73 -7.49 21.52
C ILE D 195 13.20 -8.75 20.79
N GLY D 196 14.47 -9.13 20.99
CA GLY D 196 15.03 -10.33 20.38
C GLY D 196 14.88 -11.57 21.23
N VAL D 197 14.61 -12.71 20.58
CA VAL D 197 14.36 -13.98 21.29
C VAL D 197 15.41 -15.04 20.94
N GLY D 198 16.10 -15.53 21.96
CA GLY D 198 17.18 -16.50 21.76
C GLY D 198 18.13 -16.53 22.95
N SER D 199 19.06 -17.49 22.95
CA SER D 199 19.89 -17.74 24.13
C SER D 199 21.41 -17.65 23.93
N ARG D 200 21.90 -18.21 22.83
CA ARG D 200 23.34 -18.24 22.56
C ARG D 200 23.98 -16.88 22.85
N PRO D 201 24.86 -16.83 23.85
CA PRO D 201 25.52 -15.60 24.29
C PRO D 201 26.06 -14.79 23.12
N ILE D 202 26.73 -15.43 22.18
CA ILE D 202 27.35 -14.69 21.09
C ILE D 202 26.30 -14.07 20.18
N CYS D 203 25.19 -14.77 19.99
CA CYS D 203 24.07 -14.20 19.25
C CYS D 203 23.47 -13.06 20.03
N VAL D 204 23.36 -13.25 21.34
CA VAL D 204 22.79 -12.24 22.21
C VAL D 204 23.54 -10.92 22.09
N GLU D 205 24.87 -11.00 22.07
CA GLU D 205 25.68 -9.80 21.97
C GLU D 205 25.58 -9.15 20.59
N ALA D 206 25.42 -9.96 19.55
CA ALA D 206 25.24 -9.41 18.21
C ALA D 206 23.85 -8.76 18.10
N ALA D 207 22.87 -9.35 18.81
CA ALA D 207 21.51 -8.84 18.77
C ALA D 207 21.49 -7.43 19.36
N LYS D 208 22.13 -7.26 20.52
CA LYS D 208 22.28 -5.94 21.11
C LYS D 208 23.01 -4.98 20.16
N PHE D 209 24.07 -5.47 19.51
CA PHE D 209 24.83 -4.64 18.59
C PHE D 209 23.97 -4.13 17.44
N TYR D 210 23.02 -4.94 17.01
CA TYR D 210 22.23 -4.59 15.84
C TYR D 210 20.98 -3.78 16.17
N GLY D 211 20.67 -3.61 17.45
CA GLY D 211 19.57 -2.76 17.84
C GLY D 211 18.62 -3.26 18.90
N ALA D 212 18.77 -4.51 19.32
CA ALA D 212 17.83 -5.05 20.30
C ALA D 212 17.92 -4.29 21.61
N THR D 213 16.76 -3.90 22.13
CA THR D 213 16.66 -3.18 23.39
C THR D 213 16.26 -4.14 24.51
N ASP D 214 15.91 -5.35 24.11
CA ASP D 214 15.54 -6.39 25.05
C ASP D 214 15.93 -7.73 24.46
N ILE D 215 16.32 -8.67 25.31
CA ILE D 215 16.61 -10.02 24.89
C ILE D 215 15.85 -10.99 25.77
N LEU D 216 14.99 -11.79 25.15
CA LEU D 216 14.21 -12.76 25.89
C LEU D 216 14.77 -14.15 25.72
N ASN D 217 14.91 -14.84 26.85
CA ASN D 217 15.39 -16.21 26.87
C ASN D 217 14.25 -17.18 27.16
N TYR D 218 14.02 -18.14 26.28
CA TYR D 218 13.10 -19.22 26.62
C TYR D 218 13.68 -19.96 27.81
N LYS D 219 12.86 -20.11 28.85
CA LYS D 219 13.21 -20.77 30.10
C LYS D 219 13.13 -19.78 31.26
N ASN D 220 12.80 -18.54 30.93
CA ASN D 220 12.34 -17.59 31.93
C ASN D 220 10.82 -17.60 31.95
N GLY D 221 10.25 -18.71 31.48
CA GLY D 221 8.81 -18.81 31.28
C GLY D 221 8.52 -18.82 29.78
N HIS D 222 7.31 -19.20 29.41
CA HIS D 222 6.94 -19.21 28.01
C HIS D 222 7.09 -17.81 27.43
N ILE D 223 7.54 -17.74 26.18
CA ILE D 223 7.89 -16.45 25.58
C ILE D 223 6.73 -15.45 25.55
N VAL D 224 5.53 -15.95 25.26
CA VAL D 224 4.35 -15.09 25.19
C VAL D 224 4.09 -14.39 26.52
N ASP D 225 4.21 -15.15 27.61
CA ASP D 225 4.07 -14.57 28.95
C ASP D 225 5.14 -13.54 29.25
N GLN D 226 6.36 -13.80 28.78
CA GLN D 226 7.45 -12.84 28.94
C GLN D 226 7.15 -11.57 28.16
N VAL D 227 6.73 -11.72 26.90
CA VAL D 227 6.42 -10.56 26.08
C VAL D 227 5.27 -9.73 26.67
N MET D 228 4.25 -10.42 27.16
CA MET D 228 3.12 -9.73 27.81
C MET D 228 3.56 -8.91 29.02
N LYS D 229 4.37 -9.52 29.89
CA LYS D 229 4.85 -8.80 31.07
C LYS D 229 5.75 -7.62 30.71
N LEU D 230 6.52 -7.76 29.63
CA LEU D 230 7.33 -6.64 29.13
C LEU D 230 6.45 -5.48 28.65
N THR D 231 5.32 -5.82 28.06
CA THR D 231 4.50 -4.83 27.37
C THR D 231 3.21 -4.59 28.13
N ASN D 232 3.20 -5.02 29.38
CA ASN D 232 2.04 -4.79 30.25
C ASN D 232 0.73 -5.27 29.65
N GLY D 233 0.75 -6.47 29.07
CA GLY D 233 -0.44 -7.07 28.49
C GLY D 233 -0.84 -6.45 27.17
N LYS D 234 -0.11 -5.42 26.74
CA LYS D 234 -0.46 -4.68 25.52
C LYS D 234 -0.13 -5.45 24.26
N GLY D 235 0.93 -6.26 24.32
CA GLY D 235 1.45 -6.93 23.16
C GLY D 235 2.36 -6.07 22.33
N VAL D 236 2.76 -6.57 21.17
CA VAL D 236 3.67 -5.85 20.29
C VAL D 236 2.99 -5.63 18.94
N ASP D 237 3.47 -4.63 18.21
CA ASP D 237 2.88 -4.30 16.93
C ASP D 237 3.27 -5.28 15.83
N ARG D 238 4.49 -5.78 15.88
CA ARG D 238 4.98 -6.65 14.82
C ARG D 238 5.80 -7.82 15.35
N VAL D 239 5.68 -8.96 14.67
CA VAL D 239 6.55 -10.08 14.95
C VAL D 239 7.26 -10.56 13.70
N ILE D 240 8.57 -10.74 13.78
CA ILE D 240 9.29 -11.36 12.67
C ILE D 240 9.71 -12.76 13.11
N MET D 241 9.29 -13.78 12.35
CA MET D 241 9.68 -15.16 12.62
C MET D 241 10.94 -15.54 11.85
N ALA D 242 12.05 -15.67 12.58
CA ALA D 242 13.34 -15.91 11.93
C ALA D 242 13.99 -17.22 12.34
N GLY D 243 13.48 -17.87 13.38
CA GLY D 243 14.03 -19.14 13.83
C GLY D 243 13.08 -19.91 14.73
N GLY D 244 13.42 -21.17 15.01
CA GLY D 244 12.62 -22.02 15.88
C GLY D 244 11.73 -23.00 15.14
N GLY D 245 10.86 -23.68 15.88
CA GLY D 245 9.93 -24.63 15.29
C GLY D 245 8.69 -23.95 14.76
N SER D 246 7.74 -24.74 14.24
CA SER D 246 6.51 -24.18 13.70
C SER D 246 5.58 -23.69 14.80
N GLU D 247 5.86 -24.09 16.05
CA GLU D 247 5.09 -23.60 17.19
C GLU D 247 5.34 -22.10 17.38
N THR D 248 6.33 -21.61 16.65
CA THR D 248 6.70 -20.21 16.67
C THR D 248 5.57 -19.32 16.15
N LEU D 249 4.80 -19.83 15.20
CA LEU D 249 3.67 -19.09 14.63
C LEU D 249 2.61 -18.79 15.68
N SER D 250 2.24 -19.80 16.46
CA SER D 250 1.26 -19.63 17.51
C SER D 250 1.72 -18.56 18.51
N GLN D 251 2.98 -18.67 18.94
CA GLN D 251 3.57 -17.67 19.83
C GLN D 251 3.45 -16.28 19.23
N ALA D 252 3.80 -16.15 17.97
CA ALA D 252 3.66 -14.89 17.25
C ALA D 252 2.21 -14.38 17.30
N VAL D 253 1.27 -15.26 16.95
CA VAL D 253 -0.12 -14.82 16.90
C VAL D 253 -0.56 -14.34 18.27
N LYS D 254 -0.12 -15.01 19.31
CA LYS D 254 -0.57 -14.68 20.66
C LYS D 254 0.02 -13.37 21.18
N MET D 255 1.23 -13.05 20.74
CA MET D 255 1.89 -11.88 21.30
C MET D 255 1.63 -10.62 20.51
N VAL D 256 1.22 -10.75 19.25
CA VAL D 256 1.01 -9.58 18.42
C VAL D 256 -0.38 -8.97 18.65
N LYS D 257 -0.46 -7.65 18.55
CA LYS D 257 -1.72 -6.94 18.68
C LYS D 257 -2.65 -7.23 17.51
N PRO D 258 -3.97 -7.10 17.75
CA PRO D 258 -4.93 -7.11 16.65
C PRO D 258 -4.62 -5.97 15.71
N GLY D 259 -4.68 -6.22 14.40
CA GLY D 259 -4.27 -5.26 13.40
C GLY D 259 -2.77 -5.38 13.11
N GLY D 260 -2.09 -6.22 13.89
CA GLY D 260 -0.65 -6.36 13.74
C GLY D 260 -0.27 -7.21 12.55
N ILE D 261 1.04 -7.31 12.31
CA ILE D 261 1.53 -8.15 11.23
C ILE D 261 2.59 -9.15 11.72
N ILE D 262 2.46 -10.39 11.27
CA ILE D 262 3.46 -11.41 11.55
C ILE D 262 4.21 -11.70 10.26
N SER D 263 5.52 -11.55 10.31
CA SER D 263 6.36 -11.70 9.13
C SER D 263 7.31 -12.88 9.29
N ASN D 264 7.07 -13.94 8.51
CA ASN D 264 7.95 -15.10 8.55
C ASN D 264 9.01 -15.14 7.45
N ILE D 265 10.24 -15.42 7.84
CA ILE D 265 11.28 -15.61 6.85
C ILE D 265 12.00 -16.91 7.17
N ASN D 266 11.50 -17.62 8.17
CA ASN D 266 12.11 -18.89 8.59
C ASN D 266 11.79 -20.01 7.60
N TYR D 267 12.75 -20.88 7.35
CA TYR D 267 12.47 -22.10 6.61
C TYR D 267 11.92 -23.15 7.55
N HIS D 268 10.63 -23.44 7.41
CA HIS D 268 10.03 -24.53 8.16
C HIS D 268 10.16 -25.79 7.33
N GLY D 269 11.08 -26.67 7.72
CA GLY D 269 11.40 -27.85 6.95
C GLY D 269 10.91 -29.18 7.53
N SER D 270 9.99 -29.11 8.50
CA SER D 270 9.47 -30.34 9.11
C SER D 270 8.06 -30.17 9.66
N GLY D 271 7.26 -31.23 9.52
CA GLY D 271 5.87 -31.21 9.96
C GLY D 271 4.93 -31.06 8.77
N ASP D 272 3.72 -31.57 8.91
CA ASP D 272 2.76 -31.47 7.82
C ASP D 272 2.19 -30.05 7.70
N ALA D 273 2.11 -29.35 8.82
CA ALA D 273 1.40 -28.07 8.84
C ALA D 273 1.82 -27.12 9.97
N LEU D 274 1.68 -25.82 9.71
CA LEU D 274 1.81 -24.81 10.76
C LEU D 274 0.44 -24.50 11.35
N LEU D 275 0.39 -24.27 12.67
CA LEU D 275 -0.87 -24.02 13.35
C LEU D 275 -1.09 -22.56 13.75
N ILE D 276 -2.27 -22.05 13.44
CA ILE D 276 -2.72 -20.76 13.94
C ILE D 276 -3.66 -21.05 15.10
N PRO D 277 -3.41 -20.41 16.25
CA PRO D 277 -4.30 -20.57 17.42
C PRO D 277 -5.62 -19.89 17.09
N ARG D 278 -6.71 -20.64 16.99
CA ARG D 278 -7.98 -20.06 16.53
C ARG D 278 -8.45 -18.87 17.36
N VAL D 279 -8.52 -19.05 18.67
CA VAL D 279 -9.04 -18.02 19.56
C VAL D 279 -8.18 -16.74 19.52
N GLU D 280 -6.87 -16.89 19.55
CA GLU D 280 -6.03 -15.70 19.61
C GLU D 280 -5.88 -15.04 18.25
N TRP D 281 -6.29 -15.73 17.20
CA TRP D 281 -6.41 -15.14 15.88
C TRP D 281 -7.82 -14.56 15.68
N GLY D 282 -8.50 -14.29 16.78
CA GLY D 282 -9.85 -13.74 16.73
C GLY D 282 -10.81 -14.57 15.88
N CYS D 283 -10.60 -15.88 15.87
CA CYS D 283 -11.44 -16.79 15.08
C CYS D 283 -11.45 -16.41 13.60
N GLY D 284 -10.40 -15.75 13.14
CA GLY D 284 -10.28 -15.35 11.74
C GLY D 284 -10.52 -13.86 11.48
N MET D 285 -10.82 -13.11 12.54
CA MET D 285 -11.28 -11.74 12.36
C MET D 285 -10.45 -10.71 13.12
N ALA D 286 -9.22 -11.09 13.47
CA ALA D 286 -8.40 -10.26 14.34
C ALA D 286 -7.49 -9.28 13.60
N HIS D 287 -7.60 -9.23 12.27
CA HIS D 287 -6.66 -8.46 11.47
C HIS D 287 -5.19 -8.71 11.85
N LYS D 288 -4.84 -9.95 12.20
CA LYS D 288 -3.44 -10.32 12.40
C LYS D 288 -2.90 -10.98 11.15
N THR D 289 -2.38 -10.15 10.25
CA THR D 289 -1.94 -10.60 8.93
C THR D 289 -0.71 -11.47 9.05
N ILE D 290 -0.70 -12.58 8.31
CA ILE D 290 0.45 -13.48 8.29
C ILE D 290 1.11 -13.52 6.92
N LYS D 291 2.40 -13.19 6.88
CA LYS D 291 3.15 -13.13 5.64
C LYS D 291 4.37 -14.03 5.75
N GLY D 292 4.87 -14.50 4.62
CA GLY D 292 6.04 -15.38 4.57
C GLY D 292 6.64 -15.40 3.18
N GLY D 293 7.87 -14.93 3.04
CA GLY D 293 8.46 -14.79 1.72
C GLY D 293 9.94 -15.15 1.55
N LEU D 294 10.27 -15.72 0.39
CA LEU D 294 11.66 -15.95 -0.02
C LEU D 294 12.34 -14.60 -0.27
N CYS D 295 13.62 -14.50 0.09
CA CYS D 295 14.31 -13.24 -0.03
C CYS D 295 14.38 -12.77 -1.47
N PRO D 296 14.24 -11.45 -1.69
CA PRO D 296 14.47 -10.92 -3.04
C PRO D 296 15.90 -11.19 -3.51
N GLY D 297 16.09 -11.33 -4.81
CA GLY D 297 17.43 -11.38 -5.36
C GLY D 297 17.57 -10.42 -6.54
N GLY D 298 18.41 -10.79 -7.50
CA GLY D 298 18.66 -9.93 -8.64
C GLY D 298 19.62 -8.78 -8.36
N ARG D 299 20.01 -8.11 -9.43
CA ARG D 299 20.94 -6.98 -9.35
C ARG D 299 20.46 -5.84 -8.44
N LEU D 300 19.21 -5.41 -8.62
CA LEU D 300 18.73 -4.25 -7.88
C LEU D 300 18.80 -4.50 -6.36
N ARG D 301 18.31 -5.64 -5.93
CA ARG D 301 18.37 -5.96 -4.51
C ARG D 301 19.81 -5.87 -4.00
N MET D 302 20.73 -6.48 -4.74
CA MET D 302 22.14 -6.49 -4.35
C MET D 302 22.68 -5.06 -4.29
N GLU D 303 22.45 -4.31 -5.34
CA GLU D 303 22.89 -2.92 -5.37
C GLU D 303 22.36 -2.11 -4.20
N ARG D 304 21.10 -2.33 -3.85
CA ARG D 304 20.53 -1.58 -2.74
C ARG D 304 21.15 -1.96 -1.41
N LEU D 305 21.39 -3.26 -1.21
CA LEU D 305 21.93 -3.71 0.07
C LEU D 305 23.38 -3.26 0.16
N ILE D 306 24.04 -3.23 -0.99
CA ILE D 306 25.42 -2.79 -1.05
C ILE D 306 25.52 -1.32 -0.59
N ASP D 307 24.57 -0.48 -1.00
CA ASP D 307 24.58 0.92 -0.59
C ASP D 307 24.44 1.02 0.92
N LEU D 308 23.58 0.19 1.49
CA LEU D 308 23.40 0.15 2.93
C LEU D 308 24.71 -0.18 3.67
N VAL D 309 25.48 -1.12 3.13
CA VAL D 309 26.78 -1.46 3.72
C VAL D 309 27.79 -0.37 3.45
N PHE D 310 27.82 0.09 2.21
CA PHE D 310 28.78 1.09 1.79
C PHE D 310 28.66 2.39 2.58
N TYR D 311 27.43 2.84 2.85
CA TYR D 311 27.24 4.08 3.60
C TYR D 311 27.01 3.77 5.08
N LYS D 312 27.42 2.57 5.46
CA LYS D 312 27.47 2.18 6.86
C LYS D 312 26.14 2.30 7.56
N ARG D 313 25.06 1.96 6.87
CA ARG D 313 23.75 1.92 7.51
C ARG D 313 23.68 0.66 8.36
N VAL D 314 24.46 -0.34 7.96
CA VAL D 314 24.53 -1.61 8.68
C VAL D 314 25.96 -2.18 8.51
N ASP D 315 26.44 -2.88 9.55
CA ASP D 315 27.75 -3.53 9.53
C ASP D 315 27.60 -5.05 9.64
N PRO D 316 27.56 -5.74 8.50
CA PRO D 316 27.31 -7.20 8.43
C PRO D 316 28.46 -8.06 8.97
N SER D 317 29.63 -7.47 9.19
CA SER D 317 30.81 -8.26 9.55
C SER D 317 30.63 -8.96 10.91
N LYS D 318 29.80 -8.40 11.78
CA LYS D 318 29.60 -9.00 13.10
C LYS D 318 28.83 -10.31 13.04
N LEU D 319 28.36 -10.68 11.85
CA LEU D 319 27.75 -12.00 11.66
C LEU D 319 28.81 -13.09 11.56
N VAL D 320 30.01 -12.70 11.16
CA VAL D 320 31.05 -13.65 10.83
C VAL D 320 31.89 -13.98 12.05
N THR D 321 31.78 -15.22 12.53
CA THR D 321 32.51 -15.64 13.72
C THR D 321 33.65 -16.59 13.37
N HIS D 322 33.63 -17.14 12.16
CA HIS D 322 34.67 -18.06 11.73
C HIS D 322 35.12 -17.72 10.32
N VAL D 323 36.43 -17.59 10.14
CA VAL D 323 36.98 -17.31 8.83
C VAL D 323 37.98 -18.40 8.41
N PHE D 324 37.74 -19.02 7.26
CA PHE D 324 38.66 -20.01 6.73
C PHE D 324 39.26 -19.53 5.43
N ARG D 325 40.37 -20.14 5.06
CA ARG D 325 41.04 -19.87 3.80
C ARG D 325 41.25 -21.14 2.98
N GLY D 326 41.10 -21.03 1.67
CA GLY D 326 41.39 -22.13 0.79
C GLY D 326 40.18 -22.97 0.46
N PHE D 327 40.09 -23.31 -0.83
CA PHE D 327 39.00 -24.10 -1.37
C PHE D 327 38.64 -25.34 -0.57
N ASP D 328 39.61 -25.89 0.16
CA ASP D 328 39.40 -27.13 0.89
C ASP D 328 38.52 -26.97 2.12
N ASN D 329 38.61 -25.82 2.77
CA ASN D 329 37.86 -25.62 4.00
C ASN D 329 36.36 -25.47 3.79
N ILE D 330 35.92 -25.48 2.54
CA ILE D 330 34.49 -25.37 2.27
C ILE D 330 33.77 -26.48 3.00
N GLU D 331 34.40 -27.65 3.01
CA GLU D 331 33.81 -28.83 3.64
C GLU D 331 33.66 -28.61 5.15
N LYS D 332 34.78 -28.27 5.78
CA LYS D 332 34.81 -27.92 7.19
C LYS D 332 33.72 -26.90 7.54
N ALA D 333 33.60 -25.85 6.72
CA ALA D 333 32.66 -24.78 6.99
C ALA D 333 31.23 -25.30 6.93
N PHE D 334 30.97 -26.20 5.99
CA PHE D 334 29.63 -26.73 5.82
C PHE D 334 29.26 -27.56 7.04
N MET D 335 30.12 -28.52 7.40
CA MET D 335 29.83 -29.38 8.54
C MET D 335 29.71 -28.56 9.82
N LEU D 336 30.42 -27.44 9.87
CA LEU D 336 30.31 -26.54 11.00
C LEU D 336 28.85 -26.11 11.19
N MET D 337 28.13 -25.94 10.09
CA MET D 337 26.73 -25.54 10.16
C MET D 337 25.83 -26.70 10.55
N LYS D 338 26.37 -27.91 10.57
CA LYS D 338 25.56 -29.07 10.92
C LYS D 338 25.62 -29.29 12.42
N ASP D 339 26.83 -29.31 12.98
CA ASP D 339 26.99 -29.54 14.41
C ASP D 339 26.70 -28.30 15.26
N LYS D 340 26.81 -27.13 14.63
CA LYS D 340 26.42 -25.85 15.26
C LYS D 340 27.07 -25.56 16.60
N PRO D 341 28.37 -25.25 16.60
CA PRO D 341 29.10 -24.84 17.81
C PRO D 341 28.43 -23.68 18.53
N LYS D 342 28.68 -23.55 19.83
CA LYS D 342 28.07 -22.51 20.63
C LYS D 342 28.55 -21.11 20.22
N ASP D 343 29.78 -21.04 19.71
CA ASP D 343 30.41 -19.76 19.40
C ASP D 343 30.20 -19.33 17.96
N LEU D 344 29.42 -20.10 17.21
CA LEU D 344 29.23 -19.85 15.80
C LEU D 344 27.97 -19.04 15.46
N ILE D 345 28.15 -17.99 14.67
CA ILE D 345 27.03 -17.38 13.98
C ILE D 345 27.12 -17.84 12.52
N LYS D 346 28.11 -17.31 11.81
CA LYS D 346 28.25 -17.61 10.39
C LYS D 346 29.73 -17.80 10.04
N PRO D 347 30.04 -18.93 9.36
CA PRO D 347 31.37 -19.24 8.83
C PRO D 347 31.57 -18.70 7.42
N VAL D 348 32.78 -18.25 7.10
CA VAL D 348 33.11 -17.75 5.77
C VAL D 348 34.41 -18.39 5.27
N VAL D 349 34.44 -18.76 4.01
CA VAL D 349 35.66 -19.33 3.42
C VAL D 349 36.21 -18.39 2.35
N ILE D 350 37.39 -17.86 2.63
CA ILE D 350 38.08 -16.95 1.73
C ILE D 350 38.98 -17.75 0.80
N LEU D 351 38.87 -17.48 -0.50
CA LEU D 351 39.56 -18.30 -1.48
C LEU D 351 40.79 -17.62 -2.04
N ALA D 352 40.67 -16.34 -2.34
CA ALA D 352 41.79 -15.56 -2.83
C ALA D 352 41.63 -14.11 -2.43
ZN ZN E . -2.39 6.17 -27.41
C ACT F . -0.38 6.90 -24.89
O ACT F . -0.21 6.74 -23.67
OXT ACT F . -1.48 6.53 -25.33
CH3 ACT F . 0.66 7.51 -25.76
C1 EDO G . -15.22 14.96 -23.86
O1 EDO G . -14.93 15.52 -22.56
C2 EDO G . -16.73 15.04 -24.16
O2 EDO G . -17.11 16.41 -24.28
C1 EDO H . -1.93 6.65 -2.68
O1 EDO H . -2.12 5.28 -3.07
C2 EDO H . -0.56 6.91 -2.04
O2 EDO H . 0.49 6.77 -3.00
C1 EDO I . -0.09 -5.54 -15.00
O1 EDO I . -0.24 -4.18 -14.58
C2 EDO I . -1.37 -6.31 -14.65
O2 EDO I . -2.50 -5.67 -15.27
C1 EDO J . -2.22 -1.93 -49.63
O1 EDO J . -2.50 -3.15 -48.92
C2 EDO J . -3.38 -1.61 -50.55
O2 EDO J . -4.58 -1.42 -49.80
C1 EDO K . -4.77 -14.30 -14.15
O1 EDO K . -3.79 -13.30 -13.85
C2 EDO K . -5.92 -13.72 -15.01
O2 EDO K . -5.37 -13.21 -16.23
CL CL L . 15.47 -10.39 -24.88
ZN ZN M . -23.14 -11.03 12.01
C ACT N . -19.95 -10.78 12.72
O ACT N . -18.75 -10.52 12.55
OXT ACT N . -20.69 -10.60 11.74
CH3 ACT N . -20.49 -11.28 14.02
C1 EDO O . -32.52 2.17 -4.49
O1 EDO O . -32.43 0.76 -4.30
C2 EDO O . -31.89 2.49 -5.84
O2 EDO O . -31.58 3.88 -5.89
CL CL P . -31.57 -14.44 -8.33
C1 EDO Q . -19.33 12.57 12.25
C1 EDO Q . -19.90 11.44 8.45
O1 EDO Q . -19.50 13.95 12.58
O1 EDO Q . -19.04 10.45 7.88
C2 EDO Q . -19.35 12.43 10.73
C2 EDO Q . -19.30 11.89 9.77
O2 EDO Q . -20.27 13.38 10.18
O2 EDO Q . -18.72 10.76 10.44
CL CL R . -27.00 9.10 -1.19
CL CL S . -28.27 13.07 27.90
C1 EDO T . -3.33 6.33 22.28
O1 EDO T . -2.52 5.88 23.37
C2 EDO T . -4.53 7.11 22.80
O2 EDO T . -5.11 6.40 23.91
C1 EDO U . -20.19 14.52 29.60
O1 EDO U . -20.60 15.30 30.74
C2 EDO U . -19.91 15.42 28.42
O2 EDO U . -21.12 16.04 27.97
ZN ZN V . 5.14 24.45 13.22
C ACT W . 2.15 35.05 -7.90
O ACT W . 1.00 34.57 -7.79
OXT ACT W . 2.83 35.05 -6.86
CH3 ACT W . 2.67 35.59 -9.20
C ACT X . 3.16 23.13 10.83
O ACT X . 3.22 24.18 11.47
OXT ACT X . 3.95 22.24 11.17
CH3 ACT X . 2.18 22.95 9.72
CL CL Y . 13.31 30.07 34.62
C1 EDO Z . 2.28 7.92 9.77
C1 EDO Z . 2.65 5.90 5.44
O1 EDO Z . 0.98 8.26 10.24
O1 EDO Z . 3.52 6.00 6.57
C2 EDO Z . 2.17 7.37 8.35
C2 EDO Z . 2.43 7.29 4.88
O2 EDO Z . 1.42 8.29 7.54
O2 EDO Z . 1.84 8.11 5.90
C1 EDO AA . -0.79 10.22 7.21
O1 EDO AA . -0.89 10.64 8.58
C2 EDO AA . -2.14 10.44 6.58
O2 EDO AA . -3.11 10.30 7.64
ZN ZN BA . 20.36 -19.70 2.27
CL CL CA . 17.01 -14.12 -21.60
#